data_4RRY
#
_entry.id   4RRY
#
_cell.length_a   181.195
_cell.length_b   134.465
_cell.length_c   121.887
_cell.angle_alpha   90.00
_cell.angle_beta   90.00
_cell.angle_gamma   90.00
#
_symmetry.space_group_name_H-M   'P 21 21 2'
#
loop_
_entity.id
_entity.type
_entity.pdbx_description
1 polymer 'Prostaglandin G/H synthase 2'
2 branched 2-acetamido-2-deoxy-beta-D-glucopyranose-(1-4)-2-acetamido-2-deoxy-beta-D-glucopyranose
3 non-polymer 2-acetamido-2-deoxy-beta-D-glucopyranose
4 non-polymer 'octyl beta-D-glucopyranoside'
5 water water
#
_entity_poly.entity_id   1
_entity_poly.type   'polypeptide(L)'
_entity_poly.pdbx_seq_one_letter_code
;ANPCCSNPCQNRGECMSTGFDQYKCDCTRTGFYGENCTTPEFLTRIKLLLKPTPNTVWYILTHFKGVWNIVNNIPFLRSL
IMKYVLTSRSYLIDSPPTYNVHYGYKSWEAFSNLSYYTRALPPVADDCPTPMGVKGNKELPDSKEVLEKVLLRREFIPDP
QGSNMMFAFFAQHFTHQFFKTDHKRGPGFTRGLGHGVDLNHIYGETLDRQHKLRLFKDGKLKYQVIGGEVYPPTVKDTQV
EMIYPPHIPENLQFAVGQEVFGLVPGLMMYATIWLREHNRVCDILKQEHPEWGDEQLFQTSRLILIGETIKIVIEDYVQH
LSGYHFKLKFDPELLFNQQFQYQNRIASEFNTLYHWHPLLPDTFNIEDQEYSFKQFLYNNSILLEHGLTQFVESFTRQIA
GRVAGGRNVPIAVQAVAKASIDQSREMKYQSLNEYRKRFSLKPYTSFEELTGEKEMAAELKALYSDIDVMELYPALLVEK
PRPDAIFGETMVELGAPFSLKGLMGNPICSPQYWKPSTFGGEVGFKIINTASIQSLICNNVKGCPFTSFNVQDPQPTKTA
TINASASHSRLDDINPTVLIKRRSTEL
;
_entity_poly.pdbx_strand_id   A,B,C,D
#
# COMPACT_ATOMS: atom_id res chain seq x y z
N ALA A 1 28.12 13.12 7.43
CA ALA A 1 27.69 11.79 7.85
C ALA A 1 26.23 11.55 7.49
N ASN A 2 25.33 12.21 8.21
CA ASN A 2 23.90 12.09 7.96
C ASN A 2 23.53 12.58 6.56
N PRO A 3 22.88 11.73 5.77
CA PRO A 3 22.52 12.08 4.38
C PRO A 3 21.48 13.19 4.28
N CYS A 4 20.90 13.58 5.41
CA CYS A 4 19.92 14.67 5.44
C CYS A 4 20.56 16.00 5.85
N CYS A 5 21.89 16.00 6.00
CA CYS A 5 22.60 17.18 6.49
C CYS A 5 22.52 18.38 5.57
N SER A 6 22.36 18.16 4.26
CA SER A 6 22.33 19.28 3.32
C SER A 6 20.92 19.82 3.10
N ASN A 7 19.98 19.33 3.90
CA ASN A 7 18.58 19.75 3.81
C ASN A 7 18.00 19.66 2.40
N PRO A 8 18.12 18.48 1.76
CA PRO A 8 17.80 18.34 0.33
C PRO A 8 16.31 18.47 0.00
N CYS A 9 15.44 18.30 0.98
CA CYS A 9 14.02 18.35 0.72
C CYS A 9 13.51 19.79 0.73
N GLN A 10 12.83 20.18 -0.35
CA GLN A 10 12.29 21.52 -0.45
C GLN A 10 10.80 21.53 -0.17
N ASN A 11 10.24 22.73 -0.03
CA ASN A 11 8.81 22.95 0.18
C ASN A 11 8.19 22.14 1.32
N ARG A 12 8.84 22.18 2.48
CA ARG A 12 8.34 21.57 3.72
C ARG A 12 8.20 20.05 3.64
N GLY A 13 8.85 19.44 2.65
CA GLY A 13 8.98 18.00 2.59
C GLY A 13 9.91 17.53 3.69
N GLU A 14 9.81 16.26 4.06
CA GLU A 14 10.59 15.74 5.19
C GLU A 14 11.66 14.75 4.73
N CYS A 15 12.90 14.98 5.18
CA CYS A 15 14.01 14.10 4.85
C CYS A 15 14.13 12.98 5.85
N MET A 16 14.44 11.79 5.35
CA MET A 16 14.61 10.60 6.18
C MET A 16 15.75 9.77 5.60
N SER A 17 16.71 9.38 6.44
CA SER A 17 17.80 8.53 5.99
C SER A 17 17.29 7.13 5.67
N THR A 18 17.70 6.59 4.53
CA THR A 18 17.35 5.22 4.15
C THR A 18 18.58 4.34 4.08
N GLY A 19 19.69 4.85 4.60
CA GLY A 19 20.93 4.13 4.63
C GLY A 19 21.99 5.07 5.19
N PHE A 20 23.23 4.63 5.20
CA PHE A 20 24.31 5.49 5.70
C PHE A 20 24.60 6.63 4.75
N ASP A 21 24.18 6.49 3.49
CA ASP A 21 24.46 7.51 2.48
C ASP A 21 23.31 7.72 1.49
N GLN A 22 22.11 7.34 1.88
CA GLN A 22 20.94 7.55 1.03
C GLN A 22 19.82 8.21 1.82
N TYR A 23 19.04 9.06 1.16
CA TYR A 23 17.92 9.74 1.81
C TYR A 23 16.65 9.63 0.99
N LYS A 24 15.52 9.91 1.64
CA LYS A 24 14.22 9.91 0.98
C LYS A 24 13.42 11.12 1.46
N CYS A 25 12.77 11.81 0.54
CA CYS A 25 11.92 12.95 0.90
C CYS A 25 10.45 12.55 0.91
N ASP A 26 9.78 12.84 2.02
CA ASP A 26 8.34 12.63 2.10
C ASP A 26 7.64 13.89 1.60
N CYS A 27 7.05 13.81 0.41
CA CYS A 27 6.49 14.98 -0.24
C CYS A 27 4.99 15.11 0.01
N THR A 28 4.49 14.34 0.98
CA THR A 28 3.07 14.27 1.28
C THR A 28 2.43 15.63 1.53
N ARG A 29 1.40 15.95 0.74
CA ARG A 29 0.61 17.16 0.92
C ARG A 29 1.41 18.45 0.84
N THR A 30 2.51 18.42 0.09
CA THR A 30 3.32 19.62 -0.11
C THR A 30 2.90 20.35 -1.39
N GLY A 31 2.25 19.62 -2.30
CA GLY A 31 1.90 20.16 -3.60
C GLY A 31 3.00 19.92 -4.61
N PHE A 32 4.10 19.33 -4.14
CA PHE A 32 5.26 19.02 -4.97
C PHE A 32 5.57 17.53 -4.92
N TYR A 33 6.18 17.02 -5.98
CA TYR A 33 6.67 15.64 -5.96
C TYR A 33 8.11 15.59 -6.49
N GLY A 34 8.61 14.38 -6.72
CA GLY A 34 9.99 14.22 -7.17
C GLY A 34 10.96 14.03 -6.01
N GLU A 35 12.17 13.59 -6.32
CA GLU A 35 13.19 13.26 -5.33
C GLU A 35 13.33 14.28 -4.21
N ASN A 36 13.30 15.56 -4.56
CA ASN A 36 13.49 16.63 -3.59
C ASN A 36 12.24 17.46 -3.33
N CYS A 37 11.09 16.98 -3.82
CA CYS A 37 9.82 17.71 -3.73
C CYS A 37 9.93 19.09 -4.38
N THR A 38 10.39 19.14 -5.62
CA THR A 38 10.59 20.43 -6.29
C THR A 38 9.75 20.61 -7.55
N THR A 39 9.26 19.53 -8.14
CA THR A 39 8.36 19.66 -9.28
C THR A 39 6.92 19.73 -8.80
N PRO A 40 6.24 20.86 -9.08
CA PRO A 40 4.90 21.16 -8.55
C PRO A 40 3.75 20.52 -9.31
N GLU A 41 2.58 20.49 -8.68
CA GLU A 41 1.35 20.07 -9.33
C GLU A 41 0.67 21.28 -9.97
N PHE A 42 -0.45 21.06 -10.65
CA PHE A 42 -1.09 22.11 -11.42
C PHE A 42 -1.59 23.26 -10.54
N LEU A 43 -2.34 22.94 -9.49
CA LEU A 43 -2.89 23.95 -8.60
C LEU A 43 -1.77 24.74 -7.92
N THR A 44 -0.63 24.08 -7.74
CA THR A 44 0.51 24.71 -7.09
C THR A 44 0.99 25.92 -7.88
N ARG A 45 1.28 25.74 -9.17
CA ARG A 45 1.80 26.83 -9.98
C ARG A 45 0.78 27.94 -10.20
N ILE A 46 -0.50 27.59 -10.18
CA ILE A 46 -1.56 28.58 -10.21
C ILE A 46 -1.46 29.52 -9.01
N LYS A 47 -1.44 28.92 -7.82
CA LYS A 47 -1.32 29.69 -6.58
C LYS A 47 -0.01 30.47 -6.54
N LEU A 48 1.07 29.85 -7.00
CA LEU A 48 2.38 30.49 -7.00
C LEU A 48 2.40 31.76 -7.86
N LEU A 49 1.75 31.70 -9.01
CA LEU A 49 1.68 32.86 -9.90
C LEU A 49 0.63 33.86 -9.45
N LEU A 50 -0.29 33.41 -8.61
CA LEU A 50 -1.36 34.28 -8.12
C LEU A 50 -1.01 34.91 -6.78
N LYS A 51 -0.28 34.18 -5.94
CA LYS A 51 0.18 34.73 -4.66
C LYS A 51 1.26 35.77 -4.90
N PRO A 52 1.00 37.02 -4.48
CA PRO A 52 1.97 38.10 -4.61
C PRO A 52 3.07 38.01 -3.55
N THR A 53 4.20 38.66 -3.80
CA THR A 53 5.28 38.72 -2.82
C THR A 53 4.81 39.42 -1.55
N PRO A 54 5.37 39.02 -0.39
CA PRO A 54 5.05 39.68 0.89
C PRO A 54 5.22 41.19 0.82
N ASN A 55 6.21 41.65 0.05
CA ASN A 55 6.44 43.08 -0.10
C ASN A 55 5.32 43.75 -0.88
N THR A 56 4.68 42.99 -1.78
CA THR A 56 3.56 43.50 -2.56
C THR A 56 2.35 43.71 -1.66
N VAL A 57 2.07 42.70 -0.84
CA VAL A 57 0.96 42.78 0.12
C VAL A 57 1.22 43.87 1.16
N TRP A 58 2.44 43.92 1.65
CA TRP A 58 2.85 44.95 2.60
C TRP A 58 2.67 46.34 2.02
N TYR A 59 2.92 46.48 0.72
CA TYR A 59 2.76 47.76 0.06
C TYR A 59 1.30 48.18 0.02
N ILE A 60 0.43 47.24 -0.32
CA ILE A 60 -1.00 47.50 -0.43
C ILE A 60 -1.61 47.85 0.92
N LEU A 61 -1.14 47.17 1.96
CA LEU A 61 -1.65 47.41 3.31
C LEU A 61 -1.18 48.74 3.88
N THR A 62 0.03 49.16 3.49
CA THR A 62 0.63 50.37 4.04
C THR A 62 0.47 51.56 3.10
N HIS A 63 -0.45 51.46 2.15
CA HIS A 63 -0.79 52.58 1.29
C HIS A 63 -2.31 52.69 1.13
N PHE A 64 -2.75 53.81 0.55
CA PHE A 64 -4.17 54.13 0.32
C PHE A 64 -4.94 54.36 1.62
N LYS A 65 -4.47 55.30 2.44
CA LYS A 65 -5.10 55.63 3.71
C LYS A 65 -6.57 56.02 3.52
N GLY A 66 -6.91 56.52 2.33
CA GLY A 66 -8.27 56.91 2.01
C GLY A 66 -9.16 55.73 1.68
N VAL A 67 -8.60 54.73 1.00
CA VAL A 67 -9.36 53.54 0.65
C VAL A 67 -9.61 52.67 1.90
N TRP A 68 -8.57 52.47 2.70
CA TRP A 68 -8.74 51.71 3.92
C TRP A 68 -9.67 52.42 4.88
N ASN A 69 -9.69 53.75 4.83
CA ASN A 69 -10.56 54.53 5.68
C ASN A 69 -12.02 54.15 5.45
N ILE A 70 -12.33 53.72 4.22
CA ILE A 70 -13.67 53.27 3.87
C ILE A 70 -13.89 51.81 4.25
N VAL A 71 -12.93 50.98 3.87
CA VAL A 71 -12.95 49.56 4.20
C VAL A 71 -13.10 49.34 5.70
N ASN A 72 -12.30 50.06 6.48
CA ASN A 72 -12.35 49.94 7.95
C ASN A 72 -13.72 50.30 8.50
N ASN A 73 -14.38 51.26 7.87
CA ASN A 73 -15.69 51.71 8.33
C ASN A 73 -16.83 50.84 7.82
N ILE A 74 -16.49 49.75 7.13
CA ILE A 74 -17.47 48.78 6.68
C ILE A 74 -17.22 47.45 7.39
N PRO A 75 -18.03 47.16 8.43
CA PRO A 75 -17.89 45.99 9.32
C PRO A 75 -17.67 44.67 8.58
N PHE A 76 -18.53 44.35 7.62
CA PHE A 76 -18.45 43.06 6.94
C PHE A 76 -17.18 42.94 6.10
N LEU A 77 -16.74 44.05 5.52
CA LEU A 77 -15.52 44.05 4.71
C LEU A 77 -14.28 43.87 5.58
N ARG A 78 -14.18 44.66 6.65
CA ARG A 78 -13.10 44.56 7.60
C ARG A 78 -12.99 43.14 8.16
N SER A 79 -14.14 42.56 8.52
CA SER A 79 -14.19 41.20 9.04
C SER A 79 -13.65 40.22 8.01
N LEU A 80 -14.09 40.37 6.76
CA LEU A 80 -13.65 39.53 5.66
C LEU A 80 -12.14 39.63 5.45
N ILE A 81 -11.60 40.84 5.47
CA ILE A 81 -10.16 41.01 5.33
C ILE A 81 -9.41 40.38 6.50
N MET A 82 -9.83 40.73 7.72
CA MET A 82 -9.17 40.23 8.92
C MET A 82 -9.17 38.70 8.99
N LYS A 83 -10.27 38.11 8.54
CA LYS A 83 -10.38 36.66 8.45
C LYS A 83 -9.25 36.10 7.58
N TYR A 84 -8.99 36.76 6.44
CA TYR A 84 -7.96 36.30 5.52
C TYR A 84 -6.55 36.38 6.11
N VAL A 85 -6.24 37.48 6.79
CA VAL A 85 -4.92 37.63 7.39
C VAL A 85 -4.77 36.63 8.53
N LEU A 86 -5.87 36.29 9.17
CA LEU A 86 -5.85 35.36 10.29
C LEU A 86 -5.59 33.92 9.84
N THR A 87 -6.37 33.46 8.88
CA THR A 87 -6.30 32.06 8.42
C THR A 87 -4.97 31.74 7.75
N SER A 88 -4.50 32.65 6.90
CA SER A 88 -3.28 32.45 6.14
C SER A 88 -2.01 32.48 7.01
N ARG A 89 -1.93 33.43 7.93
CA ARG A 89 -0.78 33.48 8.85
C ARG A 89 -0.73 32.21 9.69
N SER A 90 -1.90 31.73 10.11
CA SER A 90 -1.98 30.58 11.01
C SER A 90 -1.53 29.27 10.36
N TYR A 91 -1.86 29.08 9.08
CA TYR A 91 -1.54 27.84 8.36
C TYR A 91 -0.04 27.62 8.21
N LEU A 92 0.75 28.64 8.50
CA LEU A 92 2.21 28.54 8.41
C LEU A 92 2.81 27.78 9.59
N ILE A 93 2.03 27.60 10.64
CA ILE A 93 2.52 26.99 11.87
C ILE A 93 2.10 25.53 12.01
N ASP A 94 3.01 24.69 12.49
CA ASP A 94 2.73 23.29 12.78
C ASP A 94 1.95 23.13 14.10
N SER A 95 0.75 22.58 14.03
CA SER A 95 -0.10 22.42 15.20
C SER A 95 -0.98 21.17 15.10
N PRO A 96 -0.78 20.18 15.98
CA PRO A 96 0.20 20.04 17.07
C PRO A 96 1.66 20.14 16.62
N PRO A 97 2.56 20.49 17.55
CA PRO A 97 3.96 20.79 17.24
C PRO A 97 4.80 19.54 17.00
N THR A 98 5.97 19.72 16.40
CA THR A 98 6.78 18.60 15.99
C THR A 98 8.15 18.58 16.66
N TYR A 99 9.13 19.25 16.06
CA TYR A 99 10.52 19.13 16.47
C TYR A 99 10.87 19.99 17.68
N ASN A 100 11.99 19.66 18.33
CA ASN A 100 12.61 20.54 19.32
C ASN A 100 14.12 20.39 19.25
N VAL A 101 14.85 21.04 20.15
CA VAL A 101 16.31 21.09 20.08
C VAL A 101 16.96 19.70 20.06
N HIS A 102 16.26 18.69 20.60
CA HIS A 102 16.85 17.35 20.70
C HIS A 102 16.30 16.36 19.71
N TYR A 103 15.32 16.79 18.91
CA TYR A 103 14.65 15.86 18.01
C TYR A 103 14.43 16.43 16.62
N GLY A 104 15.21 15.93 15.66
CA GLY A 104 15.09 16.33 14.27
C GLY A 104 14.09 15.46 13.53
N TYR A 105 13.48 14.54 14.26
CA TYR A 105 12.42 13.69 13.73
C TYR A 105 11.23 13.73 14.68
N LYS A 106 10.03 13.47 14.17
CA LYS A 106 8.85 13.39 15.02
C LYS A 106 9.01 12.27 16.06
N SER A 107 8.72 12.59 17.31
CA SER A 107 8.73 11.59 18.39
C SER A 107 7.72 11.99 19.47
N TRP A 108 7.28 11.01 20.26
CA TRP A 108 6.30 11.30 21.31
C TRP A 108 6.95 12.12 22.43
N GLU A 109 8.25 11.94 22.63
CA GLU A 109 8.97 12.75 23.59
C GLU A 109 8.91 14.21 23.21
N ALA A 110 9.16 14.50 21.94
CA ALA A 110 9.15 15.88 21.46
C ALA A 110 7.76 16.49 21.61
N PHE A 111 6.73 15.73 21.26
CA PHE A 111 5.36 16.23 21.39
C PHE A 111 4.89 16.46 22.83
N SER A 112 5.17 15.49 23.71
CA SER A 112 4.50 15.46 25.02
C SER A 112 5.22 16.26 26.11
N ASN A 113 6.53 16.45 25.97
CA ASN A 113 7.35 17.12 26.98
C ASN A 113 7.22 18.64 26.81
N LEU A 114 6.51 19.27 27.74
CA LEU A 114 6.16 20.69 27.61
C LEU A 114 7.29 21.63 27.99
N SER A 115 8.34 21.07 28.60
CA SER A 115 9.48 21.85 29.05
C SER A 115 10.35 22.36 27.90
N TYR A 116 10.20 21.76 26.71
CA TYR A 116 10.92 22.20 25.52
C TYR A 116 10.23 23.38 24.83
N TYR A 117 11.04 24.26 24.25
CA TYR A 117 10.53 25.08 23.17
C TYR A 117 10.37 24.16 21.97
N THR A 118 9.33 24.36 21.16
CA THR A 118 9.24 23.60 19.91
C THR A 118 10.14 24.30 18.89
N ARG A 119 10.10 23.87 17.64
CA ARG A 119 10.98 24.45 16.64
C ARG A 119 10.40 24.37 15.23
N ALA A 120 10.25 25.54 14.60
CA ALA A 120 9.73 25.63 13.23
C ALA A 120 10.59 24.85 12.24
N LEU A 121 11.87 24.69 12.54
CA LEU A 121 12.76 23.85 11.72
C LEU A 121 13.60 22.99 12.64
N PRO A 122 13.80 21.71 12.26
CA PRO A 122 14.61 20.82 13.10
C PRO A 122 16.05 21.32 13.23
N PRO A 123 16.72 20.94 14.32
CA PRO A 123 18.15 21.25 14.47
C PRO A 123 19.00 20.57 13.41
N VAL A 124 20.17 21.11 13.13
CA VAL A 124 21.17 20.45 12.30
C VAL A 124 21.75 19.30 13.09
N ALA A 125 21.76 18.10 12.51
CA ALA A 125 22.25 16.91 13.23
C ALA A 125 23.65 17.13 13.77
N ASP A 126 23.97 16.45 14.88
CA ASP A 126 25.22 16.69 15.58
C ASP A 126 26.43 16.20 14.77
N ASP A 127 26.20 15.22 13.91
CA ASP A 127 27.26 14.60 13.13
C ASP A 127 27.45 15.25 11.76
N CYS A 128 26.86 16.42 11.56
CA CYS A 128 27.03 17.13 10.29
C CYS A 128 28.39 17.82 10.23
N PRO A 129 29.01 17.83 9.05
CA PRO A 129 30.37 18.34 8.83
C PRO A 129 30.53 19.84 9.09
N THR A 130 29.46 20.62 8.89
CA THR A 130 29.50 22.05 9.18
C THR A 130 28.30 22.45 10.05
N PRO A 131 28.42 23.57 10.78
CA PRO A 131 27.34 24.02 11.66
C PRO A 131 25.99 24.18 10.97
N MET A 132 25.99 24.59 9.70
CA MET A 132 24.75 24.78 8.97
C MET A 132 24.35 23.53 8.18
N GLY A 133 25.21 22.51 8.25
CA GLY A 133 24.94 21.25 7.60
C GLY A 133 26.10 20.83 6.73
N VAL A 134 26.14 21.36 5.52
CA VAL A 134 27.18 20.99 4.56
C VAL A 134 27.99 22.20 4.10
N LYS A 135 27.34 23.33 3.94
CA LYS A 135 27.98 24.53 3.41
C LYS A 135 28.79 25.30 4.46
N GLY A 136 29.65 26.19 4.00
CA GLY A 136 30.44 27.01 4.89
C GLY A 136 31.66 26.29 5.43
N ASN A 137 32.33 26.94 6.38
CA ASN A 137 33.51 26.36 7.02
C ASN A 137 33.11 25.50 8.21
N LYS A 138 34.10 24.85 8.82
CA LYS A 138 33.86 23.98 9.96
C LYS A 138 33.37 24.80 11.16
N GLU A 139 33.68 26.09 11.12
CA GLU A 139 33.35 26.99 12.21
C GLU A 139 32.63 28.24 11.70
N LEU A 140 31.54 28.59 12.38
CA LEU A 140 30.88 29.87 12.13
C LEU A 140 31.82 31.00 12.52
N PRO A 141 31.63 32.20 11.95
CA PRO A 141 32.52 33.31 12.32
C PRO A 141 32.41 33.67 13.79
N ASP A 142 33.48 34.23 14.35
CA ASP A 142 33.50 34.65 15.75
C ASP A 142 32.32 35.56 16.06
N SER A 143 31.53 35.20 17.07
CA SER A 143 30.32 35.96 17.38
C SER A 143 30.66 37.38 17.83
N LYS A 144 31.74 37.52 18.60
CA LYS A 144 32.20 38.85 19.00
C LYS A 144 32.46 39.72 17.78
N GLU A 145 33.08 39.14 16.76
CA GLU A 145 33.36 39.83 15.50
C GLU A 145 32.07 40.30 14.82
N VAL A 146 31.15 39.36 14.61
CA VAL A 146 29.84 39.67 14.04
C VAL A 146 29.16 40.76 14.85
N LEU A 147 29.23 40.61 16.17
CA LEU A 147 28.60 41.53 17.09
C LEU A 147 29.13 42.95 16.88
N GLU A 148 30.43 43.13 17.10
CA GLU A 148 31.05 44.45 17.01
C GLU A 148 31.01 45.11 15.63
N LYS A 149 31.02 44.33 14.56
CA LYS A 149 31.13 44.91 13.23
C LYS A 149 29.80 45.31 12.58
N VAL A 150 28.72 44.58 12.86
CA VAL A 150 27.44 44.92 12.24
C VAL A 150 26.24 45.03 13.21
N LEU A 151 26.46 44.80 14.50
CA LEU A 151 25.36 44.87 15.45
C LEU A 151 25.45 46.01 16.48
N LEU A 152 26.63 46.24 17.04
CA LEU A 152 26.78 47.25 18.07
C LEU A 152 26.37 48.65 17.59
N ARG A 153 25.74 49.41 18.47
CA ARG A 153 25.30 50.76 18.14
C ARG A 153 26.47 51.74 18.10
N ARG A 154 26.54 52.54 17.03
CA ARG A 154 27.51 53.64 16.97
C ARG A 154 26.87 54.88 17.55
N GLU A 155 25.87 55.39 16.84
CA GLU A 155 24.99 56.40 17.39
C GLU A 155 23.55 55.93 17.26
N PHE A 156 22.71 56.41 18.18
CA PHE A 156 21.33 55.95 18.28
C PHE A 156 20.55 56.18 16.99
N ILE A 157 20.08 55.08 16.41
CA ILE A 157 19.20 55.15 15.25
C ILE A 157 17.76 55.01 15.70
N PRO A 158 17.00 56.12 15.67
CA PRO A 158 15.62 56.09 16.14
C PRO A 158 14.73 55.31 15.19
N ASP A 159 13.68 54.70 15.73
CA ASP A 159 12.72 54.00 14.90
C ASP A 159 11.90 55.01 14.11
N PRO A 160 11.98 54.96 12.78
CA PRO A 160 11.24 55.88 11.91
C PRO A 160 9.73 55.64 12.01
N GLN A 161 9.35 54.48 12.54
CA GLN A 161 7.96 54.12 12.70
C GLN A 161 7.40 54.71 14.00
N GLY A 162 8.28 55.29 14.81
CA GLY A 162 7.85 56.11 15.93
C GLY A 162 7.59 55.40 17.23
N SER A 163 7.89 54.10 17.28
CA SER A 163 7.70 53.29 18.49
C SER A 163 8.31 53.96 19.71
N ASN A 164 7.54 54.05 20.78
CA ASN A 164 8.01 54.72 21.99
C ASN A 164 8.43 53.72 23.06
N MET A 165 8.67 54.21 24.27
CA MET A 165 9.14 53.34 25.35
C MET A 165 7.97 52.60 26.01
N MET A 166 6.75 53.11 25.84
CA MET A 166 5.57 52.36 26.26
C MET A 166 5.48 51.08 25.45
N PHE A 167 5.83 51.17 24.17
CA PHE A 167 5.86 50.01 23.29
C PHE A 167 6.96 49.03 23.70
N ALA A 168 8.15 49.55 23.92
CA ALA A 168 9.30 48.69 24.22
C ALA A 168 9.10 47.92 25.51
N PHE A 169 8.54 48.59 26.51
CA PHE A 169 8.36 47.98 27.82
C PHE A 169 7.15 47.03 27.82
N PHE A 170 6.15 47.34 26.99
CA PHE A 170 5.00 46.46 26.83
C PHE A 170 5.47 45.18 26.15
N ALA A 171 6.33 45.33 25.16
CA ALA A 171 6.89 44.21 24.43
C ALA A 171 7.67 43.30 25.37
N GLN A 172 8.46 43.90 26.25
CA GLN A 172 9.24 43.12 27.19
C GLN A 172 8.34 42.44 28.24
N HIS A 173 7.30 43.16 28.66
CA HIS A 173 6.41 42.70 29.71
C HIS A 173 5.48 41.58 29.20
N PHE A 174 4.78 41.85 28.11
CA PHE A 174 3.86 40.89 27.50
C PHE A 174 4.54 39.58 27.08
N THR A 175 5.71 39.66 26.46
CA THR A 175 6.33 38.45 25.91
C THR A 175 7.06 37.63 26.96
N HIS A 176 7.44 38.26 28.07
CA HIS A 176 8.10 37.52 29.14
C HIS A 176 7.17 36.56 29.88
N GLN A 177 5.89 36.52 29.50
CA GLN A 177 4.99 35.53 30.09
C GLN A 177 5.10 34.19 29.38
N PHE A 178 5.54 34.20 28.11
CA PHE A 178 5.76 32.92 27.43
C PHE A 178 7.20 32.73 26.92
N PHE A 179 8.07 33.73 27.11
CA PHE A 179 9.51 33.52 26.95
C PHE A 179 10.16 33.44 28.32
N LYS A 180 10.07 32.27 28.94
CA LYS A 180 10.61 32.05 30.28
C LYS A 180 11.67 30.95 30.23
N THR A 181 12.81 31.30 29.65
CA THR A 181 13.87 30.33 29.37
C THR A 181 14.43 29.75 30.66
N ASP A 182 14.44 28.41 30.74
CA ASP A 182 14.96 27.71 31.89
C ASP A 182 16.45 27.41 31.70
N HIS A 183 17.29 28.36 32.11
CA HIS A 183 18.72 28.31 31.85
C HIS A 183 19.43 27.16 32.57
N LYS A 184 18.76 26.55 33.55
CA LYS A 184 19.32 25.40 34.24
C LYS A 184 19.41 24.20 33.32
N ARG A 185 18.42 24.06 32.43
CA ARG A 185 18.37 22.93 31.51
C ARG A 185 19.03 23.26 30.18
N GLY A 186 18.90 24.50 29.75
CA GLY A 186 19.46 24.94 28.48
C GLY A 186 18.57 25.93 27.76
N PRO A 187 19.14 26.63 26.76
CA PRO A 187 18.41 27.67 26.02
C PRO A 187 17.19 27.14 25.25
N GLY A 188 17.15 25.83 25.02
CA GLY A 188 16.04 25.23 24.29
C GLY A 188 14.85 24.85 25.15
N PHE A 189 14.90 25.21 26.44
CA PHE A 189 13.85 24.84 27.38
C PHE A 189 13.12 26.08 27.92
N THR A 190 11.91 25.86 28.40
CA THR A 190 11.06 26.96 28.90
C THR A 190 10.38 26.58 30.21
N ARG A 191 10.15 27.58 31.05
CA ARG A 191 9.43 27.39 32.31
C ARG A 191 7.95 27.77 32.15
N GLY A 192 7.60 28.28 30.99
CA GLY A 192 6.22 28.69 30.71
C GLY A 192 5.43 27.53 30.12
N LEU A 193 4.98 26.63 30.98
CA LEU A 193 4.36 25.39 30.56
C LEU A 193 3.00 25.60 29.91
N GLY A 194 2.43 26.78 30.11
CA GLY A 194 1.18 27.16 29.46
C GLY A 194 1.39 27.48 27.99
N HIS A 195 2.65 27.75 27.62
CA HIS A 195 3.04 28.03 26.24
C HIS A 195 2.15 29.06 25.55
N GLY A 196 1.79 30.11 26.26
CA GLY A 196 1.02 31.19 25.65
C GLY A 196 0.59 32.29 26.60
N VAL A 197 -0.50 32.96 26.24
CA VAL A 197 -0.99 34.10 27.00
C VAL A 197 -1.92 33.67 28.13
N ASP A 198 -1.33 33.29 29.26
CA ASP A 198 -2.11 32.86 30.42
C ASP A 198 -1.97 33.85 31.57
N LEU A 199 -1.20 34.91 31.34
CA LEU A 199 -0.91 35.95 32.31
C LEU A 199 -0.23 35.42 33.58
N ASN A 200 0.60 34.39 33.44
CA ASN A 200 1.34 33.88 34.57
C ASN A 200 2.35 34.90 35.11
N HIS A 201 2.69 35.89 34.28
CA HIS A 201 3.61 36.95 34.70
C HIS A 201 2.94 37.94 35.65
N ILE A 202 1.63 37.77 35.82
CA ILE A 202 0.84 38.54 36.76
C ILE A 202 0.37 37.66 37.92
N TYR A 203 -0.07 36.45 37.60
CA TYR A 203 -0.72 35.59 38.59
C TYR A 203 0.20 34.50 39.12
N GLY A 204 1.34 34.29 38.47
CA GLY A 204 2.26 33.25 38.90
C GLY A 204 2.12 32.00 38.08
N GLU A 205 3.22 31.31 37.84
CA GLU A 205 3.22 30.10 37.03
C GLU A 205 2.56 28.96 37.78
N THR A 206 2.93 28.79 39.05
CA THR A 206 2.37 27.72 39.86
C THR A 206 1.22 28.20 40.75
N LEU A 207 0.45 27.24 41.24
CA LEU A 207 -0.73 27.50 42.06
C LEU A 207 -0.38 28.10 43.43
N ASP A 208 0.65 27.57 44.08
CA ASP A 208 1.02 28.06 45.41
C ASP A 208 1.56 29.49 45.34
N ARG A 209 2.14 29.86 44.20
CA ARG A 209 2.61 31.23 44.02
C ARG A 209 1.43 32.16 43.81
N GLN A 210 0.47 31.72 43.00
CA GLN A 210 -0.77 32.47 42.81
C GLN A 210 -1.43 32.77 44.15
N HIS A 211 -1.47 31.76 45.01
CA HIS A 211 -2.15 31.89 46.30
C HIS A 211 -1.43 32.88 47.22
N LYS A 212 -0.10 32.92 47.13
CA LYS A 212 0.68 33.88 47.90
C LYS A 212 0.47 35.32 47.40
N LEU A 213 0.12 35.47 46.12
CA LEU A 213 -0.11 36.78 45.54
C LEU A 213 -1.57 37.23 45.69
N ARG A 214 -2.41 36.31 46.15
CA ARG A 214 -3.84 36.55 46.24
C ARG A 214 -4.27 37.08 47.61
N LEU A 215 -5.30 37.92 47.62
CA LEU A 215 -5.82 38.50 48.86
C LEU A 215 -6.92 37.61 49.47
N PHE A 216 -7.51 36.76 48.63
CA PHE A 216 -8.61 35.87 48.99
C PHE A 216 -9.81 36.64 49.55
N LYS A 217 -9.94 37.88 49.09
CA LYS A 217 -11.09 38.72 49.39
C LYS A 217 -11.51 39.42 48.10
N ASP A 218 -12.73 39.15 47.65
CA ASP A 218 -13.29 39.79 46.46
C ASP A 218 -12.49 39.52 45.19
N GLY A 219 -11.81 38.37 45.15
CA GLY A 219 -11.08 37.94 43.97
C GLY A 219 -9.80 38.69 43.72
N LYS A 220 -9.44 39.59 44.63
CA LYS A 220 -8.37 40.57 44.38
C LYS A 220 -6.95 40.07 44.64
N LEU A 221 -5.99 40.73 44.02
CA LEU A 221 -4.57 40.50 44.31
C LEU A 221 -4.16 41.38 45.48
N LYS A 222 -3.19 40.91 46.26
CA LYS A 222 -2.67 41.71 47.36
C LYS A 222 -2.01 42.96 46.80
N TYR A 223 -2.01 44.03 47.60
CA TYR A 223 -1.38 45.26 47.20
C TYR A 223 -1.02 46.10 48.43
N GLN A 224 -0.29 47.18 48.20
CA GLN A 224 0.07 48.08 49.28
C GLN A 224 -0.11 49.50 48.80
N VAL A 225 -0.25 50.43 49.72
CA VAL A 225 -0.41 51.82 49.36
C VAL A 225 0.82 52.62 49.81
N ILE A 226 1.55 53.15 48.82
CA ILE A 226 2.70 54.00 49.07
C ILE A 226 2.39 55.42 48.63
N GLY A 227 2.55 56.38 49.53
CA GLY A 227 2.09 57.72 49.28
C GLY A 227 0.58 57.70 49.34
N GLY A 228 -0.04 57.51 48.17
CA GLY A 228 -1.48 57.36 48.09
C GLY A 228 -1.79 56.49 46.88
N GLU A 229 -0.77 55.79 46.41
CA GLU A 229 -0.86 55.01 45.19
C GLU A 229 -0.79 53.52 45.45
N VAL A 230 -1.44 52.76 44.58
CA VAL A 230 -1.43 51.31 44.72
C VAL A 230 -0.21 50.71 44.02
N TYR A 231 0.51 49.85 44.73
CA TYR A 231 1.67 49.17 44.18
C TYR A 231 1.61 47.69 44.54
N PRO A 232 2.35 46.86 43.81
CA PRO A 232 2.39 45.44 44.16
C PRO A 232 2.89 45.24 45.60
N PRO A 233 2.53 44.11 46.22
CA PRO A 233 2.93 43.87 47.60
C PRO A 233 4.43 43.55 47.69
N THR A 234 4.93 43.38 48.91
CA THR A 234 6.34 43.09 49.12
C THR A 234 6.62 41.59 49.17
N VAL A 235 7.89 41.23 49.09
CA VAL A 235 8.32 39.85 49.30
C VAL A 235 8.10 39.46 50.76
N LYS A 236 8.32 40.41 51.66
CA LYS A 236 8.15 40.17 53.08
C LYS A 236 6.71 39.80 53.41
N ASP A 237 5.77 40.48 52.76
CA ASP A 237 4.34 40.27 52.99
C ASP A 237 3.84 38.96 52.39
N THR A 238 4.20 38.70 51.14
CA THR A 238 3.65 37.57 50.39
C THR A 238 4.51 36.31 50.43
N GLN A 239 5.78 36.46 50.78
CA GLN A 239 6.74 35.36 50.85
C GLN A 239 6.95 34.66 49.51
N VAL A 240 6.78 35.38 48.40
CA VAL A 240 7.04 34.79 47.09
C VAL A 240 8.47 35.01 46.64
N GLU A 241 8.93 34.15 45.73
CA GLU A 241 10.29 34.18 45.22
C GLU A 241 10.45 35.25 44.16
N MET A 242 11.30 36.23 44.44
CA MET A 242 11.66 37.25 43.46
C MET A 242 13.16 37.28 43.27
N ILE A 243 13.60 37.87 42.17
CA ILE A 243 15.03 38.03 41.93
C ILE A 243 15.46 39.48 42.15
N TYR A 244 16.29 39.68 43.15
CA TYR A 244 16.78 41.01 43.50
C TYR A 244 18.25 40.93 43.92
N PRO A 245 19.06 41.91 43.50
CA PRO A 245 20.41 42.01 44.04
C PRO A 245 20.36 42.26 45.55
N PRO A 246 21.34 41.73 46.30
CA PRO A 246 21.31 41.73 47.77
C PRO A 246 21.22 43.10 48.43
N HIS A 247 21.44 44.17 47.69
CA HIS A 247 21.44 45.50 48.29
C HIS A 247 20.08 46.21 48.21
N ILE A 248 19.11 45.58 47.55
CA ILE A 248 17.77 46.15 47.43
C ILE A 248 17.00 46.02 48.74
N PRO A 249 16.60 47.15 49.33
CA PRO A 249 15.90 47.17 50.63
C PRO A 249 14.58 46.43 50.58
N GLU A 250 14.18 45.83 51.71
CA GLU A 250 13.00 44.99 51.76
C GLU A 250 11.72 45.70 51.32
N ASN A 251 11.61 46.99 51.60
CA ASN A 251 10.40 47.73 51.23
C ASN A 251 10.36 48.06 49.74
N LEU A 252 11.36 47.59 49.00
CA LEU A 252 11.42 47.81 47.54
C LEU A 252 11.46 46.50 46.78
N GLN A 253 11.51 45.38 47.49
CA GLN A 253 11.40 44.08 46.86
C GLN A 253 9.93 43.78 46.58
N PHE A 254 9.44 44.32 45.47
CA PHE A 254 8.06 44.10 45.05
C PHE A 254 7.86 42.66 44.58
N ALA A 255 6.67 42.12 44.87
CA ALA A 255 6.35 40.75 44.51
C ALA A 255 5.32 40.71 43.40
N VAL A 256 5.69 40.15 42.26
CA VAL A 256 4.78 40.04 41.13
C VAL A 256 4.82 38.62 40.57
N GLY A 257 3.94 38.32 39.63
CA GLY A 257 3.87 37.00 39.02
C GLY A 257 5.19 36.53 38.43
N GLN A 258 5.80 37.36 37.59
CA GLN A 258 7.09 37.05 37.00
C GLN A 258 8.23 37.40 37.96
N GLU A 259 9.07 36.42 38.26
CA GLU A 259 10.10 36.58 39.28
C GLU A 259 11.18 37.62 38.94
N VAL A 260 11.24 38.06 37.69
CA VAL A 260 12.33 38.92 37.25
C VAL A 260 11.88 40.36 36.96
N PHE A 261 10.58 40.63 37.04
CA PHE A 261 10.06 41.96 36.70
C PHE A 261 10.48 43.07 37.67
N GLY A 262 11.17 42.71 38.75
CA GLY A 262 11.59 43.69 39.73
C GLY A 262 12.88 44.40 39.37
N LEU A 263 13.50 43.95 38.28
CA LEU A 263 14.82 44.44 37.90
C LEU A 263 14.76 45.60 36.91
N VAL A 264 13.56 45.90 36.42
CA VAL A 264 13.37 46.98 35.45
C VAL A 264 12.11 47.76 35.78
N PRO A 265 12.26 49.05 36.12
CA PRO A 265 11.13 49.89 36.53
C PRO A 265 10.04 49.96 35.45
N GLY A 266 10.43 49.90 34.18
CA GLY A 266 9.46 49.85 33.09
C GLY A 266 8.57 48.62 33.17
N LEU A 267 9.16 47.50 33.59
CA LEU A 267 8.42 46.26 33.78
C LEU A 267 7.53 46.36 35.00
N MET A 268 8.06 46.96 36.06
CA MET A 268 7.29 47.17 37.28
C MET A 268 6.16 48.18 37.06
N MET A 269 6.34 49.07 36.07
CA MET A 269 5.29 49.99 35.70
C MET A 269 4.06 49.23 35.17
N TYR A 270 4.30 48.26 34.29
CA TYR A 270 3.23 47.50 33.68
C TYR A 270 2.62 46.49 34.64
N ALA A 271 3.47 45.84 35.43
CA ALA A 271 3.03 44.95 36.51
C ALA A 271 2.04 45.68 37.42
N THR A 272 2.39 46.92 37.80
CA THR A 272 1.50 47.73 38.64
C THR A 272 0.19 48.04 37.91
N ILE A 273 0.29 48.44 36.65
CA ILE A 273 -0.88 48.81 35.87
C ILE A 273 -1.86 47.63 35.70
N TRP A 274 -1.32 46.44 35.50
CA TRP A 274 -2.15 45.25 35.32
C TRP A 274 -2.72 44.75 36.64
N LEU A 275 -1.96 44.90 37.72
CA LEU A 275 -2.45 44.55 39.05
C LEU A 275 -3.67 45.41 39.37
N ARG A 276 -3.58 46.70 39.06
CA ARG A 276 -4.69 47.61 39.30
C ARG A 276 -5.90 47.22 38.48
N GLU A 277 -5.66 46.82 37.24
CA GLU A 277 -6.73 46.46 36.32
C GLU A 277 -7.48 45.20 36.79
N HIS A 278 -6.75 44.23 37.31
CA HIS A 278 -7.37 43.03 37.86
C HIS A 278 -8.30 43.39 39.02
N ASN A 279 -7.79 44.19 39.95
CA ASN A 279 -8.58 44.53 41.13
C ASN A 279 -9.77 45.40 40.76
N ARG A 280 -9.57 46.23 39.76
CA ARG A 280 -10.66 47.04 39.20
C ARG A 280 -11.77 46.16 38.60
N VAL A 281 -11.39 45.11 37.87
CA VAL A 281 -12.39 44.24 37.27
C VAL A 281 -13.11 43.44 38.37
N CYS A 282 -12.39 43.13 39.44
CA CYS A 282 -13.02 42.51 40.61
C CYS A 282 -14.15 43.36 41.18
N ASP A 283 -13.95 44.67 41.23
CA ASP A 283 -14.95 45.59 41.76
C ASP A 283 -16.18 45.61 40.87
N ILE A 284 -15.94 45.59 39.56
CA ILE A 284 -17.02 45.57 38.58
C ILE A 284 -17.82 44.27 38.67
N LEU A 285 -17.12 43.13 38.68
CA LEU A 285 -17.78 41.84 38.78
C LEU A 285 -18.56 41.70 40.08
N LYS A 286 -17.98 42.14 41.18
CA LYS A 286 -18.63 42.06 42.49
C LYS A 286 -19.90 42.90 42.52
N GLN A 287 -19.88 44.03 41.83
CA GLN A 287 -21.07 44.87 41.72
C GLN A 287 -22.16 44.12 40.97
N GLU A 288 -21.76 43.40 39.93
CA GLU A 288 -22.67 42.63 39.09
C GLU A 288 -23.09 41.31 39.74
N HIS A 289 -22.21 40.76 40.57
CA HIS A 289 -22.44 39.48 41.21
C HIS A 289 -22.19 39.51 42.71
N PRO A 290 -23.09 40.17 43.47
CA PRO A 290 -22.93 40.18 44.93
C PRO A 290 -23.03 38.78 45.53
N GLU A 291 -23.53 37.82 44.76
CA GLU A 291 -23.72 36.45 45.25
C GLU A 291 -22.48 35.58 45.04
N TRP A 292 -21.51 36.07 44.27
CA TRP A 292 -20.28 35.31 44.00
C TRP A 292 -19.28 35.33 45.15
N GLY A 293 -18.42 34.33 45.20
CA GLY A 293 -17.35 34.26 46.17
C GLY A 293 -16.00 34.72 45.61
N ASP A 294 -15.00 34.74 46.48
CA ASP A 294 -13.66 35.19 46.12
C ASP A 294 -13.07 34.43 44.94
N GLU A 295 -13.17 33.10 44.98
CA GLU A 295 -12.53 32.27 43.96
C GLU A 295 -13.05 32.59 42.56
N GLN A 296 -14.37 32.62 42.41
CA GLN A 296 -14.97 32.88 41.10
C GLN A 296 -14.71 34.31 40.60
N LEU A 297 -14.57 35.24 41.53
CA LEU A 297 -14.23 36.62 41.17
C LEU A 297 -12.82 36.66 40.60
N PHE A 298 -11.91 35.96 41.26
CA PHE A 298 -10.53 35.89 40.79
C PHE A 298 -10.44 35.26 39.41
N GLN A 299 -11.03 34.08 39.26
CA GLN A 299 -10.93 33.31 38.03
C GLN A 299 -11.56 34.04 36.85
N THR A 300 -12.72 34.65 37.08
CA THR A 300 -13.41 35.37 36.02
C THR A 300 -12.64 36.65 35.63
N SER A 301 -12.02 37.29 36.61
CA SER A 301 -11.22 38.49 36.34
C SER A 301 -9.98 38.11 35.52
N ARG A 302 -9.36 37.00 35.86
CA ARG A 302 -8.21 36.52 35.12
C ARG A 302 -8.57 36.22 33.67
N LEU A 303 -9.76 35.65 33.46
CA LEU A 303 -10.21 35.33 32.10
C LEU A 303 -10.44 36.59 31.29
N ILE A 304 -11.04 37.59 31.93
CA ILE A 304 -11.29 38.87 31.29
C ILE A 304 -9.97 39.57 30.94
N LEU A 305 -9.02 39.59 31.88
CA LEU A 305 -7.72 40.19 31.63
C LEU A 305 -6.95 39.47 30.54
N ILE A 306 -7.10 38.15 30.43
CA ILE A 306 -6.50 37.42 29.32
C ILE A 306 -7.10 37.94 28.01
N GLY A 307 -8.40 38.25 28.04
CA GLY A 307 -9.09 38.78 26.88
C GLY A 307 -8.63 40.19 26.52
N GLU A 308 -8.51 41.05 27.52
CA GLU A 308 -8.05 42.42 27.34
C GLU A 308 -6.67 42.46 26.71
N THR A 309 -5.82 41.56 27.17
CA THR A 309 -4.44 41.46 26.73
C THR A 309 -4.36 41.13 25.24
N ILE A 310 -5.11 40.11 24.83
CA ILE A 310 -5.12 39.70 23.43
C ILE A 310 -5.72 40.78 22.53
N LYS A 311 -6.79 41.41 23.01
CA LYS A 311 -7.44 42.51 22.31
C LYS A 311 -6.48 43.67 22.07
N ILE A 312 -5.77 44.06 23.11
CA ILE A 312 -4.80 45.14 23.02
C ILE A 312 -3.61 44.75 22.14
N VAL A 313 -3.10 43.53 22.35
CA VAL A 313 -1.95 43.09 21.57
C VAL A 313 -2.22 43.11 20.06
N ILE A 314 -3.45 42.75 19.66
CA ILE A 314 -3.77 42.72 18.23
C ILE A 314 -4.11 44.11 17.67
N GLU A 315 -4.98 44.84 18.36
CA GLU A 315 -5.53 46.07 17.80
C GLU A 315 -4.68 47.33 18.08
N ASP A 316 -3.74 47.23 19.01
CA ASP A 316 -2.86 48.36 19.30
C ASP A 316 -1.40 48.01 19.02
N TYR A 317 -0.92 46.95 19.66
CA TYR A 317 0.48 46.52 19.58
C TYR A 317 0.88 46.07 18.18
N VAL A 318 0.34 44.94 17.74
CA VAL A 318 0.60 44.40 16.41
C VAL A 318 0.15 45.40 15.33
N GLN A 319 -0.95 46.08 15.60
CA GLN A 319 -1.43 47.13 14.70
C GLN A 319 -0.36 48.18 14.48
N HIS A 320 0.32 48.58 15.55
CA HIS A 320 1.32 49.63 15.47
C HIS A 320 2.53 49.23 14.65
N LEU A 321 3.04 48.02 14.87
CA LEU A 321 4.28 47.64 14.21
C LEU A 321 4.02 47.16 12.78
N SER A 322 2.77 46.84 12.47
CA SER A 322 2.43 46.42 11.12
C SER A 322 2.55 47.61 10.16
N GLY A 323 2.16 48.79 10.64
CA GLY A 323 2.18 49.99 9.83
C GLY A 323 0.98 50.06 8.90
N TYR A 324 0.09 49.07 9.04
CA TYR A 324 -1.05 48.96 8.16
C TYR A 324 -2.02 50.11 8.35
N HIS A 325 -2.66 50.51 7.26
CA HIS A 325 -3.76 51.47 7.35
C HIS A 325 -5.04 50.71 7.68
N PHE A 326 -5.06 49.44 7.29
CA PHE A 326 -6.15 48.55 7.64
C PHE A 326 -6.17 48.34 9.16
N LYS A 327 -7.36 48.44 9.74
CA LYS A 327 -7.51 48.30 11.19
C LYS A 327 -7.73 46.85 11.58
N LEU A 328 -6.68 46.20 12.09
CA LEU A 328 -6.78 44.83 12.58
C LEU A 328 -7.86 44.74 13.66
N LYS A 329 -8.34 43.53 13.89
CA LYS A 329 -9.50 43.34 14.76
C LYS A 329 -9.40 42.03 15.55
N PHE A 330 -9.70 42.10 16.85
CA PHE A 330 -9.80 40.90 17.66
C PHE A 330 -11.24 40.39 17.62
N ASP A 331 -11.45 39.30 16.89
CA ASP A 331 -12.77 38.68 16.81
C ASP A 331 -12.64 37.19 16.57
N PRO A 332 -12.65 36.40 17.66
CA PRO A 332 -12.57 34.93 17.60
C PRO A 332 -13.60 34.31 16.65
N GLU A 333 -14.78 34.93 16.52
CA GLU A 333 -15.85 34.40 15.68
C GLU A 333 -15.44 34.26 14.21
N LEU A 334 -14.43 35.00 13.80
CA LEU A 334 -13.92 34.92 12.43
C LEU A 334 -13.41 33.52 12.08
N LEU A 335 -12.93 32.80 13.10
CA LEU A 335 -12.35 31.48 12.88
C LEU A 335 -13.32 30.32 13.09
N PHE A 336 -14.57 30.63 13.45
CA PHE A 336 -15.51 29.58 13.85
C PHE A 336 -15.95 28.67 12.71
N ASN A 337 -15.89 29.16 11.47
CA ASN A 337 -16.20 28.33 10.32
C ASN A 337 -14.93 27.98 9.55
N GLN A 338 -13.80 28.15 10.21
CA GLN A 338 -12.49 27.85 9.63
C GLN A 338 -11.84 26.66 10.33
N GLN A 339 -10.95 25.97 9.63
CA GLN A 339 -10.14 24.95 10.26
C GLN A 339 -9.03 25.61 11.05
N PHE A 340 -8.99 25.36 12.35
CA PHE A 340 -8.03 26.03 13.22
C PHE A 340 -7.87 25.25 14.52
N GLN A 341 -6.62 25.08 14.94
CA GLN A 341 -6.32 24.38 16.19
C GLN A 341 -6.19 25.36 17.35
N TYR A 342 -7.09 25.26 18.31
CA TYR A 342 -7.00 26.07 19.52
C TYR A 342 -5.99 25.46 20.47
N GLN A 343 -4.72 25.60 20.08
CA GLN A 343 -3.59 25.21 20.90
C GLN A 343 -2.32 25.87 20.35
N ASN A 344 -1.26 25.84 21.14
CA ASN A 344 -0.01 26.47 20.75
C ASN A 344 1.16 25.97 21.56
N ARG A 345 2.30 25.87 20.88
CA ARG A 345 3.56 25.56 21.53
C ARG A 345 4.59 26.60 21.11
N ILE A 346 5.15 27.30 22.08
CA ILE A 346 6.10 28.38 21.82
C ILE A 346 7.34 27.86 21.09
N ALA A 347 7.62 28.46 19.94
CA ALA A 347 8.77 28.07 19.13
C ALA A 347 10.04 28.76 19.58
N SER A 348 11.15 28.04 19.54
CA SER A 348 12.44 28.61 19.91
C SER A 348 12.77 29.81 19.04
N GLU A 349 12.53 29.67 17.74
CA GLU A 349 12.80 30.72 16.78
C GLU A 349 11.97 31.97 17.05
N PHE A 350 10.77 31.78 17.61
CA PHE A 350 9.93 32.91 17.99
C PHE A 350 10.59 33.69 19.13
N ASN A 351 11.16 32.95 20.07
CA ASN A 351 11.94 33.55 21.14
C ASN A 351 13.13 34.33 20.56
N THR A 352 13.84 33.68 19.65
CA THR A 352 15.07 34.23 19.07
C THR A 352 14.82 35.54 18.33
N LEU A 353 13.84 35.53 17.42
CA LEU A 353 13.55 36.70 16.64
C LEU A 353 12.99 37.84 17.50
N TYR A 354 12.43 37.50 18.65
CA TYR A 354 11.80 38.53 19.48
C TYR A 354 12.79 39.34 20.36
N HIS A 355 14.10 39.04 20.28
CA HIS A 355 15.09 39.79 21.06
C HIS A 355 15.42 41.10 20.35
N TRP A 356 14.53 42.06 20.57
CA TRP A 356 14.63 43.38 19.92
C TRP A 356 15.48 44.35 20.74
N HIS A 357 16.69 43.92 21.09
CA HIS A 357 17.63 44.73 21.86
C HIS A 357 17.82 46.15 21.30
N PRO A 358 17.91 46.32 19.96
CA PRO A 358 18.06 47.69 19.46
C PRO A 358 16.90 48.65 19.77
N LEU A 359 15.78 48.14 20.28
CA LEU A 359 14.69 49.01 20.75
C LEU A 359 15.15 49.89 21.90
N LEU A 360 16.12 49.41 22.67
CA LEU A 360 16.58 50.09 23.87
C LEU A 360 17.36 51.37 23.56
N PRO A 361 17.03 52.45 24.28
CA PRO A 361 17.65 53.77 24.09
C PRO A 361 18.98 53.92 24.83
N ASP A 362 19.69 55.02 24.61
CA ASP A 362 20.94 55.28 25.30
C ASP A 362 20.67 55.60 26.77
N THR A 363 19.59 56.34 27.02
CA THR A 363 19.18 56.68 28.38
C THR A 363 17.66 56.56 28.52
N PHE A 364 17.19 56.53 29.76
CA PHE A 364 15.76 56.50 30.03
C PHE A 364 15.31 57.86 30.57
N ASN A 365 14.54 58.58 29.76
CA ASN A 365 14.16 59.96 30.06
C ASN A 365 12.81 60.07 30.77
N ILE A 366 12.83 60.41 32.05
CA ILE A 366 11.62 60.55 32.84
C ILE A 366 11.51 61.96 33.42
N GLU A 367 10.49 62.69 32.96
CA GLU A 367 10.39 64.15 33.08
C GLU A 367 11.75 64.84 33.08
N ASP A 368 12.16 65.38 34.22
CA ASP A 368 13.42 66.10 34.35
C ASP A 368 14.64 65.23 34.02
N GLN A 369 14.74 64.09 34.69
CA GLN A 369 15.97 63.29 34.70
C GLN A 369 16.18 62.45 33.44
N GLU A 370 17.43 62.04 33.24
CA GLU A 370 17.81 61.11 32.17
C GLU A 370 18.73 60.05 32.75
N TYR A 371 18.21 58.84 32.93
CA TYR A 371 18.94 57.81 33.67
C TYR A 371 19.73 56.87 32.77
N SER A 372 20.96 56.59 33.17
CA SER A 372 21.77 55.58 32.50
C SER A 372 21.24 54.19 32.85
N PHE A 373 21.85 53.18 32.23
CA PHE A 373 21.46 51.79 32.49
C PHE A 373 21.70 51.38 33.94
N LYS A 374 22.89 51.66 34.46
CA LYS A 374 23.24 51.29 35.83
C LYS A 374 22.30 51.93 36.84
N GLN A 375 21.92 53.17 36.57
CA GLN A 375 21.02 53.91 37.45
C GLN A 375 19.60 53.40 37.35
N PHE A 376 19.25 52.88 36.17
CA PHE A 376 17.87 52.49 35.91
C PHE A 376 17.55 51.08 36.38
N LEU A 377 18.47 50.15 36.14
CA LEU A 377 18.30 48.76 36.56
C LEU A 377 18.14 48.63 38.07
N TYR A 378 17.29 47.69 38.48
CA TYR A 378 17.06 47.37 39.90
C TYR A 378 16.50 48.54 40.70
N ASN A 379 16.24 49.66 40.06
CA ASN A 379 15.90 50.87 40.79
C ASN A 379 14.42 51.25 40.73
N ASN A 380 13.61 50.61 41.56
CA ASN A 380 12.20 50.92 41.61
C ASN A 380 11.90 52.22 42.37
N SER A 381 12.91 52.73 43.08
CA SER A 381 12.75 54.00 43.79
C SER A 381 12.51 55.12 42.79
N ILE A 382 12.96 54.92 41.56
CA ILE A 382 12.68 55.84 40.47
C ILE A 382 11.18 55.85 40.18
N LEU A 383 10.58 54.67 40.12
CA LEU A 383 9.14 54.55 39.91
C LEU A 383 8.34 55.22 41.02
N LEU A 384 8.73 54.98 42.27
CA LEU A 384 8.07 55.64 43.40
C LEU A 384 8.27 57.15 43.38
N GLU A 385 9.47 57.58 43.01
CA GLU A 385 9.81 59.01 43.01
C GLU A 385 8.97 59.79 41.99
N HIS A 386 8.86 59.24 40.79
CA HIS A 386 8.19 59.95 39.70
C HIS A 386 6.69 59.62 39.62
N GLY A 387 6.34 58.37 39.93
CA GLY A 387 4.95 57.96 39.91
C GLY A 387 4.55 57.42 38.55
N LEU A 388 3.43 56.69 38.52
CA LEU A 388 2.96 56.04 37.30
C LEU A 388 2.65 57.04 36.19
N THR A 389 2.01 58.14 36.57
CA THR A 389 1.55 59.13 35.60
C THR A 389 2.73 59.77 34.85
N GLN A 390 3.76 60.16 35.60
CA GLN A 390 4.96 60.72 35.00
C GLN A 390 5.66 59.69 34.11
N PHE A 391 5.73 58.45 34.58
CA PHE A 391 6.30 57.35 33.80
C PHE A 391 5.62 57.23 32.45
N VAL A 392 4.30 57.09 32.47
CA VAL A 392 3.51 56.95 31.24
C VAL A 392 3.76 58.13 30.30
N GLU A 393 3.63 59.36 30.82
CA GLU A 393 3.83 60.55 30.01
C GLU A 393 5.22 60.62 29.39
N SER A 394 6.25 60.32 30.18
CA SER A 394 7.63 60.39 29.70
C SER A 394 7.91 59.31 28.66
N PHE A 395 7.47 58.08 28.92
CA PHE A 395 7.76 56.98 28.01
C PHE A 395 6.94 57.07 26.73
N THR A 396 5.77 57.69 26.81
CA THR A 396 4.96 57.94 25.62
C THR A 396 5.72 58.88 24.68
N ARG A 397 6.49 59.80 25.27
CA ARG A 397 7.26 60.80 24.52
C ARG A 397 8.56 60.24 23.93
N GLN A 398 9.22 59.33 24.64
CA GLN A 398 10.56 58.92 24.26
C GLN A 398 10.57 57.88 23.14
N ILE A 399 11.29 58.20 22.07
CA ILE A 399 11.43 57.34 20.91
C ILE A 399 12.27 56.11 21.22
N ALA A 400 11.94 54.99 20.59
CA ALA A 400 12.72 53.77 20.73
C ALA A 400 13.59 53.57 19.49
N GLY A 401 14.55 52.66 19.59
CA GLY A 401 15.49 52.43 18.51
C GLY A 401 14.99 51.50 17.42
N ARG A 402 15.53 51.69 16.22
CA ARG A 402 15.20 50.83 15.09
C ARG A 402 15.83 49.46 15.26
N VAL A 403 15.08 48.41 14.89
CA VAL A 403 15.52 47.04 15.13
C VAL A 403 16.28 46.45 13.94
N ALA A 404 15.70 46.56 12.75
CA ALA A 404 16.42 46.20 11.53
C ALA A 404 17.38 47.34 11.16
N GLY A 405 18.14 47.16 10.08
CA GLY A 405 19.01 48.23 9.60
C GLY A 405 20.43 48.14 10.11
N GLY A 406 20.66 47.27 11.10
CA GLY A 406 22.00 47.00 11.59
C GLY A 406 22.54 48.04 12.57
N ARG A 407 23.62 47.67 13.25
CA ARG A 407 24.39 48.55 14.13
C ARG A 407 23.52 49.44 15.03
N ASN A 408 22.64 48.84 15.81
CA ASN A 408 21.82 49.64 16.72
C ASN A 408 21.59 48.96 18.06
N VAL A 409 22.43 47.99 18.39
CA VAL A 409 22.37 47.35 19.71
C VAL A 409 23.29 48.09 20.68
N PRO A 410 22.71 48.68 21.73
CA PRO A 410 23.50 49.39 22.75
C PRO A 410 24.58 48.50 23.39
N ILE A 411 25.68 49.11 23.80
CA ILE A 411 26.85 48.41 24.29
C ILE A 411 26.61 47.71 25.62
N ALA A 412 25.61 48.17 26.36
CA ALA A 412 25.32 47.62 27.68
C ALA A 412 24.81 46.18 27.56
N VAL A 413 23.84 45.98 26.66
CA VAL A 413 23.28 44.65 26.45
C VAL A 413 24.02 43.88 25.35
N GLN A 414 25.30 44.18 25.15
CA GLN A 414 26.08 43.51 24.12
C GLN A 414 26.31 42.05 24.53
N ALA A 415 26.33 41.83 25.84
CA ALA A 415 26.47 40.50 26.41
C ALA A 415 25.26 39.66 26.03
N VAL A 416 24.08 40.28 26.08
CA VAL A 416 22.85 39.58 25.74
C VAL A 416 22.83 39.25 24.25
N ALA A 417 23.21 40.23 23.43
CA ALA A 417 23.26 40.04 21.99
C ALA A 417 24.20 38.89 21.59
N LYS A 418 25.32 38.77 22.29
CA LYS A 418 26.28 37.72 21.95
C LYS A 418 25.71 36.36 22.33
N ALA A 419 25.06 36.29 23.48
CA ALA A 419 24.39 35.06 23.91
C ALA A 419 23.30 34.64 22.92
N SER A 420 22.60 35.59 22.32
CA SER A 420 21.63 35.24 21.30
C SER A 420 22.28 34.50 20.13
N ILE A 421 23.39 35.00 19.67
CA ILE A 421 24.10 34.38 18.59
C ILE A 421 24.64 33.04 19.04
N ASP A 422 25.29 33.06 20.19
CA ASP A 422 25.95 31.88 20.74
C ASP A 422 24.96 30.74 21.02
N GLN A 423 23.79 31.09 21.54
CA GLN A 423 22.83 30.08 21.88
C GLN A 423 22.05 29.57 20.69
N SER A 424 21.94 30.36 19.64
CA SER A 424 21.34 29.88 18.42
C SER A 424 22.19 28.80 17.85
N ARG A 425 23.48 28.94 18.01
CA ARG A 425 24.40 27.95 17.48
C ARG A 425 24.40 26.69 18.33
N GLU A 426 24.38 26.87 19.64
CA GLU A 426 24.28 25.77 20.58
C GLU A 426 23.05 24.92 20.26
N MET A 427 21.96 25.60 19.94
CA MET A 427 20.70 24.93 19.63
C MET A 427 20.65 24.41 18.20
N LYS A 428 21.75 24.61 17.46
CA LYS A 428 21.91 24.14 16.09
C LYS A 428 20.86 24.66 15.11
N TYR A 429 20.61 25.98 15.14
CA TYR A 429 19.71 26.59 14.16
C TYR A 429 20.23 26.37 12.74
N GLN A 430 19.29 26.20 11.81
CA GLN A 430 19.61 26.17 10.39
C GLN A 430 19.86 27.60 9.90
N SER A 431 20.32 27.72 8.66
CA SER A 431 20.72 29.01 8.12
C SER A 431 19.53 29.94 7.91
N LEU A 432 19.83 31.22 7.69
CA LEU A 432 18.82 32.22 7.42
C LEU A 432 17.96 31.87 6.22
N ASN A 433 18.61 31.45 5.13
CA ASN A 433 17.86 31.14 3.92
C ASN A 433 17.00 29.89 4.06
N GLU A 434 17.40 28.97 4.94
CA GLU A 434 16.55 27.81 5.22
C GLU A 434 15.29 28.28 5.92
N TYR A 435 15.42 29.27 6.80
CA TYR A 435 14.27 29.79 7.51
C TYR A 435 13.39 30.66 6.62
N ARG A 436 14.00 31.29 5.62
CA ARG A 436 13.24 32.07 4.66
C ARG A 436 12.38 31.14 3.81
N LYS A 437 12.98 30.04 3.35
CA LYS A 437 12.26 29.05 2.55
C LYS A 437 11.14 28.38 3.37
N ARG A 438 11.41 28.08 4.63
CA ARG A 438 10.42 27.52 5.54
C ARG A 438 9.16 28.40 5.57
N PHE A 439 9.36 29.72 5.47
CA PHE A 439 8.24 30.66 5.58
C PHE A 439 7.85 31.31 4.26
N SER A 440 8.04 30.57 3.17
CA SER A 440 7.61 30.97 1.83
C SER A 440 8.27 32.26 1.34
N LEU A 441 9.50 32.50 1.76
CA LEU A 441 10.24 33.67 1.30
C LEU A 441 11.33 33.27 0.32
N LYS A 442 11.58 34.11 -0.68
CA LYS A 442 12.69 33.91 -1.59
C LYS A 442 14.00 34.08 -0.84
N PRO A 443 14.93 33.14 -1.02
CA PRO A 443 16.25 33.21 -0.37
C PRO A 443 17.07 34.39 -0.90
N TYR A 444 17.83 35.05 -0.02
CA TYR A 444 18.69 36.16 -0.44
C TYR A 444 19.87 35.63 -1.26
N THR A 445 20.18 36.30 -2.37
CA THR A 445 21.23 35.84 -3.28
C THR A 445 22.61 36.37 -2.90
N SER A 446 22.64 37.35 -1.99
CA SER A 446 23.89 38.01 -1.60
C SER A 446 23.72 38.79 -0.31
N PHE A 447 24.83 39.15 0.34
CA PHE A 447 24.79 39.92 1.57
C PHE A 447 24.27 41.33 1.32
N GLU A 448 24.52 41.81 0.11
CA GLU A 448 24.09 43.13 -0.32
C GLU A 448 22.56 43.20 -0.45
N GLU A 449 21.96 42.11 -0.94
CA GLU A 449 20.50 42.07 -1.04
C GLU A 449 19.88 41.99 0.36
N LEU A 450 20.56 41.29 1.26
CA LEU A 450 20.14 41.19 2.65
C LEU A 450 20.17 42.55 3.36
N THR A 451 21.29 43.26 3.25
CA THR A 451 21.47 44.49 4.03
C THR A 451 20.91 45.71 3.31
N GLY A 452 20.87 45.65 1.99
CA GLY A 452 20.39 46.77 1.19
C GLY A 452 21.45 47.85 1.03
N GLU A 453 22.63 47.63 1.61
CA GLU A 453 23.74 48.58 1.48
C GLU A 453 25.02 47.85 1.10
N LYS A 454 26.17 48.48 1.34
CA LYS A 454 27.44 47.91 0.87
C LYS A 454 28.44 47.64 1.99
N GLU A 455 28.54 48.55 2.95
CA GLU A 455 29.56 48.45 4.00
C GLU A 455 29.36 47.22 4.90
N MET A 456 28.18 47.09 5.50
CA MET A 456 27.91 45.96 6.39
C MET A 456 27.92 44.65 5.62
N ALA A 457 27.34 44.67 4.43
CA ALA A 457 27.33 43.52 3.53
C ALA A 457 28.73 42.99 3.28
N ALA A 458 29.68 43.89 3.07
CA ALA A 458 31.05 43.50 2.78
C ALA A 458 31.70 42.87 4.00
N GLU A 459 31.43 43.46 5.16
CA GLU A 459 31.93 42.94 6.41
C GLU A 459 31.38 41.54 6.64
N LEU A 460 30.09 41.38 6.39
CA LEU A 460 29.41 40.11 6.53
C LEU A 460 29.97 39.07 5.55
N LYS A 461 30.30 39.50 4.34
CA LYS A 461 30.81 38.61 3.31
C LYS A 461 32.20 38.09 3.68
N ALA A 462 32.97 38.90 4.39
CA ALA A 462 34.33 38.50 4.79
C ALA A 462 34.27 37.60 6.01
N LEU A 463 33.14 37.62 6.68
CA LEU A 463 32.96 36.83 7.87
C LEU A 463 32.31 35.51 7.58
N TYR A 464 31.22 35.50 6.83
CA TYR A 464 30.48 34.27 6.58
C TYR A 464 30.87 33.61 5.27
N SER A 465 31.34 34.40 4.34
CA SER A 465 31.80 33.92 3.07
C SER A 465 30.69 33.51 2.13
N ASP A 466 29.73 32.76 2.61
CA ASP A 466 28.60 32.38 1.79
C ASP A 466 27.29 32.84 2.35
N ILE A 467 26.43 33.37 1.52
CA ILE A 467 25.17 33.91 1.95
C ILE A 467 24.29 32.81 2.57
N ASP A 468 24.47 31.59 2.12
CA ASP A 468 23.66 30.47 2.60
C ASP A 468 24.16 29.94 3.94
N VAL A 469 25.12 30.65 4.52
CA VAL A 469 25.69 30.29 5.82
C VAL A 469 25.34 31.39 6.82
N MET A 470 24.69 32.44 6.34
CA MET A 470 24.27 33.54 7.20
C MET A 470 23.29 33.07 8.28
N GLU A 471 23.50 33.52 9.51
CA GLU A 471 22.67 33.10 10.65
C GLU A 471 21.41 33.95 10.75
N LEU A 472 20.36 33.38 11.32
CA LEU A 472 19.04 34.01 11.37
C LEU A 472 19.02 35.26 12.23
N TYR A 473 19.59 35.19 13.43
CA TYR A 473 19.47 36.30 14.38
C TYR A 473 20.25 37.57 13.96
N PRO A 474 21.54 37.42 13.56
CA PRO A 474 22.17 38.65 13.08
C PRO A 474 21.52 39.18 11.80
N ALA A 475 21.00 38.27 10.98
CA ALA A 475 20.38 38.68 9.72
C ALA A 475 19.17 39.57 9.99
N LEU A 476 18.44 39.26 11.05
CA LEU A 476 17.24 40.01 11.41
C LEU A 476 17.56 41.43 11.86
N LEU A 477 18.65 41.59 12.60
CA LEU A 477 19.00 42.89 13.14
C LEU A 477 19.72 43.76 12.11
N VAL A 478 20.17 43.13 11.03
CA VAL A 478 20.98 43.80 10.01
C VAL A 478 20.19 43.96 8.70
N GLU A 479 19.17 43.12 8.52
CA GLU A 479 18.34 43.15 7.32
C GLU A 479 17.93 44.55 6.90
N LYS A 480 17.84 44.78 5.59
CA LYS A 480 17.32 46.04 5.07
C LYS A 480 15.88 46.23 5.52
N PRO A 481 15.61 47.35 6.22
CA PRO A 481 14.26 47.65 6.68
C PRO A 481 13.33 47.98 5.52
N ARG A 482 12.04 47.71 5.67
CA ARG A 482 11.03 48.27 4.78
C ARG A 482 11.11 49.79 4.88
N PRO A 483 10.72 50.50 3.80
CA PRO A 483 10.72 51.97 3.81
C PRO A 483 10.08 52.57 5.06
N ASP A 484 10.88 53.29 5.84
CA ASP A 484 10.45 53.92 7.08
C ASP A 484 9.81 52.95 8.07
N ALA A 485 10.25 51.69 8.05
CA ALA A 485 9.73 50.69 8.97
C ALA A 485 10.79 50.21 9.97
N ILE A 486 10.32 49.61 11.06
CA ILE A 486 11.19 49.17 12.15
C ILE A 486 11.84 47.82 11.83
N PHE A 487 11.21 47.06 10.94
CA PHE A 487 11.60 45.69 10.64
C PHE A 487 11.85 45.48 9.14
N GLY A 488 12.65 44.48 8.81
CA GLY A 488 12.77 44.00 7.45
C GLY A 488 11.69 42.97 7.14
N GLU A 489 11.80 42.31 5.99
CA GLU A 489 10.81 41.33 5.55
C GLU A 489 10.76 40.06 6.39
N THR A 490 11.93 39.56 6.77
CA THR A 490 12.03 38.28 7.45
C THR A 490 11.40 38.32 8.85
N MET A 491 11.63 39.43 9.56
CA MET A 491 11.07 39.59 10.89
C MET A 491 9.55 39.49 10.88
N VAL A 492 8.91 40.24 9.98
CA VAL A 492 7.46 40.28 9.88
C VAL A 492 6.88 38.94 9.47
N GLU A 493 7.47 38.31 8.45
CA GLU A 493 6.93 37.08 7.88
C GLU A 493 7.16 35.86 8.78
N LEU A 494 8.14 35.97 9.68
CA LEU A 494 8.37 34.93 10.67
C LEU A 494 7.54 35.20 11.91
N GLY A 495 7.46 36.46 12.30
CA GLY A 495 6.83 36.85 13.55
C GLY A 495 5.32 36.81 13.56
N ALA A 496 4.69 37.22 12.48
CA ALA A 496 3.24 37.26 12.41
C ALA A 496 2.59 35.87 12.59
N PRO A 497 3.10 34.81 11.93
CA PRO A 497 2.46 33.52 12.15
C PRO A 497 2.55 33.02 13.60
N PHE A 498 3.74 33.07 14.19
CA PHE A 498 3.93 32.67 15.58
C PHE A 498 3.02 33.47 16.52
N SER A 499 3.00 34.78 16.32
CA SER A 499 2.24 35.69 17.16
C SER A 499 0.74 35.43 17.14
N LEU A 500 0.19 35.28 15.94
CA LEU A 500 -1.25 35.18 15.79
C LEU A 500 -1.75 33.79 16.23
N LYS A 501 -0.89 32.79 16.07
CA LYS A 501 -1.15 31.47 16.61
C LYS A 501 -1.25 31.50 18.14
N GLY A 502 -0.33 32.21 18.78
CA GLY A 502 -0.36 32.35 20.22
C GLY A 502 -1.59 33.10 20.69
N LEU A 503 -1.91 34.19 20.00
CA LEU A 503 -3.05 35.01 20.36
C LEU A 503 -4.37 34.27 20.13
N MET A 504 -4.56 33.72 18.94
CA MET A 504 -5.85 33.14 18.58
C MET A 504 -6.00 31.69 19.05
N GLY A 505 -4.89 31.02 19.29
CA GLY A 505 -4.91 29.64 19.78
C GLY A 505 -5.41 29.50 21.21
N ASN A 506 -5.40 30.60 21.96
CA ASN A 506 -5.88 30.61 23.34
C ASN A 506 -7.31 30.06 23.46
N PRO A 507 -7.56 29.23 24.48
CA PRO A 507 -8.87 28.57 24.62
C PRO A 507 -10.04 29.53 24.77
N ILE A 508 -9.82 30.74 25.28
CA ILE A 508 -10.94 31.68 25.40
C ILE A 508 -11.43 32.12 24.02
N CYS A 509 -10.64 31.87 22.98
CA CYS A 509 -11.05 32.21 21.63
C CYS A 509 -11.90 31.10 20.99
N SER A 510 -11.91 29.93 21.61
CA SER A 510 -12.71 28.82 21.08
C SER A 510 -14.19 29.10 21.29
N PRO A 511 -15.03 28.57 20.39
CA PRO A 511 -16.48 28.82 20.47
C PRO A 511 -17.09 28.43 21.82
N GLN A 512 -16.52 27.45 22.51
CA GLN A 512 -17.08 27.03 23.80
C GLN A 512 -16.81 28.06 24.89
N TYR A 513 -15.69 28.76 24.80
CA TYR A 513 -15.35 29.79 25.78
C TYR A 513 -15.83 31.18 25.39
N TRP A 514 -15.88 31.48 24.09
CA TRP A 514 -16.10 32.85 23.64
C TRP A 514 -17.57 33.26 23.68
N LYS A 515 -18.08 33.44 24.89
CA LYS A 515 -19.46 33.85 25.10
C LYS A 515 -19.52 34.62 26.42
N PRO A 516 -20.50 35.53 26.55
CA PRO A 516 -20.61 36.43 27.72
C PRO A 516 -20.55 35.74 29.08
N SER A 517 -21.20 34.59 29.22
CA SER A 517 -21.28 33.94 30.53
C SER A 517 -19.93 33.45 31.02
N THR A 518 -19.00 33.24 30.09
CA THR A 518 -17.63 32.87 30.46
C THR A 518 -16.99 34.00 31.26
N PHE A 519 -17.34 35.22 30.92
CA PHE A 519 -16.71 36.39 31.53
C PHE A 519 -17.66 37.13 32.46
N GLY A 520 -18.58 36.38 33.09
CA GLY A 520 -19.48 36.93 34.10
C GLY A 520 -20.63 37.73 33.54
N GLY A 521 -20.91 37.58 32.25
CA GLY A 521 -22.01 38.29 31.63
C GLY A 521 -21.59 39.34 30.61
N GLU A 522 -22.58 40.05 30.08
CA GLU A 522 -22.38 41.05 29.04
C GLU A 522 -21.44 42.17 29.46
N VAL A 523 -21.45 42.51 30.75
CA VAL A 523 -20.58 43.56 31.27
C VAL A 523 -19.11 43.15 31.23
N GLY A 524 -18.81 41.94 31.68
CA GLY A 524 -17.46 41.42 31.61
C GLY A 524 -16.98 41.26 30.19
N PHE A 525 -17.92 40.87 29.31
CA PHE A 525 -17.63 40.66 27.89
C PHE A 525 -17.27 41.98 27.20
N LYS A 526 -17.87 43.06 27.67
CA LYS A 526 -17.69 44.37 27.06
C LYS A 526 -16.31 44.93 27.41
N ILE A 527 -15.83 44.58 28.60
CA ILE A 527 -14.50 44.98 29.04
C ILE A 527 -13.44 44.46 28.07
N ILE A 528 -13.58 43.21 27.65
CA ILE A 528 -12.66 42.64 26.70
C ILE A 528 -12.80 43.31 25.35
N ASN A 529 -14.04 43.44 24.89
CA ASN A 529 -14.28 43.89 23.53
C ASN A 529 -14.10 45.40 23.33
N THR A 530 -13.85 46.14 24.42
CA THR A 530 -13.57 47.57 24.31
C THR A 530 -12.21 47.95 24.86
N ALA A 531 -11.36 46.96 25.13
CA ALA A 531 -10.05 47.23 25.70
C ALA A 531 -9.11 47.88 24.69
N SER A 532 -8.26 48.76 25.19
CA SER A 532 -7.23 49.42 24.41
C SER A 532 -6.11 49.80 25.38
N ILE A 533 -4.91 49.98 24.86
CA ILE A 533 -3.80 50.38 25.73
C ILE A 533 -4.11 51.74 26.37
N GLN A 534 -4.79 52.60 25.62
CA GLN A 534 -5.24 53.89 26.13
C GLN A 534 -6.19 53.70 27.31
N SER A 535 -7.26 52.91 27.11
CA SER A 535 -8.24 52.70 28.17
C SER A 535 -7.62 52.02 29.39
N LEU A 536 -6.66 51.13 29.15
CA LEU A 536 -5.95 50.45 30.23
C LEU A 536 -5.26 51.47 31.15
N ILE A 537 -4.59 52.44 30.53
CA ILE A 537 -3.86 53.47 31.27
C ILE A 537 -4.83 54.47 31.88
N CYS A 538 -5.83 54.88 31.12
CA CYS A 538 -6.80 55.86 31.62
C CYS A 538 -7.56 55.36 32.85
N ASN A 539 -7.90 54.08 32.87
CA ASN A 539 -8.64 53.52 34.00
C ASN A 539 -7.79 53.31 35.24
N ASN A 540 -6.49 53.12 35.06
CA ASN A 540 -5.63 52.65 36.15
C ASN A 540 -4.49 53.58 36.51
N VAL A 541 -4.35 54.67 35.77
CA VAL A 541 -3.31 55.64 36.07
C VAL A 541 -3.95 56.97 36.42
N LYS A 542 -3.51 57.56 37.53
CA LYS A 542 -4.07 58.80 38.04
C LYS A 542 -3.96 59.94 37.04
N GLY A 543 -5.07 60.65 36.83
CA GLY A 543 -5.11 61.73 35.86
C GLY A 543 -5.50 61.29 34.47
N CYS A 544 -5.55 59.98 34.24
CA CYS A 544 -5.88 59.42 32.93
C CYS A 544 -5.01 60.05 31.83
N PRO A 545 -3.68 59.86 31.91
CA PRO A 545 -2.79 60.47 30.94
C PRO A 545 -2.95 59.83 29.57
N PHE A 546 -2.68 60.59 28.52
CA PHE A 546 -2.74 60.06 27.17
C PHE A 546 -1.61 59.06 26.92
N THR A 547 -1.90 58.00 26.17
CA THR A 547 -0.86 57.05 25.80
C THR A 547 -1.05 56.51 24.39
N SER A 548 -0.02 55.81 23.92
CA SER A 548 0.06 55.32 22.56
C SER A 548 1.38 54.57 22.42
N PHE A 549 1.47 53.72 21.40
CA PHE A 549 2.69 52.94 21.18
C PHE A 549 3.65 53.67 20.26
N ASN A 550 3.27 54.88 19.89
CA ASN A 550 4.05 55.67 18.95
C ASN A 550 4.19 57.14 19.44
N VAL A 551 5.34 57.77 19.15
CA VAL A 551 5.56 59.14 19.63
C VAL A 551 4.54 60.13 19.11
N GLN A 552 3.89 60.80 20.07
CA GLN A 552 2.84 61.75 19.78
C GLN A 552 3.37 62.90 18.93
N ALA B 1 -29.22 27.56 47.69
CA ALA B 1 -29.17 29.02 47.55
C ALA B 1 -28.87 29.41 46.12
N ASN B 2 -27.87 28.74 45.52
CA ASN B 2 -27.50 28.97 44.14
C ASN B 2 -28.68 28.77 43.20
N PRO B 3 -29.08 29.84 42.50
CA PRO B 3 -30.26 29.82 41.61
C PRO B 3 -30.08 28.94 40.37
N CYS B 4 -28.89 28.38 40.18
CA CYS B 4 -28.64 27.50 39.04
C CYS B 4 -28.70 26.03 39.43
N CYS B 5 -29.12 25.76 40.66
CA CYS B 5 -29.12 24.41 41.20
C CYS B 5 -30.14 23.51 40.49
N SER B 6 -31.21 24.09 39.96
CA SER B 6 -32.24 23.30 39.29
C SER B 6 -31.85 22.90 37.87
N ASN B 7 -30.66 23.33 37.44
CA ASN B 7 -30.22 23.13 36.06
C ASN B 7 -31.24 23.63 35.04
N PRO B 8 -31.65 24.90 35.15
CA PRO B 8 -32.79 25.39 34.36
C PRO B 8 -32.45 25.63 32.89
N CYS B 9 -31.17 25.58 32.54
CA CYS B 9 -30.76 25.84 31.17
C CYS B 9 -30.73 24.57 30.33
N GLN B 10 -31.51 24.56 29.25
CA GLN B 10 -31.61 23.40 28.38
C GLN B 10 -30.74 23.53 27.14
N ASN B 11 -30.58 22.43 26.43
CA ASN B 11 -29.90 22.40 25.13
C ASN B 11 -28.46 22.93 25.17
N ARG B 12 -27.77 22.63 26.25
CA ARG B 12 -26.35 22.96 26.44
C ARG B 12 -26.10 24.47 26.57
N GLY B 13 -27.14 25.22 26.88
CA GLY B 13 -26.99 26.61 27.28
C GLY B 13 -26.39 26.67 28.68
N GLU B 14 -25.71 27.77 28.99
CA GLU B 14 -25.00 27.88 30.27
C GLU B 14 -25.75 28.73 31.29
N CYS B 15 -25.75 28.27 32.54
CA CYS B 15 -26.42 29.00 33.61
C CYS B 15 -25.46 29.90 34.40
N MET B 16 -25.93 31.09 34.75
CA MET B 16 -25.14 32.04 35.52
C MET B 16 -26.05 32.80 36.48
N SER B 17 -25.64 32.92 37.73
CA SER B 17 -26.40 33.71 38.68
C SER B 17 -26.24 35.19 38.34
N THR B 18 -27.29 35.96 38.57
CA THR B 18 -27.22 37.41 38.38
C THR B 18 -27.58 38.12 39.67
N GLY B 19 -27.96 37.34 40.68
CA GLY B 19 -28.29 37.87 41.99
C GLY B 19 -28.26 36.73 42.97
N PHE B 20 -28.67 37.00 44.21
CA PHE B 20 -28.67 35.95 45.22
C PHE B 20 -29.72 34.86 44.92
N ASP B 21 -30.74 35.22 44.15
CA ASP B 21 -31.82 34.27 43.84
C ASP B 21 -32.32 34.39 42.41
N GLN B 22 -31.46 34.90 41.51
CA GLN B 22 -31.84 35.07 40.10
C GLN B 22 -30.75 34.53 39.18
N TYR B 23 -31.15 33.95 38.05
CA TYR B 23 -30.17 33.40 37.12
C TYR B 23 -30.40 33.92 35.69
N LYS B 24 -29.45 33.59 34.80
CA LYS B 24 -29.53 33.95 33.39
C LYS B 24 -28.98 32.80 32.56
N CYS B 25 -29.62 32.52 31.42
CA CYS B 25 -29.13 31.48 30.52
C CYS B 25 -28.43 32.08 29.31
N ASP B 26 -27.19 31.66 29.08
CA ASP B 26 -26.46 32.03 27.88
C ASP B 26 -26.77 31.02 26.77
N CYS B 27 -27.56 31.45 25.78
CA CYS B 27 -28.04 30.56 24.73
C CYS B 27 -27.16 30.61 23.49
N THR B 28 -25.97 31.17 23.61
CA THR B 28 -25.08 31.36 22.45
C THR B 28 -24.77 30.05 21.73
N ARG B 29 -24.99 30.06 20.41
CA ARG B 29 -24.66 28.93 19.54
C ARG B 29 -25.27 27.60 19.98
N THR B 30 -26.49 27.63 20.52
CA THR B 30 -27.19 26.40 20.89
C THR B 30 -28.25 26.05 19.87
N GLY B 31 -28.69 27.06 19.12
CA GLY B 31 -29.80 26.88 18.19
C GLY B 31 -31.11 27.25 18.85
N PHE B 32 -31.06 27.67 20.10
CA PHE B 32 -32.25 28.03 20.86
C PHE B 32 -32.11 29.40 21.49
N TYR B 33 -33.22 29.94 21.97
CA TYR B 33 -33.21 31.18 22.75
C TYR B 33 -34.32 31.14 23.78
N GLY B 34 -34.58 32.27 24.42
CA GLY B 34 -35.58 32.33 25.48
C GLY B 34 -34.94 32.11 26.83
N GLU B 35 -35.72 32.28 27.90
CA GLU B 35 -35.20 32.26 29.26
C GLU B 35 -34.41 31.00 29.59
N ASN B 36 -34.88 29.86 29.09
CA ASN B 36 -34.24 28.58 29.39
C ASN B 36 -33.63 27.90 28.18
N CYS B 37 -33.46 28.67 27.10
CA CYS B 37 -32.94 28.15 25.83
C CYS B 37 -33.80 26.99 25.32
N THR B 38 -35.12 27.15 25.37
CA THR B 38 -36.00 26.05 24.99
C THR B 38 -36.78 26.34 23.70
N THR B 39 -36.97 27.61 23.38
CA THR B 39 -37.65 27.95 22.14
C THR B 39 -36.65 27.94 20.98
N PRO B 40 -36.86 27.02 20.02
CA PRO B 40 -35.90 26.76 18.94
C PRO B 40 -35.95 27.78 17.81
N GLU B 41 -34.80 28.00 17.19
CA GLU B 41 -34.73 28.81 15.98
C GLU B 41 -35.23 27.98 14.80
N PHE B 42 -35.36 28.62 13.64
CA PHE B 42 -35.97 27.97 12.48
C PHE B 42 -35.18 26.76 12.02
N LEU B 43 -33.90 26.95 11.72
CA LEU B 43 -33.03 25.86 11.26
C LEU B 43 -33.00 24.72 12.28
N THR B 44 -33.09 25.08 13.55
CA THR B 44 -33.07 24.08 14.61
C THR B 44 -34.28 23.17 14.53
N ARG B 45 -35.46 23.75 14.35
CA ARG B 45 -36.69 22.96 14.27
C ARG B 45 -36.68 22.03 13.07
N ILE B 46 -36.01 22.44 12.01
CA ILE B 46 -35.81 21.60 10.83
C ILE B 46 -34.93 20.39 11.14
N LYS B 47 -33.80 20.65 11.80
CA LYS B 47 -32.86 19.60 12.16
C LYS B 47 -33.47 18.61 13.15
N LEU B 48 -34.20 19.13 14.14
CA LEU B 48 -34.78 18.28 15.17
C LEU B 48 -35.80 17.30 14.60
N LEU B 49 -36.53 17.73 13.58
CA LEU B 49 -37.54 16.89 12.94
C LEU B 49 -36.93 16.03 11.84
N LEU B 50 -35.63 16.17 11.63
CA LEU B 50 -34.94 15.37 10.63
C LEU B 50 -33.95 14.40 11.29
N LYS B 51 -33.41 14.79 12.43
CA LYS B 51 -32.49 13.93 13.15
C LYS B 51 -33.20 12.71 13.71
N PRO B 52 -32.81 11.52 13.23
CA PRO B 52 -33.40 10.27 13.73
C PRO B 52 -32.85 9.91 15.11
N THR B 53 -33.64 9.26 15.94
CA THR B 53 -33.17 8.80 17.20
C THR B 53 -31.99 7.89 17.07
N PRO B 54 -31.22 7.78 18.14
CA PRO B 54 -30.10 6.84 18.21
C PRO B 54 -30.50 5.37 18.07
N ASN B 55 -31.67 5.01 18.60
CA ASN B 55 -32.16 3.64 18.47
C ASN B 55 -32.50 3.31 17.03
N THR B 56 -33.01 4.30 16.31
CA THR B 56 -33.32 4.13 14.89
C THR B 56 -32.04 3.94 14.09
N VAL B 57 -31.05 4.77 14.35
CA VAL B 57 -29.76 4.70 13.66
C VAL B 57 -29.04 3.38 13.99
N TRP B 58 -29.13 2.96 15.25
CA TRP B 58 -28.60 1.68 15.68
C TRP B 58 -29.25 0.53 14.92
N TYR B 59 -30.57 0.63 14.75
CA TYR B 59 -31.34 -0.39 14.04
C TYR B 59 -30.84 -0.56 12.61
N ILE B 60 -30.62 0.56 11.93
CA ILE B 60 -30.16 0.56 10.55
C ILE B 60 -28.75 -0.02 10.46
N LEU B 61 -27.92 0.34 11.43
CA LEU B 61 -26.52 -0.08 11.45
C LEU B 61 -26.36 -1.58 11.69
N THR B 62 -27.30 -2.16 12.44
CA THR B 62 -27.17 -3.57 12.86
C THR B 62 -28.02 -4.52 12.01
N HIS B 63 -28.74 -3.98 11.05
CA HIS B 63 -29.52 -4.80 10.12
C HIS B 63 -29.10 -4.55 8.69
N PHE B 64 -29.77 -5.24 7.76
CA PHE B 64 -29.46 -5.15 6.34
C PHE B 64 -28.01 -5.53 6.05
N LYS B 65 -27.63 -6.74 6.43
CA LYS B 65 -26.24 -7.18 6.31
C LYS B 65 -25.77 -7.20 4.85
N GLY B 66 -26.69 -7.50 3.93
CA GLY B 66 -26.37 -7.54 2.51
C GLY B 66 -26.05 -6.17 1.94
N VAL B 67 -26.82 -5.17 2.35
CA VAL B 67 -26.60 -3.80 1.90
C VAL B 67 -25.25 -3.29 2.39
N TRP B 68 -24.95 -3.54 3.66
CA TRP B 68 -23.68 -3.13 4.24
C TRP B 68 -22.51 -3.89 3.63
N ASN B 69 -22.80 -5.07 3.07
CA ASN B 69 -21.77 -5.85 2.42
C ASN B 69 -21.32 -5.16 1.13
N ILE B 70 -22.28 -4.56 0.42
CA ILE B 70 -21.98 -3.78 -0.77
C ILE B 70 -21.21 -2.51 -0.39
N VAL B 71 -21.75 -1.80 0.59
CA VAL B 71 -21.16 -0.55 1.05
C VAL B 71 -19.72 -0.75 1.56
N ASN B 72 -19.50 -1.79 2.35
CA ASN B 72 -18.17 -2.07 2.90
C ASN B 72 -17.12 -2.34 1.82
N ASN B 73 -17.58 -2.71 0.62
CA ASN B 73 -16.68 -3.01 -0.49
C ASN B 73 -16.58 -1.86 -1.47
N ILE B 74 -17.18 -0.73 -1.11
CA ILE B 74 -17.07 0.49 -1.91
C ILE B 74 -16.34 1.55 -1.11
N PRO B 75 -15.02 1.68 -1.33
CA PRO B 75 -14.09 2.56 -0.61
C PRO B 75 -14.60 3.98 -0.42
N PHE B 76 -15.16 4.58 -1.46
CA PHE B 76 -15.63 5.96 -1.37
C PHE B 76 -16.87 6.03 -0.50
N LEU B 77 -17.73 5.01 -0.59
CA LEU B 77 -18.92 4.96 0.23
C LEU B 77 -18.57 4.67 1.69
N ARG B 78 -17.68 3.71 1.89
CA ARG B 78 -17.23 3.37 3.24
C ARG B 78 -16.64 4.57 3.94
N SER B 79 -15.74 5.26 3.24
CA SER B 79 -15.07 6.43 3.79
C SER B 79 -16.06 7.54 4.09
N LEU B 80 -17.05 7.69 3.21
CA LEU B 80 -18.09 8.69 3.39
C LEU B 80 -18.87 8.44 4.67
N ILE B 81 -19.25 7.19 4.92
CA ILE B 81 -20.01 6.86 6.10
C ILE B 81 -19.15 7.05 7.35
N MET B 82 -17.94 6.51 7.32
CA MET B 82 -17.03 6.62 8.46
C MET B 82 -16.75 8.07 8.81
N LYS B 83 -16.77 8.94 7.80
CA LYS B 83 -16.55 10.37 8.02
C LYS B 83 -17.67 10.96 8.85
N TYR B 84 -18.91 10.64 8.50
CA TYR B 84 -20.08 11.17 9.19
C TYR B 84 -20.13 10.73 10.65
N VAL B 85 -19.89 9.44 10.91
CA VAL B 85 -19.95 8.92 12.27
C VAL B 85 -18.83 9.53 13.11
N LEU B 86 -17.77 9.97 12.45
CA LEU B 86 -16.64 10.59 13.12
C LEU B 86 -17.00 12.01 13.57
N THR B 87 -17.53 12.79 12.64
CA THR B 87 -17.78 14.21 12.88
C THR B 87 -18.89 14.43 13.92
N SER B 88 -19.99 13.69 13.78
CA SER B 88 -21.13 13.83 14.67
C SER B 88 -20.84 13.35 16.10
N ARG B 89 -20.06 12.28 16.25
CA ARG B 89 -19.67 11.83 17.60
C ARG B 89 -18.76 12.88 18.24
N SER B 90 -17.96 13.55 17.42
CA SER B 90 -16.97 14.48 17.93
C SER B 90 -17.58 15.78 18.46
N TYR B 91 -18.59 16.31 17.76
CA TYR B 91 -19.15 17.60 18.12
C TYR B 91 -19.84 17.58 19.49
N LEU B 92 -20.12 16.38 19.99
CA LEU B 92 -20.73 16.24 21.32
C LEU B 92 -19.75 16.56 22.46
N ILE B 93 -18.46 16.60 22.14
CA ILE B 93 -17.43 16.77 23.17
C ILE B 93 -16.84 18.19 23.18
N ASP B 94 -16.78 18.80 24.36
CA ASP B 94 -16.18 20.13 24.51
C ASP B 94 -14.66 20.05 24.40
N SER B 95 -14.10 20.82 23.47
CA SER B 95 -12.67 20.74 23.21
C SER B 95 -12.16 22.04 22.58
N PRO B 96 -11.27 22.78 23.28
CA PRO B 96 -10.65 22.54 24.60
C PRO B 96 -11.63 22.42 25.76
N PRO B 97 -11.24 21.66 26.80
CA PRO B 97 -12.13 21.27 27.89
C PRO B 97 -12.57 22.42 28.78
N THR B 98 -13.65 22.18 29.52
CA THR B 98 -14.27 23.21 30.34
C THR B 98 -14.19 22.89 31.84
N TYR B 99 -15.17 22.14 32.34
CA TYR B 99 -15.31 22.00 33.79
C TYR B 99 -14.55 20.82 34.39
N ASN B 100 -14.35 20.86 35.70
CA ASN B 100 -13.89 19.70 36.45
C ASN B 100 -14.59 19.65 37.81
N VAL B 101 -14.14 18.76 38.69
CA VAL B 101 -14.86 18.51 39.94
C VAL B 101 -14.92 19.75 40.85
N HIS B 102 -13.93 20.62 40.76
CA HIS B 102 -13.90 21.83 41.60
C HIS B 102 -14.42 23.08 40.90
N TYR B 103 -14.74 23.00 39.61
CA TYR B 103 -15.20 24.18 38.90
C TYR B 103 -16.43 23.94 38.02
N GLY B 104 -17.54 24.56 38.42
CA GLY B 104 -18.79 24.50 37.66
C GLY B 104 -18.95 25.72 36.79
N TYR B 105 -17.86 26.46 36.64
CA TYR B 105 -17.78 27.56 35.69
C TYR B 105 -16.42 27.46 35.00
N LYS B 106 -16.33 27.96 33.78
CA LYS B 106 -15.06 28.01 33.08
C LYS B 106 -14.04 28.85 33.87
N SER B 107 -12.83 28.32 34.04
CA SER B 107 -11.76 29.06 34.67
C SER B 107 -10.43 28.64 34.07
N TRP B 108 -9.40 29.45 34.25
CA TRP B 108 -8.09 29.08 33.72
C TRP B 108 -7.51 27.90 34.51
N GLU B 109 -7.83 27.84 35.80
CA GLU B 109 -7.39 26.73 36.64
C GLU B 109 -7.93 25.42 36.09
N ALA B 110 -9.23 25.40 35.77
CA ALA B 110 -9.85 24.19 35.24
C ALA B 110 -9.29 23.84 33.87
N PHE B 111 -8.98 24.84 33.06
CA PHE B 111 -8.40 24.54 31.75
C PHE B 111 -6.94 24.06 31.83
N SER B 112 -6.11 24.75 32.61
CA SER B 112 -4.66 24.52 32.58
C SER B 112 -4.18 23.34 33.40
N ASN B 113 -4.87 23.03 34.49
CA ASN B 113 -4.41 22.04 35.45
C ASN B 113 -4.70 20.62 34.95
N LEU B 114 -3.67 19.95 34.46
CA LEU B 114 -3.84 18.67 33.79
C LEU B 114 -4.06 17.51 34.77
N SER B 115 -3.97 17.80 36.06
CA SER B 115 -4.19 16.78 37.08
C SER B 115 -5.66 16.41 37.26
N TYR B 116 -6.56 17.23 36.71
CA TYR B 116 -8.00 16.96 36.82
C TYR B 116 -8.50 16.11 35.66
N TYR B 117 -9.41 15.19 35.95
CA TYR B 117 -10.30 14.70 34.91
C TYR B 117 -11.20 15.87 34.54
N THR B 118 -11.39 16.12 33.25
CA THR B 118 -12.36 17.13 32.83
C THR B 118 -13.76 16.59 33.10
N ARG B 119 -14.78 17.40 32.84
CA ARG B 119 -16.15 16.98 33.11
C ARG B 119 -17.10 17.37 31.98
N ALA B 120 -17.93 16.42 31.57
CA ALA B 120 -18.92 16.67 30.51
C ALA B 120 -20.07 17.55 30.99
N LEU B 121 -20.50 17.37 32.24
CA LEU B 121 -21.43 18.29 32.87
C LEU B 121 -20.84 18.85 34.15
N PRO B 122 -21.03 20.14 34.41
CA PRO B 122 -20.51 20.72 35.66
C PRO B 122 -21.04 19.97 36.90
N PRO B 123 -20.29 20.03 38.00
CA PRO B 123 -20.77 19.44 39.25
C PRO B 123 -21.94 20.21 39.81
N VAL B 124 -22.78 19.53 40.60
CA VAL B 124 -23.81 20.19 41.38
C VAL B 124 -23.13 21.01 42.48
N ALA B 125 -23.50 22.29 42.59
CA ALA B 125 -22.85 23.18 43.55
C ALA B 125 -23.06 22.71 44.99
N ASP B 126 -22.06 22.96 45.84
CA ASP B 126 -22.09 22.47 47.21
C ASP B 126 -23.24 23.01 48.04
N ASP B 127 -23.76 24.19 47.68
CA ASP B 127 -24.82 24.79 48.47
C ASP B 127 -26.22 24.48 47.93
N CYS B 128 -26.33 23.44 47.11
CA CYS B 128 -27.64 23.00 46.62
C CYS B 128 -28.35 22.18 47.70
N PRO B 129 -29.69 22.30 47.76
CA PRO B 129 -30.48 21.61 48.79
C PRO B 129 -30.43 20.09 48.67
N THR B 130 -30.37 19.56 47.44
CA THR B 130 -30.30 18.12 47.22
C THR B 130 -29.09 17.75 46.36
N PRO B 131 -28.60 16.51 46.50
CA PRO B 131 -27.44 16.04 45.73
C PRO B 131 -27.57 16.23 44.21
N MET B 132 -28.79 16.21 43.68
CA MET B 132 -28.99 16.34 42.25
C MET B 132 -29.33 17.77 41.85
N GLY B 133 -29.30 18.65 42.83
CA GLY B 133 -29.65 20.05 42.61
C GLY B 133 -30.77 20.49 43.53
N VAL B 134 -32.00 20.20 43.13
CA VAL B 134 -33.17 20.65 43.90
C VAL B 134 -34.22 19.52 44.04
N LYS B 135 -34.08 18.49 43.22
CA LYS B 135 -35.01 17.35 43.24
C LYS B 135 -34.55 16.24 44.20
N GLY B 136 -35.48 15.38 44.62
CA GLY B 136 -35.16 14.26 45.47
C GLY B 136 -35.14 14.59 46.94
N ASN B 137 -34.61 13.68 47.75
CA ASN B 137 -34.45 13.90 49.18
C ASN B 137 -33.09 14.49 49.50
N LYS B 138 -32.85 14.81 50.77
CA LYS B 138 -31.56 15.35 51.20
C LYS B 138 -30.43 14.35 50.98
N GLU B 139 -30.77 13.07 51.03
CA GLU B 139 -29.78 12.03 50.79
C GLU B 139 -30.24 11.06 49.71
N LEU B 140 -29.32 10.73 48.81
CA LEU B 140 -29.54 9.68 47.83
C LEU B 140 -29.77 8.34 48.57
N PRO B 141 -30.51 7.41 47.93
CA PRO B 141 -30.74 6.12 48.58
C PRO B 141 -29.45 5.40 48.93
N ASP B 142 -29.52 4.51 49.90
CA ASP B 142 -28.37 3.79 50.41
C ASP B 142 -27.69 3.02 49.29
N SER B 143 -26.40 3.29 49.08
CA SER B 143 -25.70 2.68 47.94
C SER B 143 -25.55 1.17 48.11
N LYS B 144 -25.46 0.71 49.36
CA LYS B 144 -25.45 -0.72 49.64
C LYS B 144 -26.75 -1.34 49.12
N GLU B 145 -27.87 -0.67 49.38
CA GLU B 145 -29.18 -1.10 48.93
C GLU B 145 -29.27 -1.20 47.41
N VAL B 146 -28.83 -0.16 46.71
CA VAL B 146 -28.81 -0.16 45.25
C VAL B 146 -27.97 -1.34 44.73
N LEU B 147 -26.77 -1.45 45.28
CA LEU B 147 -25.80 -2.47 44.91
C LEU B 147 -26.40 -3.88 45.04
N GLU B 148 -27.00 -4.16 46.19
CA GLU B 148 -27.50 -5.51 46.47
C GLU B 148 -28.79 -5.83 45.70
N LYS B 149 -29.69 -4.87 45.61
CA LYS B 149 -30.98 -5.15 45.00
C LYS B 149 -30.96 -5.22 43.47
N VAL B 150 -30.23 -4.33 42.80
CA VAL B 150 -30.31 -4.30 41.35
C VAL B 150 -28.99 -4.51 40.59
N LEU B 151 -27.86 -4.60 41.30
CA LEU B 151 -26.58 -4.76 40.61
C LEU B 151 -25.88 -6.10 40.82
N LEU B 152 -25.95 -6.67 42.02
CA LEU B 152 -25.19 -7.87 42.32
C LEU B 152 -25.65 -9.08 41.50
N ARG B 153 -24.71 -9.95 41.16
CA ARG B 153 -24.97 -11.12 40.33
C ARG B 153 -25.55 -12.27 41.14
N ARG B 154 -26.75 -12.72 40.76
CA ARG B 154 -27.30 -13.95 41.33
C ARG B 154 -26.66 -15.12 40.61
N GLU B 155 -26.99 -15.26 39.33
CA GLU B 155 -26.28 -16.21 38.47
C GLU B 155 -25.72 -15.50 37.25
N PHE B 156 -24.63 -16.03 36.72
CA PHE B 156 -23.92 -15.42 35.59
C PHE B 156 -24.84 -15.16 34.41
N ILE B 157 -24.78 -13.95 33.86
CA ILE B 157 -25.54 -13.63 32.66
C ILE B 157 -24.57 -13.29 31.54
N PRO B 158 -24.42 -14.22 30.58
CA PRO B 158 -23.42 -14.06 29.52
C PRO B 158 -23.81 -12.98 28.51
N ASP B 159 -22.79 -12.35 27.93
CA ASP B 159 -23.01 -11.35 26.90
C ASP B 159 -23.55 -11.99 25.64
N PRO B 160 -24.75 -11.55 25.20
CA PRO B 160 -25.36 -12.06 23.97
C PRO B 160 -24.60 -11.64 22.70
N GLN B 161 -23.69 -10.68 22.82
CA GLN B 161 -22.82 -10.33 21.69
C GLN B 161 -21.56 -11.19 21.69
N GLY B 162 -21.43 -12.06 22.69
CA GLY B 162 -20.36 -13.02 22.73
C GLY B 162 -18.97 -12.50 23.08
N SER B 163 -18.89 -11.37 23.77
CA SER B 163 -17.59 -10.86 24.23
C SER B 163 -16.86 -11.89 25.07
N ASN B 164 -15.57 -12.04 24.84
CA ASN B 164 -14.79 -13.01 25.60
C ASN B 164 -13.82 -12.33 26.57
N MET B 165 -12.93 -13.11 27.15
CA MET B 165 -11.98 -12.59 28.13
C MET B 165 -10.82 -11.88 27.45
N MET B 166 -10.58 -12.21 26.18
CA MET B 166 -9.63 -11.46 25.37
C MET B 166 -10.10 -10.02 25.25
N PHE B 167 -11.41 -9.83 25.09
CA PHE B 167 -11.97 -8.50 24.99
C PHE B 167 -11.93 -7.78 26.34
N ALA B 168 -12.32 -8.49 27.38
CA ALA B 168 -12.45 -7.90 28.71
C ALA B 168 -11.10 -7.43 29.25
N PHE B 169 -10.07 -8.26 29.08
CA PHE B 169 -8.74 -7.88 29.53
C PHE B 169 -8.14 -6.80 28.62
N PHE B 170 -8.50 -6.83 27.34
CA PHE B 170 -8.03 -5.78 26.42
C PHE B 170 -8.59 -4.43 26.85
N ALA B 171 -9.88 -4.42 27.20
CA ALA B 171 -10.55 -3.20 27.68
C ALA B 171 -9.87 -2.66 28.95
N GLN B 172 -9.57 -3.55 29.88
CA GLN B 172 -8.90 -3.17 31.11
C GLN B 172 -7.49 -2.65 30.83
N HIS B 173 -6.75 -3.36 30.00
CA HIS B 173 -5.36 -3.01 29.70
C HIS B 173 -5.25 -1.66 28.96
N PHE B 174 -5.95 -1.56 27.84
CA PHE B 174 -5.99 -0.35 27.02
C PHE B 174 -6.40 0.92 27.79
N THR B 175 -7.57 0.87 28.44
CA THR B 175 -8.08 2.07 29.11
C THR B 175 -7.30 2.43 30.36
N HIS B 176 -6.57 1.49 30.93
CA HIS B 176 -5.79 1.78 32.13
C HIS B 176 -4.55 2.62 31.82
N GLN B 177 -4.38 3.03 30.57
CA GLN B 177 -3.32 3.98 30.27
C GLN B 177 -3.84 5.40 30.43
N PHE B 178 -5.16 5.59 30.33
CA PHE B 178 -5.71 6.92 30.57
C PHE B 178 -6.77 6.97 31.68
N PHE B 179 -7.03 5.84 32.34
CA PHE B 179 -7.79 5.90 33.59
C PHE B 179 -6.83 5.55 34.74
N LYS B 180 -6.14 6.57 35.24
CA LYS B 180 -5.15 6.39 36.29
C LYS B 180 -5.44 7.33 37.46
N THR B 181 -6.46 6.99 38.24
CA THR B 181 -6.93 7.87 39.29
C THR B 181 -5.87 8.10 40.35
N ASP B 182 -5.65 9.36 40.68
CA ASP B 182 -4.72 9.74 41.73
C ASP B 182 -5.46 9.68 43.05
N HIS B 183 -5.39 8.54 43.71
CA HIS B 183 -6.16 8.30 44.92
C HIS B 183 -5.72 9.18 46.08
N LYS B 184 -4.49 9.68 46.02
CA LYS B 184 -4.00 10.60 47.04
C LYS B 184 -4.79 11.91 47.00
N ARG B 185 -5.13 12.37 45.81
CA ARG B 185 -5.80 13.65 45.62
C ARG B 185 -7.31 13.51 45.65
N GLY B 186 -7.81 12.43 45.06
CA GLY B 186 -9.25 12.21 44.99
C GLY B 186 -9.68 11.60 43.66
N PRO B 187 -10.93 11.15 43.60
CA PRO B 187 -11.48 10.47 42.42
C PRO B 187 -11.50 11.34 41.16
N GLY B 188 -11.58 12.66 41.32
CA GLY B 188 -11.62 13.56 40.19
C GLY B 188 -10.27 13.93 39.63
N PHE B 189 -9.23 13.22 40.08
CA PHE B 189 -7.85 13.51 39.68
C PHE B 189 -7.19 12.33 38.96
N THR B 190 -6.38 12.63 37.95
CA THR B 190 -5.70 11.60 37.19
C THR B 190 -4.17 11.73 37.25
N ARG B 191 -3.48 10.61 37.10
CA ARG B 191 -2.03 10.59 37.01
C ARG B 191 -1.59 10.51 35.56
N GLY B 192 -2.56 10.46 34.65
CA GLY B 192 -2.27 10.34 33.23
C GLY B 192 -2.28 11.70 32.57
N LEU B 193 -1.14 12.38 32.63
CA LEU B 193 -1.09 13.76 32.18
C LEU B 193 -1.18 13.84 30.66
N GLY B 194 -0.87 12.74 29.99
CA GLY B 194 -1.07 12.63 28.54
C GLY B 194 -2.54 12.73 28.13
N HIS B 195 -3.44 12.31 29.01
CA HIS B 195 -4.88 12.35 28.77
C HIS B 195 -5.32 11.67 27.48
N GLY B 196 -4.71 10.52 27.18
CA GLY B 196 -5.09 9.75 26.01
C GLY B 196 -4.14 8.61 25.73
N VAL B 197 -4.11 8.18 24.46
CA VAL B 197 -3.34 7.00 24.08
C VAL B 197 -1.86 7.33 23.83
N ASP B 198 -1.04 7.27 24.89
CA ASP B 198 0.39 7.50 24.73
C ASP B 198 1.20 6.26 25.06
N LEU B 199 0.51 5.18 25.39
CA LEU B 199 1.11 3.89 25.77
C LEU B 199 2.07 4.03 26.95
N ASN B 200 1.72 4.91 27.89
CA ASN B 200 2.49 5.02 29.11
C ASN B 200 2.37 3.74 29.96
N HIS B 201 1.33 2.95 29.71
CA HIS B 201 1.15 1.69 30.42
C HIS B 201 2.16 0.65 29.95
N ILE B 202 2.81 0.95 28.84
CA ILE B 202 3.90 0.11 28.32
C ILE B 202 5.26 0.76 28.58
N TYR B 203 5.33 2.07 28.38
CA TYR B 203 6.61 2.79 28.42
C TYR B 203 6.86 3.57 29.70
N GLY B 204 5.86 3.63 30.58
CA GLY B 204 6.00 4.44 31.78
C GLY B 204 5.53 5.86 31.53
N GLU B 205 5.02 6.50 32.59
CA GLU B 205 4.52 7.88 32.51
C GLU B 205 5.68 8.89 32.54
N THR B 206 6.73 8.59 33.30
CA THR B 206 7.89 9.49 33.38
C THR B 206 9.07 9.01 32.57
N LEU B 207 9.94 9.95 32.24
CA LEU B 207 11.17 9.65 31.52
C LEU B 207 12.07 8.69 32.30
N ASP B 208 12.13 8.88 33.61
CA ASP B 208 13.00 8.07 34.46
C ASP B 208 12.54 6.62 34.46
N ARG B 209 11.23 6.42 34.55
CA ARG B 209 10.66 5.08 34.49
C ARG B 209 10.93 4.45 33.12
N GLN B 210 10.74 5.25 32.06
CA GLN B 210 10.94 4.76 30.69
C GLN B 210 12.36 4.23 30.49
N HIS B 211 13.34 5.01 30.92
CA HIS B 211 14.75 4.66 30.74
C HIS B 211 15.13 3.42 31.54
N LYS B 212 14.54 3.27 32.72
CA LYS B 212 14.74 2.05 33.51
C LYS B 212 14.18 0.82 32.77
N LEU B 213 13.13 1.03 31.98
CA LEU B 213 12.52 -0.05 31.20
C LEU B 213 13.19 -0.30 29.86
N ARG B 214 13.96 0.69 29.40
CA ARG B 214 14.64 0.59 28.12
C ARG B 214 15.89 -0.27 28.16
N LEU B 215 16.18 -0.92 27.05
CA LEU B 215 17.43 -1.65 26.89
C LEU B 215 18.58 -0.74 26.46
N PHE B 216 18.22 0.38 25.82
CA PHE B 216 19.19 1.31 25.20
C PHE B 216 20.09 0.62 24.18
N LYS B 217 19.54 -0.41 23.56
CA LYS B 217 20.17 -1.10 22.44
C LYS B 217 19.11 -1.41 21.39
N ASP B 218 19.30 -0.90 20.18
CA ASP B 218 18.39 -1.14 19.06
C ASP B 218 16.96 -0.67 19.29
N GLY B 219 16.78 0.31 20.19
CA GLY B 219 15.49 0.87 20.49
C GLY B 219 14.59 -0.02 21.33
N LYS B 220 15.16 -1.09 21.88
CA LYS B 220 14.34 -2.14 22.50
C LYS B 220 14.00 -1.92 23.97
N LEU B 221 12.98 -2.63 24.42
CA LEU B 221 12.60 -2.68 25.82
C LEU B 221 13.30 -3.86 26.48
N LYS B 222 13.75 -3.67 27.72
CA LYS B 222 14.34 -4.75 28.49
C LYS B 222 13.37 -5.93 28.63
N TYR B 223 13.91 -7.14 28.72
CA TYR B 223 13.09 -8.33 28.83
C TYR B 223 13.91 -9.48 29.41
N GLN B 224 13.24 -10.57 29.75
CA GLN B 224 13.96 -11.78 30.16
C GLN B 224 13.44 -13.00 29.41
N VAL B 225 14.17 -14.12 29.51
CA VAL B 225 13.78 -15.34 28.82
C VAL B 225 13.55 -16.49 29.80
N ILE B 226 12.29 -16.90 29.93
CA ILE B 226 11.91 -18.00 30.82
C ILE B 226 11.34 -19.16 30.01
N GLY B 227 12.03 -20.29 30.03
CA GLY B 227 11.62 -21.45 29.27
C GLY B 227 11.59 -21.16 27.78
N GLY B 228 12.52 -20.33 27.32
CA GLY B 228 12.60 -19.97 25.92
C GLY B 228 11.54 -18.97 25.50
N GLU B 229 10.78 -18.46 26.47
CA GLU B 229 9.74 -17.48 26.21
C GLU B 229 10.14 -16.10 26.72
N VAL B 230 9.71 -15.05 26.01
CA VAL B 230 10.06 -13.69 26.38
C VAL B 230 9.03 -13.06 27.32
N TYR B 231 9.51 -12.59 28.46
CA TYR B 231 8.65 -11.95 29.45
C TYR B 231 9.26 -10.62 29.89
N PRO B 232 8.45 -9.76 30.54
CA PRO B 232 8.98 -8.50 31.06
C PRO B 232 10.09 -8.74 32.08
N PRO B 233 10.94 -7.74 32.32
CA PRO B 233 12.02 -7.87 33.31
C PRO B 233 11.47 -7.78 34.72
N THR B 234 12.31 -8.07 35.71
CA THR B 234 11.86 -8.05 37.10
C THR B 234 12.10 -6.69 37.74
N VAL B 235 11.46 -6.49 38.90
CA VAL B 235 11.65 -5.28 39.68
C VAL B 235 13.10 -5.16 40.17
N LYS B 236 13.66 -6.27 40.64
CA LYS B 236 15.04 -6.27 41.12
C LYS B 236 16.02 -5.87 40.03
N ASP B 237 15.76 -6.31 38.80
CA ASP B 237 16.66 -6.03 37.68
C ASP B 237 16.62 -4.58 37.21
N THR B 238 15.42 -4.01 37.11
CA THR B 238 15.25 -2.68 36.54
C THR B 238 15.04 -1.57 37.58
N GLN B 239 14.74 -1.96 38.81
CA GLN B 239 14.45 -1.02 39.89
C GLN B 239 13.23 -0.13 39.62
N VAL B 240 12.35 -0.50 38.69
CA VAL B 240 11.12 0.27 38.52
C VAL B 240 10.08 -0.23 39.52
N GLU B 241 9.32 0.71 40.08
CA GLU B 241 8.33 0.38 41.09
C GLU B 241 7.11 -0.31 40.49
N MET B 242 6.73 -1.42 41.11
CA MET B 242 5.51 -2.14 40.77
C MET B 242 4.70 -2.38 42.04
N ILE B 243 3.38 -2.46 41.90
CA ILE B 243 2.54 -2.80 43.05
C ILE B 243 2.41 -4.32 43.17
N TYR B 244 2.88 -4.85 44.30
CA TYR B 244 2.86 -6.28 44.58
C TYR B 244 2.73 -6.55 46.08
N PRO B 245 1.91 -7.54 46.45
CA PRO B 245 1.89 -7.96 47.85
C PRO B 245 3.25 -8.55 48.25
N PRO B 246 3.61 -8.46 49.54
CA PRO B 246 4.95 -8.83 50.00
C PRO B 246 5.31 -10.31 49.83
N HIS B 247 4.31 -11.20 49.69
CA HIS B 247 4.58 -12.62 49.58
C HIS B 247 4.98 -13.04 48.16
N ILE B 248 4.93 -12.10 47.22
CA ILE B 248 5.30 -12.38 45.84
C ILE B 248 6.81 -12.49 45.67
N PRO B 249 7.29 -13.65 45.19
CA PRO B 249 8.73 -13.86 44.96
C PRO B 249 9.28 -12.90 43.92
N GLU B 250 10.57 -12.57 44.02
CA GLU B 250 11.20 -11.59 43.15
C GLU B 250 11.13 -11.96 41.67
N ASN B 251 11.31 -13.24 41.37
CA ASN B 251 11.35 -13.69 39.99
C ASN B 251 10.01 -13.54 39.29
N LEU B 252 8.95 -13.31 40.07
CA LEU B 252 7.62 -13.13 39.51
C LEU B 252 7.15 -11.68 39.57
N GLN B 253 7.96 -10.80 40.17
CA GLN B 253 7.61 -9.39 40.19
C GLN B 253 8.00 -8.73 38.87
N PHE B 254 7.18 -8.93 37.85
CA PHE B 254 7.44 -8.39 36.53
C PHE B 254 7.32 -6.87 36.52
N ALA B 255 8.20 -6.21 35.77
CA ALA B 255 8.18 -4.75 35.70
C ALA B 255 7.69 -4.28 34.34
N VAL B 256 6.59 -3.53 34.33
CA VAL B 256 6.04 -3.00 33.10
C VAL B 256 5.70 -1.52 33.26
N GLY B 257 5.16 -0.91 32.22
CA GLY B 257 4.86 0.51 32.24
C GLY B 257 3.91 0.90 33.35
N GLN B 258 2.78 0.19 33.42
CA GLN B 258 1.77 0.46 34.44
C GLN B 258 2.07 -0.33 35.72
N GLU B 259 2.15 0.38 36.84
CA GLU B 259 2.56 -0.21 38.10
C GLU B 259 1.59 -1.27 38.63
N VAL B 260 0.34 -1.23 38.16
CA VAL B 260 -0.70 -2.09 38.71
C VAL B 260 -1.01 -3.30 37.82
N PHE B 261 -0.27 -3.48 36.73
CA PHE B 261 -0.54 -4.57 35.80
C PHE B 261 -0.06 -5.93 36.29
N GLY B 262 0.59 -5.98 37.44
CA GLY B 262 1.04 -7.24 38.00
C GLY B 262 -0.03 -7.95 38.80
N LEU B 263 -1.17 -7.28 38.99
CA LEU B 263 -2.20 -7.80 39.86
C LEU B 263 -3.15 -8.75 39.13
N VAL B 264 -3.17 -8.64 37.80
CA VAL B 264 -4.02 -9.52 36.98
C VAL B 264 -3.22 -10.15 35.84
N PRO B 265 -3.10 -11.48 35.85
CA PRO B 265 -2.37 -12.22 34.80
C PRO B 265 -2.91 -11.90 33.40
N GLY B 266 -4.19 -11.56 33.31
CA GLY B 266 -4.78 -11.13 32.06
C GLY B 266 -4.15 -9.83 31.58
N LEU B 267 -3.83 -8.95 32.53
CA LEU B 267 -3.16 -7.69 32.20
C LEU B 267 -1.73 -7.97 31.78
N MET B 268 -1.04 -8.76 32.59
CA MET B 268 0.35 -9.12 32.35
C MET B 268 0.53 -9.83 31.02
N MET B 269 -0.51 -10.55 30.59
CA MET B 269 -0.50 -11.23 29.31
C MET B 269 -0.39 -10.22 28.17
N TYR B 270 -1.19 -9.16 28.26
CA TYR B 270 -1.19 -8.14 27.23
C TYR B 270 0.06 -7.27 27.32
N ALA B 271 0.52 -7.03 28.55
CA ALA B 271 1.76 -6.30 28.77
C ALA B 271 2.91 -7.02 28.07
N THR B 272 2.90 -8.34 28.14
CA THR B 272 3.91 -9.16 27.50
C THR B 272 3.77 -9.10 25.99
N ILE B 273 2.55 -9.21 25.50
CA ILE B 273 2.31 -9.17 24.06
C ILE B 273 2.85 -7.89 23.44
N TRP B 274 2.46 -6.76 24.02
CA TRP B 274 2.88 -5.45 23.54
C TRP B 274 4.39 -5.22 23.68
N LEU B 275 5.00 -5.74 24.75
CA LEU B 275 6.45 -5.69 24.89
C LEU B 275 7.13 -6.43 23.75
N ARG B 276 6.59 -7.58 23.39
CA ARG B 276 7.14 -8.36 22.29
C ARG B 276 6.93 -7.63 20.97
N GLU B 277 5.77 -6.99 20.83
CA GLU B 277 5.45 -6.25 19.61
C GLU B 277 6.40 -5.05 19.40
N HIS B 278 6.68 -4.30 20.45
CA HIS B 278 7.61 -3.17 20.38
C HIS B 278 8.98 -3.61 19.89
N ASN B 279 9.50 -4.69 20.49
CA ASN B 279 10.82 -5.18 20.14
C ASN B 279 10.84 -5.79 18.74
N ARG B 280 9.70 -6.32 18.33
CA ARG B 280 9.53 -6.82 16.97
C ARG B 280 9.69 -5.67 15.98
N VAL B 281 8.97 -4.58 16.24
CA VAL B 281 9.02 -3.39 15.38
C VAL B 281 10.42 -2.77 15.35
N CYS B 282 11.12 -2.82 16.49
CA CYS B 282 12.54 -2.43 16.52
C CYS B 282 13.37 -3.25 15.53
N ASP B 283 13.12 -4.55 15.47
CA ASP B 283 13.87 -5.40 14.55
C ASP B 283 13.60 -5.05 13.10
N ILE B 284 12.34 -4.75 12.80
CA ILE B 284 11.92 -4.35 11.47
C ILE B 284 12.54 -3.01 11.08
N LEU B 285 12.46 -2.06 12.00
CA LEU B 285 12.96 -0.71 11.77
C LEU B 285 14.48 -0.68 11.65
N LYS B 286 15.16 -1.55 12.39
CA LYS B 286 16.62 -1.64 12.29
C LYS B 286 17.02 -2.22 10.94
N GLN B 287 16.25 -3.19 10.47
CA GLN B 287 16.47 -3.80 9.16
C GLN B 287 16.38 -2.75 8.07
N GLU B 288 15.41 -1.85 8.20
CA GLU B 288 15.20 -0.79 7.22
C GLU B 288 16.19 0.37 7.41
N HIS B 289 16.60 0.60 8.66
CA HIS B 289 17.48 1.72 8.95
C HIS B 289 18.69 1.31 9.79
N PRO B 290 19.71 0.73 9.15
CA PRO B 290 20.91 0.35 9.89
C PRO B 290 21.66 1.56 10.43
N GLU B 291 21.43 2.73 9.83
CA GLU B 291 22.11 3.96 10.24
C GLU B 291 21.44 4.62 11.44
N TRP B 292 20.31 4.09 11.88
CA TRP B 292 19.58 4.65 13.01
C TRP B 292 20.14 4.22 14.36
N GLY B 293 20.20 5.16 15.29
CA GLY B 293 20.62 4.84 16.65
C GLY B 293 19.47 4.29 17.49
N ASP B 294 19.79 3.90 18.71
CA ASP B 294 18.81 3.35 19.65
C ASP B 294 17.64 4.28 19.92
N GLU B 295 17.92 5.58 20.10
CA GLU B 295 16.87 6.51 20.48
C GLU B 295 15.82 6.68 19.39
N GLN B 296 16.25 6.82 18.14
CA GLN B 296 15.29 6.97 17.05
C GLN B 296 14.51 5.68 16.81
N LEU B 297 15.16 4.54 17.00
CA LEU B 297 14.48 3.26 16.85
C LEU B 297 13.37 3.14 17.89
N PHE B 298 13.67 3.51 19.13
CA PHE B 298 12.70 3.40 20.21
C PHE B 298 11.50 4.31 19.99
N GLN B 299 11.77 5.58 19.71
CA GLN B 299 10.72 6.58 19.55
C GLN B 299 9.78 6.25 18.41
N THR B 300 10.35 5.84 17.29
CA THR B 300 9.57 5.57 16.08
C THR B 300 8.70 4.34 16.31
N SER B 301 9.29 3.31 16.92
CA SER B 301 8.55 2.10 17.29
C SER B 301 7.33 2.45 18.14
N ARG B 302 7.55 3.29 19.15
CA ARG B 302 6.49 3.76 20.02
C ARG B 302 5.39 4.47 19.24
N LEU B 303 5.78 5.30 18.28
CA LEU B 303 4.80 5.98 17.44
C LEU B 303 4.01 4.96 16.63
N ILE B 304 4.70 3.90 16.20
CA ILE B 304 4.07 2.88 15.38
C ILE B 304 3.07 2.09 16.23
N LEU B 305 3.47 1.68 17.43
CA LEU B 305 2.58 0.98 18.34
C LEU B 305 1.39 1.84 18.77
N ILE B 306 1.58 3.16 18.86
CA ILE B 306 0.46 4.04 19.13
C ILE B 306 -0.54 3.92 17.98
N GLY B 307 -0.03 3.92 16.75
CA GLY B 307 -0.87 3.70 15.58
C GLY B 307 -1.58 2.36 15.59
N GLU B 308 -0.87 1.30 15.96
CA GLU B 308 -1.45 -0.04 15.98
C GLU B 308 -2.61 -0.09 16.95
N THR B 309 -2.38 0.44 18.14
CA THR B 309 -3.39 0.54 19.17
C THR B 309 -4.67 1.17 18.63
N ILE B 310 -4.56 2.39 18.12
CA ILE B 310 -5.73 3.11 17.61
C ILE B 310 -6.43 2.33 16.49
N LYS B 311 -5.63 1.74 15.60
CA LYS B 311 -6.13 0.87 14.54
C LYS B 311 -6.98 -0.28 15.12
N ILE B 312 -6.36 -1.08 15.98
CA ILE B 312 -7.01 -2.22 16.60
C ILE B 312 -8.24 -1.82 17.43
N VAL B 313 -8.17 -0.69 18.11
CA VAL B 313 -9.27 -0.24 18.96
C VAL B 313 -10.49 0.12 18.13
N ILE B 314 -10.29 0.79 17.01
CA ILE B 314 -11.41 1.17 16.16
C ILE B 314 -11.98 0.00 15.35
N GLU B 315 -11.10 -0.77 14.71
CA GLU B 315 -11.54 -1.73 13.70
C GLU B 315 -11.78 -3.12 14.23
N ASP B 316 -11.39 -3.37 15.47
CA ASP B 316 -11.64 -4.66 16.12
C ASP B 316 -12.48 -4.50 17.38
N TYR B 317 -12.00 -3.65 18.29
CA TYR B 317 -12.61 -3.47 19.59
C TYR B 317 -13.96 -2.75 19.49
N VAL B 318 -13.93 -1.47 19.13
CA VAL B 318 -15.14 -0.68 18.96
C VAL B 318 -16.06 -1.32 17.90
N GLN B 319 -15.45 -2.00 16.94
CA GLN B 319 -16.23 -2.69 15.91
C GLN B 319 -17.04 -3.82 16.52
N HIS B 320 -16.41 -4.58 17.40
CA HIS B 320 -17.05 -5.69 18.06
C HIS B 320 -18.23 -5.27 18.93
N LEU B 321 -18.02 -4.29 19.81
CA LEU B 321 -19.07 -3.95 20.76
C LEU B 321 -20.17 -3.10 20.12
N SER B 322 -19.91 -2.54 18.94
CA SER B 322 -20.92 -1.77 18.22
C SER B 322 -22.01 -2.66 17.64
N GLY B 323 -21.62 -3.87 17.23
CA GLY B 323 -22.54 -4.79 16.58
C GLY B 323 -22.90 -4.35 15.18
N TYR B 324 -22.15 -3.41 14.63
CA TYR B 324 -22.45 -2.90 13.30
C TYR B 324 -22.04 -3.87 12.21
N HIS B 325 -22.84 -3.92 11.15
CA HIS B 325 -22.46 -4.63 9.94
C HIS B 325 -21.54 -3.74 9.11
N PHE B 326 -21.66 -2.44 9.29
CA PHE B 326 -20.75 -1.50 8.64
C PHE B 326 -19.35 -1.67 9.21
N LYS B 327 -18.35 -1.77 8.33
CA LYS B 327 -16.98 -1.98 8.76
C LYS B 327 -16.32 -0.65 9.12
N LEU B 328 -16.19 -0.38 10.42
CA LEU B 328 -15.53 0.82 10.90
C LEU B 328 -14.09 0.89 10.39
N LYS B 329 -13.57 2.10 10.25
CA LYS B 329 -12.27 2.29 9.62
C LYS B 329 -11.43 3.37 10.30
N PHE B 330 -10.16 3.05 10.52
CA PHE B 330 -9.22 4.03 11.03
C PHE B 330 -8.57 4.75 9.86
N ASP B 331 -9.01 5.97 9.60
CA ASP B 331 -8.45 6.76 8.52
C ASP B 331 -8.46 8.24 8.87
N PRO B 332 -7.36 8.71 9.48
CA PRO B 332 -7.15 10.11 9.85
C PRO B 332 -7.52 11.09 8.72
N GLU B 333 -7.14 10.77 7.49
CA GLU B 333 -7.39 11.63 6.34
C GLU B 333 -8.84 12.08 6.18
N LEU B 334 -9.76 11.29 6.74
CA LEU B 334 -11.18 11.60 6.67
C LEU B 334 -11.50 12.93 7.38
N LEU B 335 -10.64 13.35 8.30
CA LEU B 335 -10.89 14.58 9.05
C LEU B 335 -10.10 15.79 8.56
N PHE B 336 -9.31 15.61 7.50
CA PHE B 336 -8.40 16.66 7.06
C PHE B 336 -9.16 17.85 6.46
N ASN B 337 -10.33 17.61 5.87
CA ASN B 337 -11.17 18.69 5.36
C ASN B 337 -12.29 19.04 6.33
N GLN B 338 -12.18 18.54 7.56
CA GLN B 338 -13.20 18.78 8.58
C GLN B 338 -12.68 19.71 9.67
N GLN B 339 -13.60 20.30 10.41
CA GLN B 339 -13.22 21.06 11.61
C GLN B 339 -13.07 20.09 12.77
N PHE B 340 -11.86 19.94 13.26
CA PHE B 340 -11.59 18.98 14.31
C PHE B 340 -10.36 19.38 15.12
N GLN B 341 -10.48 19.31 16.44
CA GLN B 341 -9.36 19.65 17.33
C GLN B 341 -8.53 18.43 17.66
N TYR B 342 -7.25 18.44 17.29
CA TYR B 342 -6.37 17.34 17.63
C TYR B 342 -5.87 17.49 19.05
N GLN B 343 -6.80 17.33 19.99
CA GLN B 343 -6.47 17.32 21.40
C GLN B 343 -7.56 16.60 22.17
N ASN B 344 -7.21 16.14 23.37
CA ASN B 344 -8.19 15.50 24.23
C ASN B 344 -7.92 15.73 25.70
N ARG B 345 -9.00 15.76 26.45
CA ARG B 345 -8.95 15.75 27.91
C ARG B 345 -9.91 14.65 28.37
N ILE B 346 -9.42 13.70 29.15
CA ILE B 346 -10.26 12.56 29.53
C ILE B 346 -11.27 12.98 30.60
N ALA B 347 -12.55 12.71 30.34
CA ALA B 347 -13.61 13.12 31.24
C ALA B 347 -13.81 12.12 32.38
N SER B 348 -14.26 12.63 33.52
CA SER B 348 -14.54 11.80 34.68
C SER B 348 -15.68 10.81 34.37
N GLU B 349 -16.69 11.28 33.65
CA GLU B 349 -17.83 10.42 33.30
C GLU B 349 -17.43 9.28 32.38
N PHE B 350 -16.42 9.50 31.53
CA PHE B 350 -15.90 8.47 30.66
C PHE B 350 -15.22 7.40 31.48
N ASN B 351 -14.60 7.82 32.57
CA ASN B 351 -14.04 6.89 33.54
C ASN B 351 -15.17 6.10 34.20
N THR B 352 -16.23 6.81 34.58
CA THR B 352 -17.31 6.21 35.35
C THR B 352 -18.08 5.18 34.53
N LEU B 353 -18.43 5.55 33.31
CA LEU B 353 -19.19 4.65 32.44
C LEU B 353 -18.39 3.40 32.06
N TYR B 354 -17.07 3.46 32.22
CA TYR B 354 -16.21 2.35 31.84
C TYR B 354 -15.99 1.36 32.98
N HIS B 355 -16.68 1.56 34.09
CA HIS B 355 -16.64 0.59 35.18
C HIS B 355 -17.48 -0.62 34.81
N TRP B 356 -17.00 -1.40 33.84
CA TRP B 356 -17.72 -2.53 33.30
C TRP B 356 -17.50 -3.80 34.13
N HIS B 357 -17.77 -3.70 35.42
CA HIS B 357 -17.64 -4.82 36.36
C HIS B 357 -18.38 -6.10 35.96
N PRO B 358 -19.60 -5.99 35.40
CA PRO B 358 -20.25 -7.27 35.10
C PRO B 358 -19.59 -8.06 33.97
N LEU B 359 -18.59 -7.49 33.31
CA LEU B 359 -17.83 -8.18 32.27
C LEU B 359 -17.09 -9.39 32.84
N LEU B 360 -16.63 -9.27 34.07
CA LEU B 360 -15.84 -10.31 34.71
C LEU B 360 -16.67 -11.57 34.97
N PRO B 361 -16.07 -12.74 34.75
CA PRO B 361 -16.69 -14.05 35.01
C PRO B 361 -16.63 -14.42 36.48
N ASP B 362 -17.24 -15.52 36.86
CA ASP B 362 -17.18 -15.99 38.25
C ASP B 362 -15.85 -16.69 38.51
N THR B 363 -15.32 -17.30 37.47
CA THR B 363 -14.04 -18.01 37.52
C THR B 363 -13.28 -17.78 36.21
N PHE B 364 -11.95 -17.80 36.29
CA PHE B 364 -11.12 -17.62 35.11
C PHE B 364 -10.64 -18.97 34.60
N ASN B 365 -11.17 -19.41 33.47
CA ASN B 365 -10.94 -20.75 32.96
C ASN B 365 -9.81 -20.84 31.95
N ILE B 366 -8.68 -21.39 32.39
CA ILE B 366 -7.52 -21.58 31.53
C ILE B 366 -7.20 -23.07 31.41
N GLU B 367 -7.26 -23.58 30.18
CA GLU B 367 -7.35 -25.01 29.87
C GLU B 367 -8.11 -25.80 30.96
N ASP B 368 -7.43 -26.72 31.63
CA ASP B 368 -8.10 -27.61 32.59
C ASP B 368 -8.61 -26.90 33.84
N GLN B 369 -7.87 -25.88 34.28
CA GLN B 369 -8.12 -25.24 35.55
C GLN B 369 -9.25 -24.21 35.52
N GLU B 370 -9.93 -24.03 36.65
CA GLU B 370 -10.85 -22.93 36.84
C GLU B 370 -10.46 -22.18 38.11
N TYR B 371 -9.90 -20.99 37.94
CA TYR B 371 -9.35 -20.24 39.07
C TYR B 371 -10.36 -19.27 39.68
N SER B 372 -10.32 -19.17 41.00
CA SER B 372 -11.10 -18.17 41.72
C SER B 372 -10.43 -16.81 41.61
N PHE B 373 -11.04 -15.80 42.20
CA PHE B 373 -10.42 -14.47 42.23
C PHE B 373 -9.15 -14.48 43.09
N LYS B 374 -9.21 -15.11 44.26
CA LYS B 374 -8.06 -15.13 45.16
C LYS B 374 -6.89 -15.90 44.56
N GLN B 375 -7.18 -16.94 43.81
CA GLN B 375 -6.14 -17.74 43.16
C GLN B 375 -5.56 -16.99 41.97
N PHE B 376 -6.37 -16.14 41.36
CA PHE B 376 -6.00 -15.48 40.13
C PHE B 376 -5.26 -14.16 40.37
N LEU B 377 -5.60 -13.48 41.47
CA LEU B 377 -4.97 -12.18 41.77
C LEU B 377 -3.51 -12.29 42.18
N TYR B 378 -2.70 -11.36 41.69
CA TYR B 378 -1.26 -11.29 41.95
C TYR B 378 -0.56 -12.61 41.67
N ASN B 379 -1.05 -13.38 40.71
CA ASN B 379 -0.48 -14.69 40.47
C ASN B 379 0.00 -14.86 39.04
N ASN B 380 1.28 -14.55 38.81
CA ASN B 380 1.87 -14.63 37.48
C ASN B 380 2.41 -16.01 37.14
N SER B 381 2.49 -16.90 38.15
CA SER B 381 2.91 -18.26 37.90
C SER B 381 1.87 -18.98 37.05
N ILE B 382 0.62 -18.53 37.18
CA ILE B 382 -0.44 -18.98 36.29
C ILE B 382 -0.10 -18.62 34.86
N LEU B 383 0.32 -17.37 34.67
CA LEU B 383 0.67 -16.87 33.35
C LEU B 383 1.78 -17.70 32.73
N LEU B 384 2.81 -17.99 33.52
CA LEU B 384 3.99 -18.67 33.01
C LEU B 384 3.64 -20.03 32.40
N GLU B 385 3.05 -20.89 33.21
CA GLU B 385 2.75 -22.24 32.82
C GLU B 385 1.85 -22.38 31.59
N HIS B 386 0.55 -22.15 31.78
CA HIS B 386 -0.45 -22.25 30.73
C HIS B 386 0.09 -21.46 29.54
N GLY B 387 0.72 -20.33 29.86
CA GLY B 387 1.53 -19.62 28.91
C GLY B 387 0.88 -18.41 28.31
N LEU B 388 1.55 -17.88 27.29
CA LEU B 388 0.98 -16.86 26.43
C LEU B 388 0.07 -17.62 25.48
N THR B 389 0.55 -18.80 25.10
CA THR B 389 -0.13 -19.76 24.25
C THR B 389 -1.54 -20.16 24.73
N GLN B 390 -1.65 -20.78 25.90
CA GLN B 390 -2.95 -21.26 26.39
C GLN B 390 -3.80 -20.10 26.87
N PHE B 391 -3.15 -19.03 27.33
CA PHE B 391 -3.87 -17.86 27.80
C PHE B 391 -4.72 -17.27 26.68
N VAL B 392 -4.12 -17.08 25.52
CA VAL B 392 -4.84 -16.55 24.36
C VAL B 392 -5.96 -17.51 23.97
N GLU B 393 -5.59 -18.77 23.78
CA GLU B 393 -6.56 -19.81 23.41
C GLU B 393 -7.72 -19.93 24.42
N SER B 394 -7.42 -19.90 25.70
CA SER B 394 -8.46 -20.06 26.72
C SER B 394 -9.33 -18.80 26.83
N PHE B 395 -8.70 -17.63 26.85
CA PHE B 395 -9.43 -16.37 26.98
C PHE B 395 -10.30 -16.10 25.76
N THR B 396 -9.92 -16.66 24.62
CA THR B 396 -10.69 -16.52 23.40
C THR B 396 -11.97 -17.35 23.51
N ARG B 397 -11.91 -18.41 24.32
CA ARG B 397 -13.01 -19.36 24.46
C ARG B 397 -14.03 -18.95 25.52
N GLN B 398 -13.56 -18.29 26.57
CA GLN B 398 -14.44 -18.02 27.72
C GLN B 398 -15.30 -16.79 27.51
N ILE B 399 -16.60 -16.97 27.68
CA ILE B 399 -17.59 -15.91 27.54
C ILE B 399 -17.52 -14.92 28.70
N ALA B 400 -17.83 -13.66 28.40
CA ALA B 400 -17.82 -12.61 29.41
C ALA B 400 -19.25 -12.22 29.77
N GLY B 401 -19.41 -11.39 30.80
CA GLY B 401 -20.73 -11.02 31.28
C GLY B 401 -21.37 -9.85 30.55
N ARG B 402 -22.69 -9.89 30.47
CA ARG B 402 -23.47 -8.77 29.93
C ARG B 402 -23.38 -7.58 30.87
N VAL B 403 -23.19 -6.39 30.32
CA VAL B 403 -22.95 -5.20 31.14
C VAL B 403 -24.24 -4.52 31.58
N ALA B 404 -25.11 -4.22 30.64
CA ALA B 404 -26.42 -3.68 30.98
C ALA B 404 -27.36 -4.83 31.38
N GLY B 405 -28.63 -4.52 31.63
CA GLY B 405 -29.60 -5.56 31.94
C GLY B 405 -29.77 -5.82 33.42
N GLY B 406 -28.80 -5.40 34.22
CA GLY B 406 -28.90 -5.48 35.66
C GLY B 406 -28.41 -6.78 36.28
N ARG B 407 -28.10 -6.72 37.58
CA ARG B 407 -27.85 -7.89 38.40
C ARG B 407 -26.80 -8.84 37.84
N ASN B 408 -25.66 -8.29 37.42
CA ASN B 408 -24.62 -9.13 36.88
C ASN B 408 -23.22 -8.76 37.35
N VAL B 409 -23.14 -7.96 38.41
CA VAL B 409 -21.86 -7.61 39.01
C VAL B 409 -21.39 -8.72 39.93
N PRO B 410 -20.24 -9.35 39.61
CA PRO B 410 -19.71 -10.44 40.43
C PRO B 410 -19.49 -10.02 41.88
N ILE B 411 -19.75 -10.92 42.83
CA ILE B 411 -19.74 -10.59 44.25
C ILE B 411 -18.38 -10.17 44.80
N ALA B 412 -17.32 -10.75 44.25
CA ALA B 412 -15.96 -10.39 44.66
C ALA B 412 -15.72 -8.89 44.60
N VAL B 413 -16.12 -8.28 43.49
CA VAL B 413 -15.85 -6.85 43.28
C VAL B 413 -17.02 -5.95 43.69
N GLN B 414 -17.81 -6.41 44.66
CA GLN B 414 -18.93 -5.60 45.14
C GLN B 414 -18.41 -4.31 45.81
N ALA B 415 -17.26 -4.40 46.46
CA ALA B 415 -16.66 -3.24 47.11
C ALA B 415 -16.30 -2.20 46.06
N VAL B 416 -15.75 -2.68 44.94
CA VAL B 416 -15.39 -1.81 43.83
C VAL B 416 -16.62 -1.19 43.18
N ALA B 417 -17.68 -1.98 43.05
CA ALA B 417 -18.91 -1.48 42.42
C ALA B 417 -19.61 -0.47 43.31
N LYS B 418 -19.52 -0.65 44.63
CA LYS B 418 -20.13 0.31 45.54
C LYS B 418 -19.32 1.61 45.51
N ALA B 419 -18.01 1.47 45.42
CA ALA B 419 -17.09 2.61 45.34
C ALA B 419 -17.42 3.51 44.15
N SER B 420 -17.81 2.90 43.04
CA SER B 420 -18.15 3.62 41.82
C SER B 420 -19.35 4.52 42.05
N ILE B 421 -20.32 3.99 42.78
CA ILE B 421 -21.50 4.76 43.15
C ILE B 421 -21.13 5.89 44.10
N ASP B 422 -20.38 5.56 45.15
CA ASP B 422 -20.06 6.50 46.20
C ASP B 422 -19.17 7.64 45.71
N GLN B 423 -18.22 7.32 44.85
CA GLN B 423 -17.32 8.32 44.29
C GLN B 423 -18.04 9.25 43.31
N SER B 424 -19.02 8.71 42.59
CA SER B 424 -19.84 9.52 41.71
C SER B 424 -20.59 10.58 42.50
N ARG B 425 -21.05 10.19 43.69
CA ARG B 425 -21.74 11.12 44.57
C ARG B 425 -20.74 12.08 45.21
N GLU B 426 -19.55 11.57 45.48
CA GLU B 426 -18.48 12.39 46.05
C GLU B 426 -18.14 13.52 45.09
N MET B 427 -18.13 13.21 43.80
CA MET B 427 -17.77 14.18 42.78
C MET B 427 -18.97 15.00 42.32
N LYS B 428 -20.11 14.79 42.97
CA LYS B 428 -21.33 15.57 42.73
C LYS B 428 -21.84 15.50 41.29
N TYR B 429 -21.81 14.30 40.70
CA TYR B 429 -22.41 14.06 39.39
C TYR B 429 -23.88 14.50 39.35
N GLN B 430 -24.31 15.01 38.21
CA GLN B 430 -25.72 15.27 37.99
C GLN B 430 -26.47 13.97 37.69
N SER B 431 -27.78 14.06 37.52
CA SER B 431 -28.64 12.90 37.33
C SER B 431 -28.47 12.25 35.97
N LEU B 432 -28.97 11.02 35.86
CA LEU B 432 -28.98 10.28 34.59
C LEU B 432 -29.66 11.07 33.48
N ASN B 433 -30.82 11.64 33.79
CA ASN B 433 -31.57 12.36 32.78
C ASN B 433 -30.86 13.63 32.33
N GLU B 434 -30.06 14.23 33.22
CA GLU B 434 -29.27 15.39 32.85
C GLU B 434 -28.24 15.01 31.78
N TYR B 435 -27.49 13.93 32.03
CA TYR B 435 -26.48 13.45 31.08
C TYR B 435 -27.11 12.99 29.76
N ARG B 436 -28.30 12.39 29.84
CA ARG B 436 -29.00 12.01 28.62
C ARG B 436 -29.34 13.27 27.79
N LYS B 437 -29.76 14.31 28.45
CA LYS B 437 -30.01 15.54 27.75
C LYS B 437 -28.71 16.13 27.21
N ARG B 438 -27.66 16.07 28.00
CA ARG B 438 -26.39 16.57 27.58
C ARG B 438 -25.91 15.85 26.33
N PHE B 439 -26.33 14.61 26.13
CA PHE B 439 -25.89 13.89 24.94
C PHE B 439 -27.02 13.64 23.92
N SER B 440 -27.95 14.60 23.85
CA SER B 440 -29.05 14.60 22.88
C SER B 440 -29.95 13.36 22.97
N LEU B 441 -30.16 12.88 24.19
CA LEU B 441 -31.06 11.75 24.39
C LEU B 441 -32.32 12.18 25.11
N LYS B 442 -33.41 11.48 24.85
CA LYS B 442 -34.68 11.74 25.53
C LYS B 442 -34.60 11.22 26.97
N PRO B 443 -34.97 12.07 27.94
CA PRO B 443 -35.00 11.66 29.35
C PRO B 443 -35.99 10.51 29.60
N TYR B 444 -35.65 9.60 30.49
CA TYR B 444 -36.58 8.56 30.89
C TYR B 444 -37.72 9.14 31.70
N THR B 445 -38.91 8.60 31.51
CA THR B 445 -40.10 9.09 32.21
C THR B 445 -40.53 8.14 33.32
N SER B 446 -39.84 7.01 33.43
CA SER B 446 -40.09 6.07 34.52
C SER B 446 -38.93 5.08 34.63
N PHE B 447 -38.87 4.38 35.76
CA PHE B 447 -37.84 3.37 35.98
C PHE B 447 -38.10 2.15 35.10
N GLU B 448 -39.35 1.98 34.71
CA GLU B 448 -39.73 0.88 33.85
C GLU B 448 -39.28 1.12 32.44
N GLU B 449 -39.35 2.36 31.99
CA GLU B 449 -38.81 2.70 30.68
C GLU B 449 -37.29 2.49 30.63
N LEU B 450 -36.63 2.74 31.76
CA LEU B 450 -35.18 2.56 31.89
C LEU B 450 -34.75 1.10 31.85
N THR B 451 -35.37 0.26 32.68
CA THR B 451 -34.94 -1.13 32.80
C THR B 451 -35.56 -2.00 31.72
N GLY B 452 -36.72 -1.59 31.22
CA GLY B 452 -37.45 -2.38 30.24
C GLY B 452 -38.21 -3.53 30.87
N GLU B 453 -38.17 -3.61 32.20
CA GLU B 453 -38.89 -4.66 32.94
C GLU B 453 -39.61 -4.06 34.15
N LYS B 454 -40.07 -4.90 35.05
CA LYS B 454 -40.84 -4.45 36.19
C LYS B 454 -40.26 -4.67 37.56
N GLU B 455 -39.62 -5.78 37.78
CA GLU B 455 -39.15 -6.12 39.12
C GLU B 455 -38.08 -5.15 39.63
N MET B 456 -37.03 -4.97 38.84
CA MET B 456 -35.94 -4.07 39.19
C MET B 456 -36.41 -2.62 39.13
N ALA B 457 -37.37 -2.35 38.23
CA ALA B 457 -37.92 -1.01 38.10
C ALA B 457 -38.63 -0.60 39.38
N ALA B 458 -39.39 -1.52 39.95
CA ALA B 458 -40.13 -1.26 41.18
C ALA B 458 -39.18 -1.07 42.36
N GLU B 459 -38.12 -1.85 42.37
CA GLU B 459 -37.08 -1.75 43.39
C GLU B 459 -36.41 -0.37 43.36
N LEU B 460 -36.06 0.09 42.17
CA LEU B 460 -35.41 1.38 42.02
C LEU B 460 -36.36 2.51 42.39
N LYS B 461 -37.64 2.35 42.06
CA LYS B 461 -38.62 3.41 42.33
C LYS B 461 -38.84 3.57 43.82
N ALA B 462 -38.67 2.49 44.57
CA ALA B 462 -38.81 2.53 46.01
C ALA B 462 -37.61 3.26 46.62
N LEU B 463 -36.45 3.06 46.00
CA LEU B 463 -35.21 3.67 46.46
C LEU B 463 -35.08 5.15 46.10
N TYR B 464 -35.27 5.46 44.82
CA TYR B 464 -35.03 6.82 44.33
C TYR B 464 -36.27 7.71 44.30
N SER B 465 -37.44 7.08 44.30
CA SER B 465 -38.73 7.78 44.30
C SER B 465 -39.02 8.49 42.97
N ASP B 466 -38.08 9.33 42.52
CA ASP B 466 -38.26 10.06 41.26
C ASP B 466 -37.20 9.66 40.23
N ILE B 467 -37.63 9.56 38.97
CA ILE B 467 -36.75 9.10 37.89
C ILE B 467 -35.69 10.16 37.55
N ASP B 468 -35.98 11.41 37.88
CA ASP B 468 -35.05 12.52 37.64
C ASP B 468 -33.98 12.59 38.70
N VAL B 469 -34.02 11.65 39.64
CA VAL B 469 -33.05 11.57 40.74
C VAL B 469 -32.11 10.39 40.51
N MET B 470 -32.50 9.51 39.57
CA MET B 470 -31.71 8.32 39.25
C MET B 470 -30.29 8.68 38.81
N GLU B 471 -29.30 7.97 39.36
CA GLU B 471 -27.90 8.26 39.08
C GLU B 471 -27.40 7.56 37.82
N LEU B 472 -26.36 8.14 37.22
CA LEU B 472 -25.83 7.68 35.94
C LEU B 472 -25.26 6.26 36.00
N TYR B 473 -24.33 6.02 36.92
CA TYR B 473 -23.62 4.76 36.94
C TYR B 473 -24.54 3.54 37.18
N PRO B 474 -25.39 3.58 38.23
CA PRO B 474 -26.28 2.43 38.40
C PRO B 474 -27.21 2.23 37.20
N ALA B 475 -27.70 3.32 36.62
CA ALA B 475 -28.59 3.22 35.48
C ALA B 475 -27.91 2.57 34.28
N LEU B 476 -26.60 2.78 34.17
CA LEU B 476 -25.84 2.23 33.05
C LEU B 476 -25.78 0.71 33.12
N LEU B 477 -25.70 0.18 34.34
CA LEU B 477 -25.60 -1.26 34.55
C LEU B 477 -26.95 -1.94 34.68
N VAL B 478 -28.02 -1.16 34.75
CA VAL B 478 -29.34 -1.74 34.93
C VAL B 478 -30.24 -1.44 33.73
N GLU B 479 -29.77 -0.58 32.83
CA GLU B 479 -30.52 -0.14 31.67
C GLU B 479 -30.97 -1.29 30.76
N LYS B 480 -32.12 -1.10 30.12
CA LYS B 480 -32.60 -2.03 29.10
C LYS B 480 -31.58 -2.15 27.98
N PRO B 481 -31.03 -3.36 27.79
CA PRO B 481 -30.10 -3.60 26.69
C PRO B 481 -30.79 -3.45 25.35
N ARG B 482 -30.04 -3.04 24.32
CA ARG B 482 -30.51 -3.18 22.96
C ARG B 482 -30.70 -4.66 22.68
N PRO B 483 -31.62 -4.99 21.75
CA PRO B 483 -31.85 -6.37 21.33
C PRO B 483 -30.57 -7.19 21.17
N ASP B 484 -30.39 -8.16 22.07
CA ASP B 484 -29.22 -9.03 22.10
C ASP B 484 -27.89 -8.26 22.08
N ALA B 485 -27.87 -7.11 22.74
CA ALA B 485 -26.64 -6.32 22.86
C ALA B 485 -26.09 -6.37 24.27
N ILE B 486 -24.83 -5.94 24.41
CA ILE B 486 -24.15 -5.91 25.71
C ILE B 486 -24.51 -4.63 26.48
N PHE B 487 -24.94 -3.61 25.74
CA PHE B 487 -25.12 -2.26 26.28
C PHE B 487 -26.52 -1.71 26.02
N GLY B 488 -26.93 -0.76 26.86
CA GLY B 488 -28.14 0.01 26.59
C GLY B 488 -27.81 1.24 25.77
N GLU B 489 -28.82 2.06 25.48
CA GLU B 489 -28.65 3.29 24.70
C GLU B 489 -27.66 4.28 25.34
N THR B 490 -27.81 4.52 26.64
CA THR B 490 -27.02 5.54 27.33
C THR B 490 -25.52 5.26 27.29
N MET B 491 -25.14 4.00 27.44
CA MET B 491 -23.72 3.63 27.44
C MET B 491 -23.08 3.94 26.10
N VAL B 492 -23.75 3.54 25.03
CA VAL B 492 -23.22 3.73 23.69
C VAL B 492 -23.15 5.22 23.34
N GLU B 493 -24.23 5.94 23.60
CA GLU B 493 -24.34 7.32 23.15
C GLU B 493 -23.46 8.27 23.96
N LEU B 494 -22.98 7.82 25.11
CA LEU B 494 -22.02 8.61 25.88
C LEU B 494 -20.61 8.13 25.56
N GLY B 495 -20.44 6.81 25.52
CA GLY B 495 -19.13 6.21 25.35
C GLY B 495 -18.49 6.45 24.00
N ALA B 496 -19.30 6.40 22.94
CA ALA B 496 -18.78 6.57 21.58
C ALA B 496 -18.19 7.96 21.33
N PRO B 497 -18.86 9.05 21.76
CA PRO B 497 -18.22 10.36 21.57
C PRO B 497 -16.89 10.51 22.31
N PHE B 498 -16.86 10.08 23.57
CA PHE B 498 -15.65 10.13 24.35
C PHE B 498 -14.51 9.35 23.70
N SER B 499 -14.83 8.15 23.24
CA SER B 499 -13.84 7.20 22.75
C SER B 499 -13.20 7.67 21.45
N LEU B 500 -14.03 8.06 20.50
CA LEU B 500 -13.54 8.44 19.18
C LEU B 500 -12.75 9.75 19.27
N LYS B 501 -13.17 10.62 20.18
CA LYS B 501 -12.43 11.84 20.47
C LYS B 501 -11.02 11.52 20.95
N GLY B 502 -10.91 10.59 21.89
CA GLY B 502 -9.62 10.14 22.39
C GLY B 502 -8.76 9.53 21.31
N LEU B 503 -9.36 8.70 20.46
CA LEU B 503 -8.62 8.01 19.41
C LEU B 503 -8.14 8.94 18.30
N MET B 504 -9.06 9.76 17.79
CA MET B 504 -8.76 10.59 16.63
C MET B 504 -8.07 11.89 17.04
N GLY B 505 -8.26 12.28 18.29
CA GLY B 505 -7.66 13.51 18.81
C GLY B 505 -6.17 13.43 19.02
N ASN B 506 -5.60 12.24 18.80
CA ASN B 506 -4.17 12.00 18.93
C ASN B 506 -3.36 12.73 17.86
N PRO B 507 -2.20 13.29 18.23
CA PRO B 507 -1.39 14.04 17.26
C PRO B 507 -0.96 13.24 16.04
N ILE B 508 -0.67 11.94 16.19
CA ILE B 508 -0.26 11.14 15.04
C ILE B 508 -1.36 11.09 13.97
N CYS B 509 -2.59 11.47 14.35
CA CYS B 509 -3.69 11.53 13.40
C CYS B 509 -3.74 12.87 12.67
N SER B 510 -2.95 13.83 13.11
CA SER B 510 -2.98 15.16 12.50
C SER B 510 -2.20 15.12 11.18
N PRO B 511 -2.54 16.02 10.24
CA PRO B 511 -1.90 15.97 8.92
C PRO B 511 -0.39 16.08 8.96
N GLN B 512 0.17 16.87 9.87
CA GLN B 512 1.62 17.02 9.92
C GLN B 512 2.29 15.73 10.41
N TYR B 513 1.56 14.92 11.16
CA TYR B 513 2.09 13.64 11.65
C TYR B 513 1.72 12.43 10.78
N TRP B 514 0.56 12.48 10.13
CA TRP B 514 0.08 11.30 9.45
C TRP B 514 0.68 11.16 8.04
N LYS B 515 1.95 10.76 8.02
CA LYS B 515 2.69 10.53 6.78
C LYS B 515 3.78 9.50 7.06
N PRO B 516 4.23 8.78 6.02
CA PRO B 516 5.15 7.65 6.23
C PRO B 516 6.45 7.97 6.97
N SER B 517 7.03 9.14 6.75
CA SER B 517 8.35 9.42 7.34
C SER B 517 8.27 9.53 8.87
N THR B 518 7.08 9.84 9.39
CA THR B 518 6.86 9.84 10.84
C THR B 518 7.15 8.47 11.44
N PHE B 519 6.84 7.42 10.68
CA PHE B 519 6.91 6.04 11.18
C PHE B 519 8.04 5.25 10.56
N GLY B 520 9.07 5.95 10.10
CA GLY B 520 10.23 5.32 9.51
C GLY B 520 10.05 4.93 8.05
N GLY B 521 9.01 5.46 7.43
CA GLY B 521 8.75 5.17 6.03
C GLY B 521 7.59 4.21 5.78
N GLU B 522 7.46 3.79 4.53
CA GLU B 522 6.34 2.99 4.05
C GLU B 522 6.12 1.71 4.85
N VAL B 523 7.21 1.07 5.25
CA VAL B 523 7.16 -0.20 5.97
C VAL B 523 6.54 -0.03 7.37
N GLY B 524 6.94 1.01 8.08
CA GLY B 524 6.40 1.31 9.40
C GLY B 524 4.96 1.80 9.31
N PHE B 525 4.68 2.61 8.31
CA PHE B 525 3.33 3.04 8.01
C PHE B 525 2.43 1.80 7.81
N LYS B 526 2.95 0.83 7.06
CA LYS B 526 2.23 -0.40 6.74
C LYS B 526 1.85 -1.19 7.99
N ILE B 527 2.76 -1.26 8.95
CA ILE B 527 2.52 -1.94 10.22
C ILE B 527 1.32 -1.36 10.94
N ILE B 528 1.20 -0.04 10.90
CA ILE B 528 0.04 0.63 11.47
C ILE B 528 -1.24 0.27 10.72
N ASN B 529 -1.21 0.47 9.40
CA ASN B 529 -2.42 0.40 8.60
C ASN B 529 -2.92 -1.01 8.32
N THR B 530 -2.16 -2.02 8.75
CA THR B 530 -2.59 -3.42 8.59
C THR B 530 -2.68 -4.13 9.94
N ALA B 531 -2.79 -3.35 11.01
CA ALA B 531 -2.83 -3.92 12.36
C ALA B 531 -4.19 -4.54 12.69
N SER B 532 -4.17 -5.59 13.48
CA SER B 532 -5.39 -6.24 13.96
C SER B 532 -5.08 -6.96 15.26
N ILE B 533 -6.11 -7.25 16.04
CA ILE B 533 -5.88 -8.02 17.25
C ILE B 533 -5.34 -9.41 16.87
N GLN B 534 -5.80 -9.95 15.75
CA GLN B 534 -5.31 -11.25 15.28
C GLN B 534 -3.84 -11.20 14.91
N SER B 535 -3.41 -10.17 14.19
CA SER B 535 -2.02 -10.08 13.74
C SER B 535 -1.10 -9.75 14.91
N LEU B 536 -1.61 -8.94 15.84
CA LEU B 536 -0.90 -8.66 17.08
C LEU B 536 -0.52 -9.95 17.79
N ILE B 537 -1.48 -10.87 17.92
CA ILE B 537 -1.24 -12.14 18.58
C ILE B 537 -0.38 -13.04 17.70
N CYS B 538 -0.70 -13.05 16.41
CA CYS B 538 -0.02 -13.92 15.45
C CYS B 538 1.49 -13.67 15.38
N ASN B 539 1.88 -12.40 15.36
CA ASN B 539 3.29 -12.05 15.24
C ASN B 539 4.07 -12.29 16.52
N ASN B 540 3.38 -12.30 17.66
CA ASN B 540 4.08 -12.30 18.95
C ASN B 540 3.78 -13.48 19.85
N VAL B 541 2.73 -14.24 19.56
CA VAL B 541 2.42 -15.42 20.37
C VAL B 541 2.77 -16.68 19.60
N LYS B 542 3.55 -17.55 20.23
CA LYS B 542 4.05 -18.76 19.58
C LYS B 542 2.91 -19.63 19.07
N GLY B 543 3.01 -20.05 17.82
CA GLY B 543 2.04 -20.93 17.21
C GLY B 543 0.92 -20.20 16.48
N CYS B 544 0.95 -18.87 16.53
CA CYS B 544 -0.06 -18.03 15.91
C CYS B 544 -1.49 -18.51 16.22
N PRO B 545 -1.86 -18.53 17.50
CA PRO B 545 -3.20 -19.07 17.78
C PRO B 545 -4.28 -18.11 17.30
N PHE B 546 -5.43 -18.66 16.93
CA PHE B 546 -6.56 -17.85 16.54
C PHE B 546 -7.00 -16.97 17.70
N THR B 547 -7.46 -15.77 17.40
CA THR B 547 -8.04 -14.91 18.41
C THR B 547 -9.17 -14.07 17.87
N SER B 548 -9.97 -13.55 18.79
CA SER B 548 -11.11 -12.71 18.48
C SER B 548 -11.58 -12.06 19.77
N PHE B 549 -12.40 -11.03 19.66
CA PHE B 549 -13.00 -10.43 20.83
C PHE B 549 -14.35 -11.10 21.11
N ASN B 550 -14.71 -12.07 20.27
CA ASN B 550 -15.97 -12.76 20.45
C ASN B 550 -15.80 -14.27 20.48
N VAL B 551 -16.72 -14.95 21.17
CA VAL B 551 -16.65 -16.39 21.32
C VAL B 551 -16.93 -17.09 19.99
N GLN B 552 -16.08 -18.06 19.67
CA GLN B 552 -16.18 -18.83 18.43
C GLN B 552 -17.33 -19.82 18.49
N ALA C 1 -27.27 -28.16 -42.20
CA ALA C 1 -26.91 -27.08 -43.10
C ALA C 1 -25.40 -27.09 -43.37
N ASN C 2 -24.61 -27.19 -42.31
CA ASN C 2 -23.16 -27.25 -42.46
C ASN C 2 -22.73 -28.60 -43.04
N PRO C 3 -22.08 -28.57 -44.21
CA PRO C 3 -21.68 -29.79 -44.93
C PRO C 3 -20.59 -30.59 -44.21
N CYS C 4 -20.11 -30.10 -43.07
CA CYS C 4 -19.09 -30.79 -42.29
C CYS C 4 -19.69 -31.45 -41.06
N CYS C 5 -21.01 -31.53 -41.00
CA CYS C 5 -21.71 -32.00 -39.80
C CYS C 5 -21.52 -33.49 -39.58
N SER C 6 -21.44 -34.25 -40.67
CA SER C 6 -21.35 -35.71 -40.57
C SER C 6 -19.95 -36.19 -40.17
N ASN C 7 -19.06 -35.24 -39.87
CA ASN C 7 -17.67 -35.53 -39.58
C ASN C 7 -17.04 -36.49 -40.59
N PRO C 8 -17.09 -36.14 -41.89
CA PRO C 8 -16.71 -37.07 -42.96
C PRO C 8 -15.20 -37.32 -43.07
N CYS C 9 -14.39 -36.37 -42.59
CA CYS C 9 -12.95 -36.52 -42.69
C CYS C 9 -12.43 -37.44 -41.60
N GLN C 10 -11.72 -38.49 -42.01
CA GLN C 10 -11.15 -39.45 -41.07
C GLN C 10 -9.66 -39.20 -40.87
N ASN C 11 -9.07 -39.96 -39.93
CA ASN C 11 -7.64 -39.95 -39.68
C ASN C 11 -7.06 -38.55 -39.41
N ARG C 12 -7.79 -37.80 -38.59
CA ARG C 12 -7.37 -36.46 -38.15
C ARG C 12 -7.21 -35.47 -39.31
N GLY C 13 -7.91 -35.73 -40.41
CA GLY C 13 -8.02 -34.78 -41.49
C GLY C 13 -8.96 -33.66 -41.06
N GLU C 14 -8.98 -32.57 -41.82
CA GLU C 14 -9.79 -31.41 -41.44
C GLU C 14 -10.87 -31.10 -42.47
N CYS C 15 -12.10 -30.94 -41.98
CA CYS C 15 -13.20 -30.63 -42.87
C CYS C 15 -13.38 -29.13 -43.04
N MET C 16 -13.63 -28.72 -44.28
CA MET C 16 -13.82 -27.32 -44.61
C MET C 16 -14.94 -27.19 -45.63
N SER C 17 -15.87 -26.29 -45.37
CA SER C 17 -16.95 -26.04 -46.32
C SER C 17 -16.42 -25.28 -47.54
N THR C 18 -16.83 -25.71 -48.73
CA THR C 18 -16.43 -25.06 -49.97
C THR C 18 -17.65 -24.53 -50.71
N GLY C 19 -18.77 -24.48 -50.00
CA GLY C 19 -20.04 -24.06 -50.56
C GLY C 19 -21.09 -24.33 -49.53
N PHE C 20 -22.36 -24.16 -49.90
CA PHE C 20 -23.45 -24.40 -48.95
C PHE C 20 -23.71 -25.89 -48.75
N ASP C 21 -23.29 -26.70 -49.73
CA ASP C 21 -23.56 -28.14 -49.70
C ASP C 21 -22.36 -28.96 -50.20
N GLN C 22 -21.17 -28.39 -50.08
CA GLN C 22 -19.95 -29.09 -50.48
C GLN C 22 -18.88 -28.94 -49.41
N TYR C 23 -17.98 -29.90 -49.33
CA TYR C 23 -16.88 -29.84 -48.37
C TYR C 23 -15.57 -30.32 -48.95
N LYS C 24 -14.49 -30.12 -48.20
CA LYS C 24 -13.15 -30.54 -48.61
C LYS C 24 -12.35 -31.01 -47.41
N CYS C 25 -11.66 -32.14 -47.56
CA CYS C 25 -10.84 -32.68 -46.48
C CYS C 25 -9.36 -32.35 -46.67
N ASP C 26 -8.79 -31.65 -45.69
CA ASP C 26 -7.37 -31.37 -45.68
C ASP C 26 -6.63 -32.58 -45.11
N CYS C 27 -5.96 -33.33 -45.98
CA CYS C 27 -5.35 -34.58 -45.57
C CYS C 27 -3.86 -34.45 -45.31
N THR C 28 -3.40 -33.20 -45.18
CA THR C 28 -2.00 -32.89 -44.96
C THR C 28 -1.39 -33.64 -43.77
N ARG C 29 -0.38 -34.46 -44.05
CA ARG C 29 0.41 -35.15 -43.04
C ARG C 29 -0.39 -36.09 -42.15
N THR C 30 -1.51 -36.59 -42.66
CA THR C 30 -2.32 -37.56 -41.93
C THR C 30 -1.86 -38.98 -42.24
N GLY C 31 -1.12 -39.14 -43.34
CA GLY C 31 -0.66 -40.45 -43.77
C GLY C 31 -1.68 -41.09 -44.70
N PHE C 32 -2.71 -40.31 -45.03
CA PHE C 32 -3.80 -40.79 -45.87
C PHE C 32 -4.10 -39.78 -46.97
N TYR C 33 -4.72 -40.23 -48.05
CA TYR C 33 -5.24 -39.32 -49.05
C TYR C 33 -6.64 -39.76 -49.47
N GLY C 34 -7.19 -39.12 -50.50
CA GLY C 34 -8.54 -39.41 -50.94
C GLY C 34 -9.53 -38.37 -50.44
N GLU C 35 -10.77 -38.46 -50.90
CA GLU C 35 -11.79 -37.47 -50.57
C GLU C 35 -12.03 -37.37 -49.06
N ASN C 36 -11.97 -38.51 -48.37
CA ASN C 36 -12.22 -38.54 -46.94
C ASN C 36 -10.98 -38.89 -46.11
N CYS C 37 -9.80 -38.83 -46.75
CA CYS C 37 -8.54 -39.19 -46.11
C CYS C 37 -8.58 -40.61 -45.57
N THR C 38 -9.01 -41.56 -46.39
CA THR C 38 -9.19 -42.93 -45.93
C THR C 38 -8.23 -43.91 -46.59
N THR C 39 -7.95 -43.70 -47.87
CA THR C 39 -7.01 -44.57 -48.57
C THR C 39 -5.58 -44.21 -48.15
N PRO C 40 -4.88 -45.17 -47.53
CA PRO C 40 -3.59 -44.93 -46.89
C PRO C 40 -2.42 -44.85 -47.86
N GLU C 41 -1.26 -44.44 -47.33
CA GLU C 41 -0.02 -44.50 -48.08
C GLU C 41 0.73 -45.75 -47.66
N PHE C 42 1.90 -45.99 -48.28
CA PHE C 42 2.62 -47.25 -48.08
C PHE C 42 3.08 -47.43 -46.63
N LEU C 43 3.81 -46.44 -46.12
CA LEU C 43 4.32 -46.51 -44.75
C LEU C 43 3.17 -46.60 -43.75
N THR C 44 2.03 -46.03 -44.12
CA THR C 44 0.85 -46.04 -43.25
C THR C 44 0.35 -47.45 -42.99
N ARG C 45 0.16 -48.22 -44.07
CA ARG C 45 -0.34 -49.58 -43.94
C ARG C 45 0.64 -50.47 -43.21
N ILE C 46 1.93 -50.15 -43.32
CA ILE C 46 2.97 -50.86 -42.57
C ILE C 46 2.77 -50.67 -41.06
N LYS C 47 2.73 -49.43 -40.63
CA LYS C 47 2.54 -49.12 -39.21
C LYS C 47 1.21 -49.64 -38.69
N LEU C 48 0.18 -49.54 -39.52
CA LEU C 48 -1.16 -49.99 -39.13
C LEU C 48 -1.19 -51.49 -38.84
N LEU C 49 -0.51 -52.27 -39.68
CA LEU C 49 -0.44 -53.71 -39.49
C LEU C 49 0.56 -54.09 -38.40
N LEU C 50 1.45 -53.16 -38.08
CA LEU C 50 2.49 -53.40 -37.08
C LEU C 50 2.08 -52.89 -35.70
N LYS C 51 1.39 -51.75 -35.67
CA LYS C 51 0.84 -51.24 -34.42
C LYS C 51 -0.20 -52.20 -33.86
N PRO C 52 0.03 -52.69 -32.63
CA PRO C 52 -0.91 -53.59 -31.96
C PRO C 52 -2.03 -52.83 -31.26
N THR C 53 -3.16 -53.51 -31.04
CA THR C 53 -4.30 -52.92 -30.35
C THR C 53 -3.93 -52.52 -28.93
N PRO C 54 -4.50 -51.40 -28.43
CA PRO C 54 -4.24 -50.92 -27.07
C PRO C 54 -4.48 -52.00 -26.01
N ASN C 55 -5.40 -52.92 -26.26
CA ASN C 55 -5.65 -54.00 -25.31
C ASN C 55 -4.52 -55.02 -25.33
N THR C 56 -3.81 -55.10 -26.45
CA THR C 56 -2.68 -56.01 -26.55
C THR C 56 -1.49 -55.46 -25.79
N VAL C 57 -1.20 -54.18 -26.02
CA VAL C 57 -0.11 -53.51 -25.32
C VAL C 57 -0.36 -53.49 -23.82
N TRP C 58 -1.59 -53.20 -23.43
CA TRP C 58 -2.00 -53.25 -22.04
C TRP C 58 -1.75 -54.63 -21.45
N TYR C 59 -2.04 -55.67 -22.24
CA TYR C 59 -1.86 -57.04 -21.78
C TYR C 59 -0.38 -57.35 -21.50
N ILE C 60 0.48 -56.89 -22.40
CA ILE C 60 1.92 -57.10 -22.25
C ILE C 60 2.47 -56.35 -21.04
N LEU C 61 1.92 -55.16 -20.79
CA LEU C 61 2.38 -54.35 -19.67
C LEU C 61 1.88 -54.91 -18.33
N THR C 62 0.67 -55.46 -18.33
CA THR C 62 0.06 -55.93 -17.08
C THR C 62 0.28 -57.42 -16.84
N HIS C 63 1.29 -57.99 -17.50
CA HIS C 63 1.67 -59.38 -17.26
C HIS C 63 3.18 -59.54 -17.28
N PHE C 64 3.65 -60.76 -17.06
CA PHE C 64 5.09 -61.09 -17.06
C PHE C 64 5.84 -60.34 -15.98
N LYS C 65 5.38 -60.47 -14.73
CA LYS C 65 5.95 -59.72 -13.61
C LYS C 65 7.44 -60.00 -13.44
N GLY C 66 7.83 -61.25 -13.71
CA GLY C 66 9.22 -61.64 -13.62
C GLY C 66 10.08 -60.96 -14.68
N VAL C 67 9.56 -60.87 -15.89
CA VAL C 67 10.28 -60.24 -16.99
C VAL C 67 10.54 -58.77 -16.74
N TRP C 68 9.50 -58.06 -16.30
CA TRP C 68 9.63 -56.64 -16.01
C TRP C 68 10.51 -56.40 -14.80
N ASN C 69 10.50 -57.35 -13.87
CA ASN C 69 11.32 -57.27 -12.68
C ASN C 69 12.80 -57.26 -13.06
N ILE C 70 13.10 -57.87 -14.20
CA ILE C 70 14.45 -57.85 -14.76
C ILE C 70 14.66 -56.55 -15.52
N VAL C 71 13.66 -56.14 -16.30
CA VAL C 71 13.73 -54.91 -17.09
C VAL C 71 13.83 -53.66 -16.21
N ASN C 72 13.04 -53.61 -15.15
CA ASN C 72 13.04 -52.47 -14.25
C ASN C 72 14.39 -52.25 -13.59
N ASN C 73 15.15 -53.34 -13.42
CA ASN C 73 16.45 -53.25 -12.76
C ASN C 73 17.59 -53.07 -13.75
N ILE C 74 17.25 -52.69 -14.98
CA ILE C 74 18.24 -52.34 -15.99
C ILE C 74 17.99 -50.91 -16.45
N PRO C 75 18.70 -49.95 -15.85
CA PRO C 75 18.53 -48.50 -16.05
C PRO C 75 18.39 -48.07 -17.50
N PHE C 76 19.26 -48.56 -18.38
CA PHE C 76 19.24 -48.12 -19.77
C PHE C 76 18.04 -48.73 -20.50
N LEU C 77 17.62 -49.92 -20.06
CA LEU C 77 16.47 -50.58 -20.65
C LEU C 77 15.18 -49.90 -20.22
N ARG C 78 15.09 -49.62 -18.92
CA ARG C 78 13.94 -48.94 -18.34
C ARG C 78 13.77 -47.55 -18.94
N SER C 79 14.90 -46.87 -19.18
CA SER C 79 14.87 -45.52 -19.75
C SER C 79 14.36 -45.55 -21.18
N LEU C 80 14.74 -46.60 -21.91
CA LEU C 80 14.34 -46.75 -23.30
C LEU C 80 12.85 -47.03 -23.42
N ILE C 81 12.34 -47.87 -22.54
CA ILE C 81 10.90 -48.16 -22.53
C ILE C 81 10.11 -46.90 -22.22
N MET C 82 10.40 -46.29 -21.07
CA MET C 82 9.69 -45.10 -20.61
C MET C 82 9.72 -43.99 -21.65
N LYS C 83 10.85 -43.86 -22.33
CA LYS C 83 10.99 -42.89 -23.41
C LYS C 83 9.94 -43.13 -24.49
N TYR C 84 9.68 -44.40 -24.78
CA TYR C 84 8.74 -44.75 -25.85
C TYR C 84 7.29 -44.48 -25.50
N VAL C 85 6.90 -44.80 -24.29
CA VAL C 85 5.55 -44.49 -23.84
C VAL C 85 5.40 -42.98 -23.74
N LEU C 86 6.49 -42.31 -23.44
CA LEU C 86 6.48 -40.86 -23.32
C LEU C 86 6.21 -40.19 -24.67
N THR C 87 6.99 -40.58 -25.68
CA THR C 87 6.90 -39.95 -26.99
C THR C 87 5.57 -40.22 -27.70
N SER C 88 5.13 -41.46 -27.67
CA SER C 88 3.91 -41.85 -28.38
C SER C 88 2.65 -41.26 -27.73
N ARG C 89 2.59 -41.36 -26.43
CA ARG C 89 1.43 -40.89 -25.77
C ARG C 89 1.27 -39.49 -26.29
N SER C 90 2.33 -38.71 -26.30
CA SER C 90 2.19 -37.29 -26.56
C SER C 90 1.82 -36.83 -27.97
N TYR C 91 2.16 -37.59 -29.00
CA TYR C 91 1.87 -37.13 -30.35
C TYR C 91 0.39 -37.09 -30.65
N LEU C 92 -0.43 -37.48 -29.71
CA LEU C 92 -1.85 -37.50 -29.93
C LEU C 92 -2.45 -36.18 -29.57
N ILE C 93 -1.69 -35.36 -28.87
CA ILE C 93 -2.16 -34.07 -28.45
C ILE C 93 -1.70 -32.96 -29.37
N ASP C 94 -2.62 -32.12 -29.80
CA ASP C 94 -2.25 -30.97 -30.59
C ASP C 94 -1.58 -29.92 -29.73
N SER C 95 -0.36 -29.54 -30.08
CA SER C 95 0.40 -28.55 -29.31
C SER C 95 1.31 -27.74 -30.23
N PRO C 96 1.11 -26.41 -30.32
CA PRO C 96 0.14 -25.52 -29.66
C PRO C 96 -1.31 -25.88 -29.97
N PRO C 97 -2.24 -25.48 -29.08
CA PRO C 97 -3.63 -25.96 -29.16
C PRO C 97 -4.39 -25.38 -30.34
N THR C 98 -5.56 -25.94 -30.60
CA THR C 98 -6.36 -25.55 -31.74
C THR C 98 -7.75 -25.09 -31.33
N TYR C 99 -8.71 -26.01 -31.31
CA TYR C 99 -10.12 -25.64 -31.16
C TYR C 99 -10.53 -25.39 -29.71
N ASN C 100 -11.66 -24.70 -29.54
CA ASN C 100 -12.33 -24.62 -28.24
C ASN C 100 -13.84 -24.66 -28.42
N VAL C 101 -14.57 -24.40 -27.34
CA VAL C 101 -16.02 -24.52 -27.34
C VAL C 101 -16.70 -23.60 -28.36
N HIS C 102 -16.07 -22.47 -28.67
CA HIS C 102 -16.67 -21.50 -29.60
C HIS C 102 -16.07 -21.57 -30.99
N TYR C 103 -15.09 -22.45 -31.21
CA TYR C 103 -14.42 -22.50 -32.49
C TYR C 103 -14.16 -23.91 -33.00
N GLY C 104 -14.86 -24.26 -34.09
CA GLY C 104 -14.66 -25.53 -34.76
C GLY C 104 -13.63 -25.42 -35.88
N TYR C 105 -12.98 -24.25 -35.97
CA TYR C 105 -11.89 -24.03 -36.90
C TYR C 105 -10.76 -23.30 -36.17
N LYS C 106 -9.54 -23.35 -36.70
CA LYS C 106 -8.42 -22.61 -36.12
C LYS C 106 -8.65 -21.10 -36.20
N SER C 107 -8.33 -20.39 -35.12
CA SER C 107 -8.40 -18.93 -35.12
C SER C 107 -7.43 -18.36 -34.08
N TRP C 108 -7.08 -17.10 -34.22
CA TRP C 108 -6.16 -16.51 -33.26
C TRP C 108 -6.85 -16.29 -31.91
N GLU C 109 -8.17 -16.15 -31.94
CA GLU C 109 -8.94 -16.05 -30.71
C GLU C 109 -8.85 -17.36 -29.93
N ALA C 110 -8.96 -18.48 -30.63
CA ALA C 110 -8.90 -19.79 -29.98
C ALA C 110 -7.50 -20.07 -29.44
N PHE C 111 -6.48 -19.62 -30.15
CA PHE C 111 -5.13 -19.86 -29.68
C PHE C 111 -4.73 -18.98 -28.49
N SER C 112 -5.07 -17.71 -28.55
CA SER C 112 -4.49 -16.75 -27.60
C SER C 112 -5.28 -16.67 -26.30
N ASN C 113 -6.61 -16.74 -26.38
CA ASN C 113 -7.47 -16.61 -25.21
C ASN C 113 -7.32 -17.80 -24.25
N LEU C 114 -6.62 -17.58 -23.15
CA LEU C 114 -6.30 -18.63 -22.19
C LEU C 114 -7.48 -18.99 -21.29
N SER C 115 -8.58 -18.25 -21.41
CA SER C 115 -9.75 -18.49 -20.56
C SER C 115 -10.56 -19.70 -21.01
N TYR C 116 -10.42 -20.09 -22.26
CA TYR C 116 -11.05 -21.31 -22.78
C TYR C 116 -10.31 -22.57 -22.38
N TYR C 117 -11.05 -23.64 -22.10
CA TYR C 117 -10.47 -24.97 -22.23
C TYR C 117 -10.23 -25.21 -23.72
N THR C 118 -9.16 -25.92 -24.07
CA THR C 118 -8.99 -26.31 -25.46
C THR C 118 -9.77 -27.59 -25.71
N ARG C 119 -9.85 -28.04 -26.96
CA ARG C 119 -10.62 -29.24 -27.27
C ARG C 119 -9.87 -30.16 -28.23
N ALA C 120 -9.89 -31.46 -27.92
CA ALA C 120 -9.24 -32.45 -28.77
C ALA C 120 -10.04 -32.65 -30.06
N LEU C 121 -11.35 -32.47 -29.95
CA LEU C 121 -12.21 -32.51 -31.13
C LEU C 121 -13.07 -31.25 -31.15
N PRO C 122 -13.21 -30.64 -32.35
CA PRO C 122 -14.02 -29.43 -32.47
C PRO C 122 -15.47 -29.70 -32.06
N PRO C 123 -16.18 -28.66 -31.62
CA PRO C 123 -17.59 -28.80 -31.25
C PRO C 123 -18.48 -28.98 -32.47
N VAL C 124 -19.64 -29.62 -32.29
CA VAL C 124 -20.60 -29.79 -33.37
C VAL C 124 -21.26 -28.46 -33.67
N ALA C 125 -21.30 -28.08 -34.95
CA ALA C 125 -21.86 -26.80 -35.36
C ALA C 125 -23.31 -26.66 -34.93
N ASP C 126 -23.69 -25.43 -34.57
CA ASP C 126 -25.02 -25.16 -34.02
C ASP C 126 -26.13 -25.48 -35.01
N ASP C 127 -25.86 -25.33 -36.30
CA ASP C 127 -26.88 -25.54 -37.32
C ASP C 127 -26.89 -26.99 -37.81
N CYS C 128 -26.29 -27.89 -37.04
CA CYS C 128 -26.37 -29.32 -37.35
C CYS C 128 -27.73 -29.86 -36.93
N PRO C 129 -28.35 -30.69 -37.78
CA PRO C 129 -29.71 -31.20 -37.57
C PRO C 129 -29.87 -32.08 -36.32
N THR C 130 -28.79 -32.74 -35.91
CA THR C 130 -28.82 -33.57 -34.71
C THR C 130 -27.68 -33.19 -33.77
N PRO C 131 -27.86 -33.46 -32.46
CA PRO C 131 -26.83 -33.15 -31.46
C PRO C 131 -25.43 -33.69 -31.81
N MET C 132 -25.36 -34.88 -32.40
CA MET C 132 -24.06 -35.48 -32.71
C MET C 132 -23.62 -35.16 -34.14
N GLY C 133 -24.46 -34.41 -34.86
CA GLY C 133 -24.11 -33.97 -36.19
C GLY C 133 -25.20 -34.29 -37.20
N VAL C 134 -25.38 -35.57 -37.49
CA VAL C 134 -26.33 -35.95 -38.53
C VAL C 134 -27.06 -37.25 -38.15
N LYS C 135 -26.51 -37.97 -37.18
CA LYS C 135 -27.09 -39.24 -36.74
C LYS C 135 -27.98 -39.09 -35.51
N GLY C 136 -28.89 -40.03 -35.32
CA GLY C 136 -29.72 -40.07 -34.13
C GLY C 136 -30.96 -39.20 -34.23
N ASN C 137 -31.56 -38.93 -33.08
CA ASN C 137 -32.76 -38.11 -33.00
C ASN C 137 -32.41 -36.64 -32.82
N LYS C 138 -33.39 -35.77 -33.05
CA LYS C 138 -33.22 -34.33 -32.88
C LYS C 138 -32.86 -34.01 -31.42
N GLU C 139 -33.26 -34.91 -30.52
CA GLU C 139 -32.99 -34.77 -29.10
C GLU C 139 -32.20 -35.96 -28.58
N LEU C 140 -31.15 -35.67 -27.81
CA LEU C 140 -30.41 -36.70 -27.08
C LEU C 140 -31.31 -37.25 -25.97
N PRO C 141 -31.12 -38.53 -25.57
CA PRO C 141 -32.01 -39.13 -24.59
C PRO C 141 -31.98 -38.42 -23.24
N ASP C 142 -33.06 -38.56 -22.47
CA ASP C 142 -33.23 -37.86 -21.19
C ASP C 142 -32.06 -38.14 -20.24
N SER C 143 -31.42 -37.08 -19.76
CA SER C 143 -30.23 -37.23 -18.93
C SER C 143 -30.54 -37.85 -17.56
N LYS C 144 -31.65 -37.46 -16.95
CA LYS C 144 -32.10 -38.11 -15.72
C LYS C 144 -32.30 -39.61 -15.97
N GLU C 145 -32.88 -39.96 -17.11
CA GLU C 145 -33.07 -41.35 -17.51
C GLU C 145 -31.74 -42.10 -17.64
N VAL C 146 -30.78 -41.50 -18.34
CA VAL C 146 -29.48 -42.14 -18.52
C VAL C 146 -28.81 -42.33 -17.16
N LEU C 147 -28.79 -41.27 -16.37
CA LEU C 147 -28.23 -41.26 -15.03
C LEU C 147 -28.78 -42.40 -14.17
N GLU C 148 -30.09 -42.44 -14.01
CA GLU C 148 -30.71 -43.40 -13.11
C GLU C 148 -30.55 -44.86 -13.55
N LYS C 149 -30.69 -45.10 -14.85
CA LYS C 149 -30.73 -46.47 -15.38
C LYS C 149 -29.35 -47.13 -15.54
N VAL C 150 -28.28 -46.37 -15.77
CA VAL C 150 -26.98 -47.00 -15.97
C VAL C 150 -25.82 -46.40 -15.18
N LEU C 151 -26.06 -45.31 -14.46
CA LEU C 151 -24.96 -44.64 -13.76
C LEU C 151 -25.06 -44.71 -12.23
N LEU C 152 -26.26 -44.56 -11.69
CA LEU C 152 -26.43 -44.50 -10.25
C LEU C 152 -26.09 -45.81 -9.57
N ARG C 153 -25.52 -45.72 -8.37
CA ARG C 153 -25.08 -46.89 -7.63
C ARG C 153 -26.22 -47.59 -6.90
N ARG C 154 -26.37 -48.89 -7.15
CA ARG C 154 -27.30 -49.72 -6.38
C ARG C 154 -26.65 -50.04 -5.05
N GLU C 155 -25.69 -50.96 -5.07
CA GLU C 155 -24.80 -51.16 -3.93
C GLU C 155 -23.35 -50.88 -4.34
N PHE C 156 -22.52 -50.56 -3.34
CA PHE C 156 -21.13 -50.17 -3.57
C PHE C 156 -20.30 -51.25 -4.26
N ILE C 157 -19.79 -50.91 -5.43
CA ILE C 157 -18.85 -51.77 -6.14
C ILE C 157 -17.42 -51.31 -5.89
N PRO C 158 -16.65 -52.10 -5.12
CA PRO C 158 -15.28 -51.70 -4.81
C PRO C 158 -14.37 -51.80 -6.01
N ASP C 159 -13.32 -50.98 -6.04
CA ASP C 159 -12.32 -51.08 -7.11
C ASP C 159 -11.46 -52.32 -6.91
N PRO C 160 -11.53 -53.27 -7.85
CA PRO C 160 -10.71 -54.48 -7.79
C PRO C 160 -9.21 -54.17 -7.88
N GLN C 161 -8.87 -52.98 -8.37
CA GLN C 161 -7.47 -52.59 -8.51
C GLN C 161 -6.93 -52.04 -7.19
N GLY C 162 -7.80 -51.89 -6.20
CA GLY C 162 -7.39 -51.61 -4.83
C GLY C 162 -7.18 -50.15 -4.47
N SER C 163 -7.60 -49.24 -5.34
CA SER C 163 -7.43 -47.81 -5.09
C SER C 163 -8.13 -47.42 -3.81
N ASN C 164 -7.43 -46.68 -2.96
CA ASN C 164 -7.98 -46.29 -1.67
C ASN C 164 -8.40 -44.82 -1.67
N MET C 165 -8.69 -44.30 -0.49
CA MET C 165 -9.17 -42.92 -0.38
C MET C 165 -8.02 -41.93 -0.37
N MET C 166 -6.81 -42.40 -0.07
CA MET C 166 -5.61 -41.58 -0.25
C MET C 166 -5.47 -41.24 -1.72
N PHE C 167 -5.78 -42.21 -2.57
CA PHE C 167 -5.72 -42.01 -4.01
C PHE C 167 -6.84 -41.08 -4.49
N ALA C 168 -8.06 -41.35 -4.04
CA ALA C 168 -9.21 -40.58 -4.48
C ALA C 168 -9.06 -39.10 -4.12
N PHE C 169 -8.61 -38.83 -2.90
CA PHE C 169 -8.47 -37.46 -2.45
C PHE C 169 -7.25 -36.80 -3.09
N PHE C 170 -6.24 -37.60 -3.44
CA PHE C 170 -5.07 -37.10 -4.15
C PHE C 170 -5.46 -36.69 -5.55
N ALA C 171 -6.34 -37.50 -6.16
CA ALA C 171 -6.82 -37.23 -7.50
C ALA C 171 -7.63 -35.94 -7.53
N GLN C 172 -8.50 -35.77 -6.53
CA GLN C 172 -9.34 -34.59 -6.48
C GLN C 172 -8.53 -33.33 -6.17
N HIS C 173 -7.53 -33.47 -5.30
CA HIS C 173 -6.69 -32.36 -4.90
C HIS C 173 -5.78 -31.88 -6.02
N PHE C 174 -4.97 -32.81 -6.54
CA PHE C 174 -4.01 -32.53 -7.61
C PHE C 174 -4.66 -31.99 -8.88
N THR C 175 -5.74 -32.61 -9.33
CA THR C 175 -6.35 -32.21 -10.59
C THR C 175 -7.17 -30.93 -10.47
N HIS C 176 -7.46 -30.50 -9.25
CA HIS C 176 -8.21 -29.26 -9.08
C HIS C 176 -7.34 -28.03 -9.25
N GLN C 177 -6.04 -28.20 -9.46
CA GLN C 177 -5.21 -27.03 -9.72
C GLN C 177 -5.33 -26.62 -11.18
N PHE C 178 -5.69 -27.55 -12.07
CA PHE C 178 -5.84 -27.19 -13.47
C PHE C 178 -7.24 -27.47 -14.02
N PHE C 179 -8.13 -28.00 -13.18
CA PHE C 179 -9.55 -28.05 -13.50
C PHE C 179 -10.29 -27.05 -12.64
N LYS C 180 -10.40 -25.83 -13.14
CA LYS C 180 -10.99 -24.73 -12.37
C LYS C 180 -12.02 -24.01 -13.22
N THR C 181 -13.15 -24.67 -13.43
CA THR C 181 -14.16 -24.16 -14.36
C THR C 181 -14.70 -22.82 -13.88
N ASP C 182 -14.75 -21.87 -14.79
CA ASP C 182 -15.28 -20.53 -14.52
C ASP C 182 -16.76 -20.53 -14.85
N HIS C 183 -17.58 -20.88 -13.87
CA HIS C 183 -19.01 -21.06 -14.07
C HIS C 183 -19.72 -19.76 -14.47
N LYS C 184 -19.10 -18.62 -14.17
CA LYS C 184 -19.68 -17.33 -14.53
C LYS C 184 -19.66 -17.15 -16.04
N ARG C 185 -18.67 -17.74 -16.70
CA ARG C 185 -18.56 -17.68 -18.15
C ARG C 185 -19.23 -18.89 -18.82
N GLY C 186 -18.95 -20.08 -18.29
CA GLY C 186 -19.49 -21.30 -18.84
C GLY C 186 -18.59 -22.51 -18.60
N PRO C 187 -19.11 -23.71 -18.88
CA PRO C 187 -18.40 -24.97 -18.65
C PRO C 187 -17.16 -25.15 -19.53
N GLY C 188 -17.06 -24.37 -20.60
CA GLY C 188 -15.92 -24.45 -21.50
C GLY C 188 -14.78 -23.53 -21.11
N PHE C 189 -14.94 -22.81 -20.00
CA PHE C 189 -13.94 -21.85 -19.55
C PHE C 189 -13.28 -22.25 -18.24
N THR C 190 -12.01 -21.89 -18.11
CA THR C 190 -11.25 -22.24 -16.92
C THR C 190 -10.66 -20.99 -16.26
N ARG C 191 -10.44 -21.07 -14.95
CA ARG C 191 -9.74 -20.02 -14.20
C ARG C 191 -8.28 -20.39 -14.02
N GLY C 192 -7.88 -21.54 -14.56
CA GLY C 192 -6.49 -21.98 -14.45
C GLY C 192 -5.66 -21.52 -15.64
N LEU C 193 -5.32 -20.24 -15.66
CA LEU C 193 -4.61 -19.66 -16.80
C LEU C 193 -3.22 -20.27 -17.01
N GLY C 194 -2.67 -20.87 -15.96
CA GLY C 194 -1.41 -21.58 -16.07
C GLY C 194 -1.52 -22.87 -16.86
N HIS C 195 -2.74 -23.40 -16.93
CA HIS C 195 -3.06 -24.58 -17.73
C HIS C 195 -2.15 -25.80 -17.46
N GLY C 196 -1.83 -26.05 -16.20
CA GLY C 196 -1.07 -27.23 -15.83
C GLY C 196 -0.66 -27.29 -14.36
N VAL C 197 0.47 -27.96 -14.11
CA VAL C 197 0.96 -28.17 -12.76
C VAL C 197 1.79 -26.97 -12.25
N ASP C 198 1.12 -25.89 -11.86
CA ASP C 198 1.82 -24.74 -11.30
C ASP C 198 1.65 -24.66 -9.80
N LEU C 199 0.88 -25.59 -9.24
CA LEU C 199 0.55 -25.63 -7.81
C LEU C 199 -0.13 -24.34 -7.35
N ASN C 200 -1.02 -23.80 -8.17
CA ASN C 200 -1.77 -22.62 -7.79
C ASN C 200 -2.76 -22.95 -6.68
N HIS C 201 -3.07 -24.23 -6.54
CA HIS C 201 -4.02 -24.69 -5.52
C HIS C 201 -3.40 -24.66 -4.12
N ILE C 202 -2.10 -24.36 -4.07
CA ILE C 202 -1.37 -24.21 -2.81
C ILE C 202 -0.98 -22.76 -2.61
N TYR C 203 -0.56 -22.13 -3.70
CA TYR C 203 0.06 -20.82 -3.68
C TYR C 203 -0.86 -19.69 -4.12
N GLY C 204 -2.02 -20.05 -4.66
CA GLY C 204 -2.96 -19.05 -5.15
C GLY C 204 -2.76 -18.78 -6.63
N GLU C 205 -3.86 -18.53 -7.34
CA GLU C 205 -3.81 -18.27 -8.76
C GLU C 205 -3.15 -16.91 -9.05
N THR C 206 -3.52 -15.89 -8.29
CA THR C 206 -2.96 -14.55 -8.48
C THR C 206 -1.83 -14.25 -7.51
N LEU C 207 -1.19 -13.12 -7.73
CA LEU C 207 -0.01 -12.72 -6.99
C LEU C 207 -0.40 -12.13 -5.62
N ASP C 208 -1.48 -11.36 -5.61
CA ASP C 208 -1.97 -10.75 -4.38
C ASP C 208 -2.45 -11.82 -3.42
N ARG C 209 -3.05 -12.87 -3.96
CA ARG C 209 -3.53 -13.98 -3.15
C ARG C 209 -2.34 -14.74 -2.59
N GLN C 210 -1.33 -14.92 -3.43
CA GLN C 210 -0.08 -15.56 -3.01
C GLN C 210 0.58 -14.81 -1.87
N HIS C 211 0.60 -13.49 -1.98
CA HIS C 211 1.25 -12.64 -0.98
C HIS C 211 0.49 -12.66 0.34
N LYS C 212 -0.83 -12.79 0.25
CA LYS C 212 -1.66 -12.96 1.45
C LYS C 212 -1.41 -14.30 2.16
N LEU C 213 -1.02 -15.32 1.41
CA LEU C 213 -0.77 -16.64 1.99
C LEU C 213 0.67 -16.80 2.50
N ARG C 214 1.53 -15.84 2.15
CA ARG C 214 2.94 -15.90 2.53
C ARG C 214 3.25 -15.30 3.90
N LEU C 215 4.28 -15.85 4.55
CA LEU C 215 4.77 -15.33 5.83
C LEU C 215 5.80 -14.20 5.62
N PHE C 216 6.40 -14.17 4.44
CA PHE C 216 7.49 -13.24 4.10
C PHE C 216 8.66 -13.32 5.07
N LYS C 217 8.84 -14.51 5.65
CA LYS C 217 10.04 -14.84 6.41
C LYS C 217 10.47 -16.26 6.04
N ASP C 218 11.71 -16.39 5.58
CA ASP C 218 12.31 -17.70 5.28
C ASP C 218 11.60 -18.45 4.16
N GLY C 219 10.94 -17.72 3.26
CA GLY C 219 10.28 -18.30 2.11
C GLY C 219 8.96 -19.00 2.45
N LYS C 220 8.60 -18.96 3.72
CA LYS C 220 7.55 -19.84 4.24
C LYS C 220 6.11 -19.38 3.97
N LEU C 221 5.20 -20.34 4.03
CA LEU C 221 3.77 -20.08 3.96
C LEU C 221 3.23 -19.82 5.36
N LYS C 222 2.28 -18.89 5.49
CA LYS C 222 1.62 -18.67 6.76
C LYS C 222 1.00 -19.97 7.29
N TYR C 223 0.90 -20.10 8.61
CA TYR C 223 0.34 -21.29 9.23
C TYR C 223 -0.04 -21.01 10.67
N GLN C 224 -0.82 -21.91 11.26
CA GLN C 224 -1.16 -21.80 12.68
C GLN C 224 -0.85 -23.10 13.37
N VAL C 225 -0.90 -23.08 14.70
CA VAL C 225 -0.73 -24.30 15.46
C VAL C 225 -1.98 -24.57 16.28
N ILE C 226 -2.59 -25.72 16.01
CA ILE C 226 -3.75 -26.21 16.76
C ILE C 226 -3.40 -27.54 17.40
N GLY C 227 -3.61 -27.64 18.71
CA GLY C 227 -3.07 -28.75 19.46
C GLY C 227 -1.57 -28.56 19.49
N GLY C 228 -0.85 -29.40 18.75
CA GLY C 228 0.57 -29.22 18.56
C GLY C 228 0.89 -29.35 17.09
N GLU C 229 -0.15 -29.35 16.27
CA GLU C 229 -0.02 -29.63 14.85
C GLU C 229 -0.09 -28.37 14.01
N VAL C 230 0.60 -28.43 12.87
CA VAL C 230 0.62 -27.32 11.92
C VAL C 230 -0.55 -27.43 10.94
N TYR C 231 -1.34 -26.36 10.86
CA TYR C 231 -2.48 -26.31 9.97
C TYR C 231 -2.43 -25.02 9.15
N PRO C 232 -3.19 -24.99 8.04
CA PRO C 232 -3.33 -23.76 7.25
C PRO C 232 -3.84 -22.60 8.10
N PRO C 233 -3.49 -21.36 7.73
CA PRO C 233 -3.95 -20.16 8.43
C PRO C 233 -5.46 -19.95 8.24
N THR C 234 -6.00 -18.92 8.90
CA THR C 234 -7.42 -18.60 8.80
C THR C 234 -7.69 -17.50 7.78
N VAL C 235 -8.95 -17.37 7.38
CA VAL C 235 -9.39 -16.32 6.48
C VAL C 235 -9.23 -14.96 7.14
N LYS C 236 -9.53 -14.89 8.44
CA LYS C 236 -9.38 -13.68 9.22
C LYS C 236 -7.95 -13.17 9.20
N ASP C 237 -6.99 -14.09 9.30
CA ASP C 237 -5.58 -13.74 9.41
C ASP C 237 -4.98 -13.31 8.07
N THR C 238 -5.39 -13.98 6.99
CA THR C 238 -4.78 -13.78 5.68
C THR C 238 -5.60 -12.86 4.78
N GLN C 239 -6.90 -12.79 5.05
CA GLN C 239 -7.86 -12.01 4.26
C GLN C 239 -8.13 -12.57 2.86
N VAL C 240 -7.81 -13.84 2.62
CA VAL C 240 -8.06 -14.41 1.30
C VAL C 240 -9.48 -14.95 1.19
N GLU C 241 -9.97 -15.06 -0.04
CA GLU C 241 -11.34 -15.48 -0.29
C GLU C 241 -11.46 -16.99 -0.34
N MET C 242 -12.25 -17.54 0.57
CA MET C 242 -12.53 -18.97 0.60
C MET C 242 -14.03 -19.18 0.56
N ILE C 243 -14.44 -20.33 0.02
CA ILE C 243 -15.85 -20.66 -0.03
C ILE C 243 -16.23 -21.51 1.17
N TYR C 244 -17.08 -20.94 2.02
CA TYR C 244 -17.57 -21.62 3.21
C TYR C 244 -19.03 -21.25 3.47
N PRO C 245 -19.84 -22.25 3.86
CA PRO C 245 -21.22 -21.94 4.29
C PRO C 245 -21.20 -21.03 5.53
N PRO C 246 -22.21 -20.15 5.66
CA PRO C 246 -22.22 -19.07 6.66
C PRO C 246 -22.13 -19.53 8.11
N HIS C 247 -22.38 -20.81 8.37
CA HIS C 247 -22.38 -21.31 9.75
C HIS C 247 -21.01 -21.80 10.20
N ILE C 248 -20.04 -21.77 9.29
CA ILE C 248 -18.69 -22.19 9.63
C ILE C 248 -17.97 -21.11 10.43
N PRO C 249 -17.57 -21.45 11.68
CA PRO C 249 -16.92 -20.46 12.55
C PRO C 249 -15.60 -19.97 11.97
N GLU C 250 -15.17 -18.78 12.40
CA GLU C 250 -13.98 -18.15 11.86
C GLU C 250 -12.71 -18.95 12.10
N ASN C 251 -12.60 -19.63 13.23
CA ASN C 251 -11.36 -20.33 13.55
C ASN C 251 -11.22 -21.62 12.74
N LEU C 252 -12.24 -21.93 11.93
CA LEU C 252 -12.26 -23.14 11.13
C LEU C 252 -12.36 -22.82 9.64
N GLN C 253 -12.41 -21.52 9.33
CA GLN C 253 -12.31 -21.08 7.94
C GLN C 253 -10.85 -21.04 7.51
N PHE C 254 -10.31 -22.20 7.15
CA PHE C 254 -8.92 -22.30 6.73
C PHE C 254 -8.71 -21.67 5.36
N ALA C 255 -7.58 -20.98 5.21
CA ALA C 255 -7.23 -20.29 3.98
C ALA C 255 -6.12 -21.03 3.24
N VAL C 256 -6.42 -21.49 2.02
CA VAL C 256 -5.41 -22.17 1.20
C VAL C 256 -5.45 -21.66 -0.24
N GLY C 257 -4.50 -22.11 -1.05
CA GLY C 257 -4.40 -21.69 -2.44
C GLY C 257 -5.71 -21.77 -3.19
N GLN C 258 -6.35 -22.93 -3.14
CA GLN C 258 -7.64 -23.16 -3.79
C GLN C 258 -8.80 -22.76 -2.88
N GLU C 259 -9.71 -21.95 -3.42
CA GLU C 259 -10.81 -21.40 -2.65
C GLU C 259 -11.85 -22.44 -2.26
N VAL C 260 -11.72 -23.65 -2.79
CA VAL C 260 -12.76 -24.66 -2.66
C VAL C 260 -12.38 -25.77 -1.68
N PHE C 261 -11.08 -25.97 -1.48
CA PHE C 261 -10.57 -27.07 -0.66
C PHE C 261 -11.06 -27.10 0.79
N GLY C 262 -11.67 -26.00 1.24
CA GLY C 262 -12.18 -25.92 2.59
C GLY C 262 -13.46 -26.69 2.82
N LEU C 263 -13.98 -27.28 1.75
CA LEU C 263 -15.30 -27.89 1.77
C LEU C 263 -15.26 -29.40 1.95
N VAL C 264 -14.06 -29.97 1.83
CA VAL C 264 -13.85 -31.41 2.02
C VAL C 264 -12.61 -31.64 2.86
N PRO C 265 -12.76 -32.30 4.02
CA PRO C 265 -11.63 -32.56 4.94
C PRO C 265 -10.48 -33.30 4.28
N GLY C 266 -10.78 -34.20 3.34
CA GLY C 266 -9.76 -34.95 2.64
C GLY C 266 -8.92 -34.05 1.77
N LEU C 267 -9.56 -33.02 1.23
CA LEU C 267 -8.87 -31.99 0.46
C LEU C 267 -8.00 -31.16 1.40
N MET C 268 -8.59 -30.76 2.52
CA MET C 268 -7.88 -30.00 3.53
C MET C 268 -6.71 -30.81 4.09
N MET C 269 -6.86 -32.13 4.10
CA MET C 269 -5.79 -33.02 4.54
C MET C 269 -4.55 -32.84 3.67
N TYR C 270 -4.74 -32.87 2.35
CA TYR C 270 -3.61 -32.74 1.43
C TYR C 270 -3.05 -31.32 1.38
N ALA C 271 -3.92 -30.32 1.50
CA ALA C 271 -3.48 -28.93 1.52
C ALA C 271 -2.52 -28.70 2.69
N THR C 272 -2.89 -29.25 3.84
CA THR C 272 -2.07 -29.22 5.05
C THR C 272 -0.73 -29.93 4.84
N ILE C 273 -0.79 -31.13 4.26
CA ILE C 273 0.42 -31.92 4.03
C ILE C 273 1.40 -31.16 3.12
N TRP C 274 0.87 -30.54 2.06
CA TRP C 274 1.70 -29.81 1.11
C TRP C 274 2.19 -28.47 1.65
N LEU C 275 1.42 -27.89 2.56
CA LEU C 275 1.83 -26.64 3.21
C LEU C 275 3.04 -26.95 4.09
N ARG C 276 2.97 -28.05 4.83
CA ARG C 276 4.06 -28.48 5.69
C ARG C 276 5.30 -28.78 4.86
N GLU C 277 5.11 -29.46 3.74
CA GLU C 277 6.21 -29.80 2.85
C GLU C 277 6.92 -28.56 2.30
N HIS C 278 6.16 -27.51 1.97
CA HIS C 278 6.76 -26.27 1.48
C HIS C 278 7.67 -25.63 2.52
N ASN C 279 7.15 -25.48 3.73
CA ASN C 279 7.92 -24.88 4.81
C ASN C 279 9.12 -25.73 5.18
N ARG C 280 8.96 -27.05 5.06
CA ARG C 280 10.04 -27.98 5.31
C ARG C 280 11.20 -27.73 4.35
N VAL C 281 10.88 -27.54 3.07
CA VAL C 281 11.90 -27.30 2.07
C VAL C 281 12.55 -25.93 2.26
N CYS C 282 11.77 -24.97 2.76
CA CYS C 282 12.32 -23.67 3.13
C CYS C 282 13.43 -23.82 4.17
N ASP C 283 13.17 -24.62 5.19
CA ASP C 283 14.14 -24.90 6.24
C ASP C 283 15.42 -25.50 5.67
N ILE C 284 15.25 -26.43 4.73
CA ILE C 284 16.36 -27.07 4.06
C ILE C 284 17.15 -26.07 3.21
N LEU C 285 16.45 -25.30 2.39
CA LEU C 285 17.11 -24.31 1.54
C LEU C 285 17.77 -23.20 2.35
N LYS C 286 17.20 -22.85 3.50
CA LYS C 286 17.78 -21.82 4.35
C LYS C 286 19.12 -22.31 4.92
N GLN C 287 19.13 -23.58 5.31
CA GLN C 287 20.34 -24.26 5.77
C GLN C 287 21.46 -24.17 4.74
N GLU C 288 21.11 -24.46 3.49
CA GLU C 288 22.08 -24.48 2.40
C GLU C 288 22.48 -23.09 1.96
N HIS C 289 21.53 -22.15 2.05
CA HIS C 289 21.78 -20.79 1.58
C HIS C 289 21.39 -19.75 2.62
N PRO C 290 22.20 -19.59 3.68
CA PRO C 290 21.91 -18.55 4.66
C PRO C 290 21.97 -17.14 4.05
N GLU C 291 22.56 -17.00 2.87
CA GLU C 291 22.67 -15.69 2.23
C GLU C 291 21.44 -15.36 1.39
N TRP C 292 20.49 -16.28 1.31
CA TRP C 292 19.25 -16.07 0.55
C TRP C 292 18.20 -15.30 1.33
N GLY C 293 17.42 -14.49 0.61
CA GLY C 293 16.31 -13.76 1.22
C GLY C 293 15.01 -14.56 1.14
N ASP C 294 13.93 -13.99 1.66
CA ASP C 294 12.66 -14.69 1.71
C ASP C 294 12.12 -15.04 0.31
N GLU C 295 12.21 -14.09 -0.63
CA GLU C 295 11.62 -14.27 -1.95
C GLU C 295 12.24 -15.45 -2.71
N GLN C 296 13.56 -15.55 -2.71
CA GLN C 296 14.22 -16.65 -3.42
C GLN C 296 14.04 -17.99 -2.71
N LEU C 297 13.83 -17.96 -1.39
CA LEU C 297 13.56 -19.18 -0.66
C LEU C 297 12.18 -19.71 -1.02
N PHE C 298 11.23 -18.80 -1.19
CA PHE C 298 9.86 -19.16 -1.56
C PHE C 298 9.78 -19.68 -2.99
N GLN C 299 10.35 -18.94 -3.93
CA GLN C 299 10.28 -19.30 -5.34
C GLN C 299 10.97 -20.64 -5.57
N THR C 300 12.16 -20.80 -5.02
CA THR C 300 12.90 -22.05 -5.17
C THR C 300 12.13 -23.21 -4.55
N SER C 301 11.49 -22.96 -3.41
CA SER C 301 10.66 -23.99 -2.77
C SER C 301 9.50 -24.39 -3.65
N ARG C 302 8.88 -23.40 -4.29
CA ARG C 302 7.75 -23.63 -5.16
C ARG C 302 8.18 -24.47 -6.36
N LEU C 303 9.35 -24.17 -6.91
CA LEU C 303 9.88 -24.94 -8.04
C LEU C 303 10.15 -26.38 -7.62
N ILE C 304 10.60 -26.56 -6.39
CA ILE C 304 10.93 -27.88 -5.88
C ILE C 304 9.67 -28.72 -5.66
N LEU C 305 8.65 -28.11 -5.05
CA LEU C 305 7.38 -28.81 -4.84
C LEU C 305 6.71 -29.17 -6.17
N ILE C 306 6.86 -28.32 -7.18
CA ILE C 306 6.34 -28.63 -8.51
C ILE C 306 7.01 -29.92 -9.00
N GLY C 307 8.34 -29.96 -8.85
CA GLY C 307 9.11 -31.14 -9.17
C GLY C 307 8.63 -32.38 -8.43
N GLU C 308 8.45 -32.27 -7.12
CA GLU C 308 7.95 -33.38 -6.30
C GLU C 308 6.62 -33.88 -6.82
N THR C 309 5.70 -32.94 -7.05
CA THR C 309 4.37 -33.24 -7.55
C THR C 309 4.39 -34.09 -8.82
N ILE C 310 5.14 -33.64 -9.83
CA ILE C 310 5.22 -34.35 -11.10
C ILE C 310 5.84 -35.74 -10.88
N LYS C 311 6.83 -35.80 -10.01
CA LYS C 311 7.52 -37.05 -9.69
C LYS C 311 6.58 -38.06 -9.04
N ILE C 312 5.79 -37.60 -8.10
CA ILE C 312 4.87 -38.45 -7.37
C ILE C 312 3.70 -38.86 -8.26
N VAL C 313 3.21 -37.92 -9.07
CA VAL C 313 2.10 -38.21 -9.96
C VAL C 313 2.47 -39.28 -10.98
N ILE C 314 3.70 -39.26 -11.49
CA ILE C 314 4.15 -40.26 -12.46
C ILE C 314 4.46 -41.61 -11.83
N GLU C 315 5.32 -41.63 -10.82
CA GLU C 315 5.87 -42.88 -10.32
C GLU C 315 5.03 -43.54 -9.22
N ASP C 316 3.99 -42.85 -8.75
CA ASP C 316 3.10 -43.45 -7.76
C ASP C 316 1.66 -43.46 -8.25
N TYR C 317 1.15 -42.28 -8.60
CA TYR C 317 -0.25 -42.09 -8.97
C TYR C 317 -0.58 -42.76 -10.28
N VAL C 318 -0.02 -42.26 -11.37
CA VAL C 318 -0.20 -42.86 -12.69
C VAL C 318 0.29 -44.31 -12.67
N GLN C 319 1.37 -44.54 -11.93
CA GLN C 319 1.94 -45.88 -11.78
C GLN C 319 0.90 -46.86 -11.24
N HIS C 320 0.16 -46.43 -10.23
CA HIS C 320 -0.84 -47.29 -9.61
C HIS C 320 -2.04 -47.57 -10.52
N LEU C 321 -2.56 -46.54 -11.17
CA LEU C 321 -3.81 -46.73 -11.91
C LEU C 321 -3.56 -47.36 -13.27
N SER C 322 -2.29 -47.45 -13.66
CA SER C 322 -1.93 -48.13 -14.90
C SER C 322 -1.94 -49.64 -14.69
N GLY C 323 -1.62 -50.06 -13.48
CA GLY C 323 -1.59 -51.48 -13.15
C GLY C 323 -0.42 -52.20 -13.79
N TYR C 324 0.54 -51.45 -14.32
CA TYR C 324 1.68 -52.02 -15.00
C TYR C 324 2.65 -52.68 -14.03
N HIS C 325 3.41 -53.64 -14.54
CA HIS C 325 4.52 -54.23 -13.77
C HIS C 325 5.78 -53.41 -14.03
N PHE C 326 5.81 -52.74 -15.18
CA PHE C 326 6.91 -51.85 -15.53
C PHE C 326 6.89 -50.61 -14.64
N LYS C 327 8.06 -50.21 -14.19
CA LYS C 327 8.21 -49.03 -13.34
C LYS C 327 8.30 -47.75 -14.14
N LEU C 328 7.19 -47.00 -14.19
CA LEU C 328 7.22 -45.67 -14.81
C LEU C 328 8.26 -44.81 -14.12
N LYS C 329 8.88 -43.90 -14.88
CA LYS C 329 9.97 -43.10 -14.37
C LYS C 329 9.85 -41.63 -14.76
N PHE C 330 10.02 -40.73 -13.80
CA PHE C 330 10.09 -39.31 -14.12
C PHE C 330 11.52 -38.93 -14.46
N ASP C 331 11.79 -38.72 -15.74
CA ASP C 331 13.11 -38.30 -16.19
C ASP C 331 13.01 -37.41 -17.43
N PRO C 332 13.03 -36.09 -17.21
CA PRO C 332 12.91 -35.13 -18.32
C PRO C 332 14.00 -35.30 -19.38
N GLU C 333 15.14 -35.86 -19.01
CA GLU C 333 16.25 -36.03 -19.95
C GLU C 333 15.88 -36.93 -21.12
N LEU C 334 14.91 -37.82 -20.90
CA LEU C 334 14.45 -38.73 -21.93
C LEU C 334 13.88 -38.02 -23.16
N LEU C 335 13.51 -36.76 -23.01
CA LEU C 335 12.90 -36.03 -24.11
C LEU C 335 13.86 -35.01 -24.74
N PHE C 336 15.10 -34.98 -24.28
CA PHE C 336 16.05 -33.97 -24.71
C PHE C 336 16.52 -34.17 -26.15
N ASN C 337 16.48 -35.40 -26.63
CA ASN C 337 16.86 -35.67 -28.01
C ASN C 337 15.64 -35.97 -28.88
N GLN C 338 14.45 -35.70 -28.32
CA GLN C 338 13.20 -35.94 -29.03
C GLN C 338 12.53 -34.63 -29.40
N GLN C 339 11.60 -34.67 -30.35
CA GLN C 339 10.78 -33.52 -30.65
C GLN C 339 9.65 -33.43 -29.64
N PHE C 340 9.61 -32.34 -28.90
CA PHE C 340 8.63 -32.19 -27.83
C PHE C 340 8.39 -30.73 -27.49
N GLN C 341 7.12 -30.35 -27.45
CA GLN C 341 6.73 -28.99 -27.11
C GLN C 341 6.55 -28.84 -25.61
N TYR C 342 7.40 -28.02 -24.99
CA TYR C 342 7.29 -27.78 -23.56
C TYR C 342 6.24 -26.72 -23.28
N GLN C 343 4.99 -27.13 -23.43
CA GLN C 343 3.84 -26.27 -23.25
C GLN C 343 2.60 -27.14 -23.19
N ASN C 344 1.50 -26.56 -22.74
CA ASN C 344 0.30 -27.33 -22.52
C ASN C 344 -0.94 -26.45 -22.35
N ARG C 345 -2.03 -26.92 -22.93
CA ARG C 345 -3.33 -26.28 -22.79
C ARG C 345 -4.36 -27.33 -22.35
N ILE C 346 -5.01 -27.09 -21.21
CA ILE C 346 -5.92 -28.07 -20.63
C ILE C 346 -7.16 -28.29 -21.50
N ALA C 347 -7.35 -29.53 -21.95
CA ALA C 347 -8.50 -29.87 -22.78
C ALA C 347 -9.78 -30.04 -21.97
N SER C 348 -10.89 -29.60 -22.55
CA SER C 348 -12.20 -29.77 -21.95
C SER C 348 -12.53 -31.25 -21.75
N GLU C 349 -12.17 -32.07 -22.72
CA GLU C 349 -12.48 -33.49 -22.65
C GLU C 349 -11.67 -34.18 -21.56
N PHE C 350 -10.49 -33.64 -21.26
CA PHE C 350 -9.66 -34.12 -20.17
C PHE C 350 -10.37 -33.91 -18.83
N ASN C 351 -10.94 -32.72 -18.67
CA ASN C 351 -11.82 -32.39 -17.55
C ASN C 351 -12.96 -33.40 -17.44
N THR C 352 -13.67 -33.59 -18.55
CA THR C 352 -14.85 -34.44 -18.57
C THR C 352 -14.51 -35.90 -18.22
N LEU C 353 -13.42 -36.42 -18.77
CA LEU C 353 -13.08 -37.81 -18.52
C LEU C 353 -12.56 -38.01 -17.10
N TYR C 354 -12.14 -36.93 -16.45
CA TYR C 354 -11.63 -37.02 -15.08
C TYR C 354 -12.75 -36.95 -14.04
N HIS C 355 -13.99 -36.83 -14.49
CA HIS C 355 -15.15 -36.83 -13.60
C HIS C 355 -15.38 -38.22 -13.02
N TRP C 356 -14.54 -38.62 -12.07
CA TRP C 356 -14.54 -39.98 -11.53
C TRP C 356 -15.43 -40.13 -10.31
N HIS C 357 -16.66 -39.64 -10.39
CA HIS C 357 -17.63 -39.71 -9.29
C HIS C 357 -17.81 -41.09 -8.65
N PRO C 358 -17.76 -42.18 -9.43
CA PRO C 358 -17.94 -43.48 -8.74
C PRO C 358 -16.80 -43.84 -7.78
N LEU C 359 -15.71 -43.09 -7.81
CA LEU C 359 -14.61 -43.26 -6.85
C LEU C 359 -15.09 -43.08 -5.41
N LEU C 360 -16.07 -42.21 -5.24
CA LEU C 360 -16.56 -41.82 -3.92
C LEU C 360 -17.31 -42.97 -3.24
N PRO C 361 -17.01 -43.20 -1.95
CA PRO C 361 -17.66 -44.25 -1.15
C PRO C 361 -19.01 -43.79 -0.59
N ASP C 362 -19.74 -44.71 0.04
CA ASP C 362 -21.02 -44.37 0.64
C ASP C 362 -20.81 -43.62 1.96
N THR C 363 -19.76 -44.00 2.67
CA THR C 363 -19.40 -43.32 3.91
C THR C 363 -17.88 -43.10 3.98
N PHE C 364 -17.46 -42.15 4.79
CA PHE C 364 -16.04 -41.91 5.01
C PHE C 364 -15.62 -42.44 6.37
N ASN C 365 -14.81 -43.49 6.37
CA ASN C 365 -14.48 -44.22 7.59
C ASN C 365 -13.15 -43.80 8.19
N ILE C 366 -13.20 -43.07 9.30
CA ILE C 366 -11.99 -42.66 10.01
C ILE C 366 -11.98 -43.20 11.43
N GLU C 367 -10.98 -44.03 11.73
CA GLU C 367 -10.95 -44.89 12.91
C GLU C 367 -12.35 -45.35 13.34
N ASP C 368 -12.77 -44.96 14.54
CA ASP C 368 -14.05 -45.37 15.11
C ASP C 368 -15.27 -45.02 14.25
N GLN C 369 -15.29 -43.81 13.72
CA GLN C 369 -16.50 -43.25 13.13
C GLN C 369 -16.64 -43.56 11.64
N GLU C 370 -17.88 -43.60 11.17
CA GLU C 370 -18.20 -43.68 9.75
C GLU C 370 -19.14 -42.54 9.37
N TYR C 371 -18.59 -41.49 8.78
CA TYR C 371 -19.33 -40.28 8.48
C TYR C 371 -20.10 -40.37 7.16
N SER C 372 -21.29 -39.76 7.14
CA SER C 372 -22.06 -39.64 5.91
C SER C 372 -21.51 -38.49 5.07
N PHE C 373 -22.33 -37.94 4.19
CA PHE C 373 -21.89 -36.84 3.34
C PHE C 373 -22.11 -35.48 3.98
N LYS C 374 -23.28 -35.31 4.60
CA LYS C 374 -23.61 -34.06 5.26
C LYS C 374 -22.66 -33.83 6.43
N GLN C 375 -22.36 -34.90 7.14
CA GLN C 375 -21.47 -34.85 8.29
C GLN C 375 -20.04 -34.53 7.87
N PHE C 376 -19.70 -34.92 6.66
CA PHE C 376 -18.34 -34.82 6.18
C PHE C 376 -18.06 -33.48 5.50
N LEU C 377 -19.03 -32.99 4.74
CA LEU C 377 -18.86 -31.73 4.02
C LEU C 377 -18.78 -30.53 4.97
N TYR C 378 -17.92 -29.57 4.61
CA TYR C 378 -17.71 -28.34 5.37
C TYR C 378 -17.21 -28.57 6.80
N ASN C 379 -16.89 -29.81 7.13
CA ASN C 379 -16.56 -30.14 8.53
C ASN C 379 -15.09 -30.44 8.75
N ASN C 380 -14.33 -29.42 9.13
CA ASN C 380 -12.90 -29.59 9.36
C ASN C 380 -12.54 -30.02 10.78
N SER C 381 -13.51 -29.92 11.70
CA SER C 381 -13.29 -30.38 13.07
C SER C 381 -13.06 -31.87 13.07
N ILE C 382 -13.60 -32.55 12.06
CA ILE C 382 -13.31 -33.95 11.82
C ILE C 382 -11.83 -34.11 11.59
N LEU C 383 -11.30 -33.29 10.70
CA LEU C 383 -9.88 -33.32 10.36
C LEU C 383 -9.01 -33.16 11.59
N LEU C 384 -9.28 -32.12 12.38
CA LEU C 384 -8.44 -31.77 13.53
C LEU C 384 -8.25 -32.96 14.47
N GLU C 385 -9.36 -33.46 15.01
CA GLU C 385 -9.35 -34.55 15.96
C GLU C 385 -8.65 -35.83 15.51
N HIS C 386 -9.37 -36.61 14.71
CA HIS C 386 -8.87 -37.85 14.13
C HIS C 386 -7.46 -37.58 13.66
N GLY C 387 -7.29 -36.41 13.02
CA GLY C 387 -5.97 -35.84 12.78
C GLY C 387 -5.50 -35.91 11.35
N LEU C 388 -4.25 -35.50 11.16
CA LEU C 388 -3.49 -35.78 9.95
C LEU C 388 -3.08 -37.25 10.11
N THR C 389 -2.85 -37.59 11.36
CA THR C 389 -2.54 -38.93 11.83
C THR C 389 -3.56 -40.00 11.39
N GLN C 390 -4.74 -40.00 12.00
CA GLN C 390 -5.71 -41.06 11.76
C GLN C 390 -6.31 -40.93 10.37
N PHE C 391 -6.29 -39.72 9.80
CA PHE C 391 -6.80 -39.52 8.44
C PHE C 391 -6.02 -40.39 7.45
N VAL C 392 -4.70 -40.23 7.45
CA VAL C 392 -3.83 -40.99 6.56
C VAL C 392 -3.97 -42.51 6.78
N GLU C 393 -3.91 -42.94 8.04
CA GLU C 393 -4.04 -44.35 8.38
C GLU C 393 -5.40 -44.92 7.97
N SER C 394 -6.46 -44.14 8.18
CA SER C 394 -7.80 -44.58 7.84
C SER C 394 -8.01 -44.61 6.34
N PHE C 395 -7.72 -43.50 5.68
CA PHE C 395 -7.96 -43.39 4.25
C PHE C 395 -7.11 -44.37 3.45
N THR C 396 -5.93 -44.70 3.97
CA THR C 396 -5.07 -45.71 3.35
C THR C 396 -5.76 -47.07 3.36
N ARG C 397 -6.52 -47.34 4.43
CA ARG C 397 -7.25 -48.59 4.60
C ARG C 397 -8.47 -48.71 3.70
N GLN C 398 -9.19 -47.60 3.53
CA GLN C 398 -10.52 -47.66 2.93
C GLN C 398 -10.49 -47.75 1.42
N ILE C 399 -11.17 -48.76 0.90
CA ILE C 399 -11.25 -49.01 -0.54
C ILE C 399 -12.14 -47.97 -1.23
N ALA C 400 -11.72 -47.55 -2.43
CA ALA C 400 -12.50 -46.61 -3.22
C ALA C 400 -13.37 -47.36 -4.24
N GLY C 401 -14.35 -46.66 -4.78
CA GLY C 401 -15.27 -47.25 -5.74
C GLY C 401 -14.70 -47.40 -7.15
N ARG C 402 -15.21 -48.40 -7.86
CA ARG C 402 -14.80 -48.67 -9.24
C ARG C 402 -15.43 -47.65 -10.18
N VAL C 403 -14.68 -47.22 -11.19
CA VAL C 403 -15.10 -46.11 -12.04
C VAL C 403 -15.82 -46.57 -13.31
N ALA C 404 -15.19 -47.46 -14.07
CA ALA C 404 -15.86 -48.06 -15.22
C ALA C 404 -16.83 -49.14 -14.73
N GLY C 405 -17.53 -49.79 -15.66
CA GLY C 405 -18.37 -50.92 -15.31
C GLY C 405 -19.83 -50.58 -15.05
N GLY C 406 -20.15 -49.30 -14.91
CA GLY C 406 -21.54 -48.88 -14.75
C GLY C 406 -22.12 -49.01 -13.35
N ARG C 407 -23.15 -48.21 -13.09
CA ARG C 407 -23.89 -48.23 -11.83
C ARG C 407 -23.00 -48.22 -10.59
N ASN C 408 -22.26 -47.12 -10.40
CA ASN C 408 -21.46 -46.98 -9.20
C ASN C 408 -21.34 -45.54 -8.73
N VAL C 409 -22.19 -44.67 -9.26
CA VAL C 409 -22.21 -43.27 -8.85
C VAL C 409 -23.17 -43.08 -7.69
N PRO C 410 -22.66 -42.63 -6.53
CA PRO C 410 -23.48 -42.43 -5.33
C PRO C 410 -24.58 -41.37 -5.51
N ILE C 411 -25.71 -41.57 -4.84
CA ILE C 411 -26.88 -40.70 -4.98
C ILE C 411 -26.61 -39.23 -4.61
N ALA C 412 -25.69 -39.00 -3.67
CA ALA C 412 -25.39 -37.63 -3.24
C ALA C 412 -24.93 -36.77 -4.43
N VAL C 413 -23.94 -37.25 -5.16
CA VAL C 413 -23.40 -36.52 -6.29
C VAL C 413 -24.09 -36.87 -7.60
N GLN C 414 -25.39 -37.19 -7.54
CA GLN C 414 -26.14 -37.51 -8.74
C GLN C 414 -26.40 -36.24 -9.55
N ALA C 415 -26.43 -35.12 -8.84
CA ALA C 415 -26.56 -33.81 -9.46
C ALA C 415 -25.34 -33.53 -10.32
N VAL C 416 -24.16 -33.79 -9.75
CA VAL C 416 -22.90 -33.55 -10.42
C VAL C 416 -22.78 -34.41 -11.69
N ALA C 417 -23.15 -35.68 -11.55
CA ALA C 417 -23.10 -36.62 -12.66
C ALA C 417 -24.04 -36.19 -13.78
N LYS C 418 -25.21 -35.67 -13.43
CA LYS C 418 -26.16 -35.18 -14.43
C LYS C 418 -25.62 -33.93 -15.14
N ALA C 419 -24.93 -33.08 -14.38
CA ALA C 419 -24.37 -31.86 -14.94
C ALA C 419 -23.30 -32.17 -15.98
N SER C 420 -22.49 -33.20 -15.72
CA SER C 420 -21.45 -33.63 -16.64
C SER C 420 -22.04 -33.96 -17.99
N ILE C 421 -23.13 -34.72 -17.98
CA ILE C 421 -23.85 -35.09 -19.20
C ILE C 421 -24.42 -33.85 -19.88
N ASP C 422 -25.07 -33.00 -19.09
CA ASP C 422 -25.75 -31.82 -19.60
C ASP C 422 -24.77 -30.80 -20.16
N GLN C 423 -23.69 -30.59 -19.45
CA GLN C 423 -22.66 -29.65 -19.87
C GLN C 423 -21.91 -30.17 -21.09
N SER C 424 -21.76 -31.50 -21.19
CA SER C 424 -21.13 -32.11 -22.36
C SER C 424 -21.94 -31.81 -23.61
N ARG C 425 -23.26 -31.83 -23.48
CA ARG C 425 -24.15 -31.51 -24.59
C ARG C 425 -24.17 -30.02 -24.86
N GLU C 426 -24.07 -29.24 -23.79
CA GLU C 426 -24.07 -27.80 -23.89
C GLU C 426 -22.86 -27.34 -24.69
N MET C 427 -21.75 -28.06 -24.51
CA MET C 427 -20.49 -27.76 -25.18
C MET C 427 -20.39 -28.47 -26.54
N LYS C 428 -21.48 -29.11 -26.96
CA LYS C 428 -21.54 -29.82 -28.24
C LYS C 428 -20.43 -30.85 -28.44
N TYR C 429 -20.22 -31.72 -27.45
CA TYR C 429 -19.27 -32.82 -27.59
C TYR C 429 -19.69 -33.74 -28.74
N GLN C 430 -18.71 -34.30 -29.43
CA GLN C 430 -19.01 -35.30 -30.45
C GLN C 430 -19.24 -36.65 -29.78
N SER C 431 -19.60 -37.65 -30.58
CA SER C 431 -19.95 -38.94 -30.03
C SER C 431 -18.75 -39.67 -29.46
N LEU C 432 -19.02 -40.76 -28.75
CA LEU C 432 -17.98 -41.60 -28.17
C LEU C 432 -17.08 -42.20 -29.24
N ASN C 433 -17.67 -42.67 -30.33
CA ASN C 433 -16.91 -43.30 -31.39
C ASN C 433 -16.05 -42.29 -32.15
N GLU C 434 -16.50 -41.05 -32.18
CA GLU C 434 -15.68 -40.00 -32.76
C GLU C 434 -14.41 -39.82 -31.93
N TYR C 435 -14.56 -39.76 -30.61
CA TYR C 435 -13.41 -39.60 -29.73
C TYR C 435 -12.50 -40.83 -29.73
N ARG C 436 -13.07 -42.01 -29.98
CA ARG C 436 -12.25 -43.21 -30.11
C ARG C 436 -11.41 -43.15 -31.38
N LYS C 437 -12.04 -42.74 -32.46
CA LYS C 437 -11.35 -42.56 -33.72
C LYS C 437 -10.26 -41.53 -33.58
N ARG C 438 -10.57 -40.40 -32.96
CA ARG C 438 -9.59 -39.40 -32.69
C ARG C 438 -8.38 -39.95 -31.96
N PHE C 439 -8.59 -40.91 -31.10
CA PHE C 439 -7.51 -41.48 -30.35
C PHE C 439 -7.01 -42.82 -30.83
N SER C 440 -7.27 -43.12 -32.08
CA SER C 440 -6.74 -44.32 -32.68
C SER C 440 -7.37 -45.55 -32.09
N LEU C 441 -8.58 -45.41 -31.63
CA LEU C 441 -9.32 -46.55 -31.10
C LEU C 441 -10.41 -47.00 -32.08
N LYS C 442 -10.52 -48.31 -32.26
CA LYS C 442 -11.58 -48.89 -33.08
C LYS C 442 -12.95 -48.59 -32.47
N PRO C 443 -13.90 -48.12 -33.29
CA PRO C 443 -15.26 -47.78 -32.84
C PRO C 443 -16.02 -49.00 -32.33
N TYR C 444 -16.93 -48.79 -31.39
CA TYR C 444 -17.76 -49.86 -30.85
C TYR C 444 -18.94 -50.15 -31.79
N THR C 445 -19.14 -51.43 -32.12
CA THR C 445 -20.18 -51.82 -33.07
C THR C 445 -21.55 -52.05 -32.43
N SER C 446 -21.59 -52.01 -31.10
CA SER C 446 -22.83 -52.20 -30.36
C SER C 446 -22.69 -51.78 -28.89
N PHE C 447 -23.82 -51.51 -28.24
CA PHE C 447 -23.81 -51.11 -26.84
C PHE C 447 -23.35 -52.23 -25.92
N GLU C 448 -23.38 -53.45 -26.46
CA GLU C 448 -23.00 -54.64 -25.71
C GLU C 448 -21.49 -54.83 -25.72
N GLU C 449 -20.87 -54.51 -26.84
CA GLU C 449 -19.40 -54.50 -26.91
C GLU C 449 -18.83 -53.40 -26.00
N LEU C 450 -19.58 -52.30 -25.86
CA LEU C 450 -19.15 -51.19 -25.00
C LEU C 450 -19.21 -51.58 -23.53
N THR C 451 -20.34 -52.15 -23.11
CA THR C 451 -20.57 -52.46 -21.70
C THR C 451 -20.02 -53.83 -21.32
N GLY C 452 -20.03 -54.76 -22.26
CA GLY C 452 -19.55 -56.11 -22.00
C GLY C 452 -20.56 -56.97 -21.26
N GLU C 453 -21.76 -56.43 -21.06
CA GLU C 453 -22.86 -57.17 -20.42
C GLU C 453 -24.13 -57.02 -21.25
N LYS C 454 -25.28 -57.31 -20.66
CA LYS C 454 -26.52 -57.32 -21.43
C LYS C 454 -27.61 -56.37 -20.92
N GLU C 455 -27.68 -56.17 -19.60
CA GLU C 455 -28.75 -55.34 -19.04
C GLU C 455 -28.55 -53.85 -19.34
N MET C 456 -27.41 -53.30 -18.95
CA MET C 456 -27.14 -51.88 -19.21
C MET C 456 -27.09 -51.59 -20.71
N ALA C 457 -26.52 -52.53 -21.47
CA ALA C 457 -26.46 -52.44 -22.92
C ALA C 457 -27.85 -52.26 -23.54
N ALA C 458 -28.79 -53.10 -23.13
CA ALA C 458 -30.14 -53.06 -23.66
C ALA C 458 -30.87 -51.77 -23.26
N GLU C 459 -30.58 -51.29 -22.06
CA GLU C 459 -31.18 -50.06 -21.58
C GLU C 459 -30.66 -48.86 -22.38
N LEU C 460 -29.36 -48.87 -22.65
CA LEU C 460 -28.73 -47.81 -23.42
C LEU C 460 -29.23 -47.83 -24.86
N LYS C 461 -29.58 -49.01 -25.35
CA LYS C 461 -30.06 -49.17 -26.71
C LYS C 461 -31.46 -48.57 -26.87
N ALA C 462 -32.25 -48.64 -25.83
CA ALA C 462 -33.58 -48.09 -25.92
C ALA C 462 -33.58 -46.59 -25.72
N LEU C 463 -32.45 -46.10 -25.25
CA LEU C 463 -32.26 -44.67 -25.05
C LEU C 463 -31.51 -44.05 -26.21
N TYR C 464 -30.32 -44.55 -26.49
CA TYR C 464 -29.50 -43.97 -27.55
C TYR C 464 -29.63 -44.86 -28.77
N SER C 465 -30.65 -44.61 -29.57
CA SER C 465 -30.99 -45.59 -30.60
C SER C 465 -29.77 -46.17 -31.28
N ASP C 466 -28.67 -45.43 -31.34
CA ASP C 466 -27.59 -45.86 -32.19
C ASP C 466 -26.22 -45.70 -31.56
N ILE C 467 -25.46 -46.75 -31.63
CA ILE C 467 -24.17 -46.79 -30.94
C ILE C 467 -23.31 -45.59 -31.32
N ASP C 468 -23.56 -45.03 -32.50
CA ASP C 468 -22.79 -43.88 -32.98
C ASP C 468 -23.32 -42.58 -32.39
N VAL C 469 -24.31 -42.69 -31.53
CA VAL C 469 -24.85 -41.55 -30.88
C VAL C 469 -24.60 -41.64 -29.38
N MET C 470 -23.85 -42.63 -28.97
CA MET C 470 -23.51 -42.75 -27.58
C MET C 470 -22.58 -41.61 -27.14
N GLU C 471 -22.95 -40.94 -26.05
CA GLU C 471 -22.14 -39.86 -25.51
C GLU C 471 -20.83 -40.43 -24.95
N LEU C 472 -19.86 -39.56 -24.73
CA LEU C 472 -18.57 -39.98 -24.24
C LEU C 472 -18.49 -40.18 -22.74
N TYR C 473 -18.91 -39.21 -21.97
CA TYR C 473 -18.86 -39.34 -20.51
C TYR C 473 -19.65 -40.54 -19.96
N PRO C 474 -20.93 -40.71 -20.38
CA PRO C 474 -21.66 -41.89 -19.90
C PRO C 474 -20.98 -43.20 -20.30
N ALA C 475 -20.39 -43.21 -21.50
CA ALA C 475 -19.70 -44.38 -22.00
C ALA C 475 -18.51 -44.75 -21.14
N LEU C 476 -17.83 -43.74 -20.61
CA LEU C 476 -16.64 -43.94 -19.81
C LEU C 476 -16.96 -44.66 -18.49
N LEU C 477 -18.06 -44.27 -17.87
CA LEU C 477 -18.44 -44.83 -16.58
C LEU C 477 -19.21 -46.13 -16.71
N VAL C 478 -19.62 -46.48 -17.93
CA VAL C 478 -20.40 -47.69 -18.14
C VAL C 478 -19.59 -48.73 -18.91
N GLU C 479 -18.46 -48.30 -19.46
CA GLU C 479 -17.59 -49.14 -20.28
C GLU C 479 -17.14 -50.42 -19.56
N LYS C 480 -16.93 -51.48 -20.34
CA LYS C 480 -16.38 -52.71 -19.81
C LYS C 480 -14.98 -52.48 -19.27
N PRO C 481 -14.76 -52.79 -17.99
CA PRO C 481 -13.44 -52.61 -17.40
C PRO C 481 -12.44 -53.65 -17.92
N ARG C 482 -11.16 -53.30 -17.95
CA ARG C 482 -10.10 -54.28 -18.17
C ARG C 482 -10.13 -55.26 -17.00
N PRO C 483 -9.69 -56.52 -17.23
CA PRO C 483 -9.74 -57.57 -16.20
C PRO C 483 -9.25 -57.09 -14.83
N ASP C 484 -10.18 -57.02 -13.88
CA ASP C 484 -9.91 -56.56 -12.52
C ASP C 484 -9.27 -55.17 -12.48
N ALA C 485 -9.59 -54.32 -13.46
CA ALA C 485 -9.07 -52.96 -13.48
C ALA C 485 -10.16 -51.93 -13.15
N ILE C 486 -9.74 -50.71 -12.85
CA ILE C 486 -10.67 -49.65 -12.46
C ILE C 486 -11.31 -48.96 -13.67
N PHE C 487 -10.60 -49.00 -14.81
CA PHE C 487 -11.02 -48.26 -15.99
C PHE C 487 -11.24 -49.16 -17.21
N GLY C 488 -11.94 -48.64 -18.21
CA GLY C 488 -12.04 -49.29 -19.50
C GLY C 488 -10.95 -48.80 -20.45
N GLU C 489 -11.01 -49.23 -21.70
CA GLU C 489 -10.00 -48.86 -22.69
C GLU C 489 -10.02 -47.37 -23.05
N THR C 490 -11.22 -46.83 -23.21
CA THR C 490 -11.37 -45.44 -23.66
C THR C 490 -10.80 -44.45 -22.66
N MET C 491 -11.01 -44.71 -21.37
CA MET C 491 -10.50 -43.84 -20.31
C MET C 491 -8.97 -43.76 -20.31
N VAL C 492 -8.33 -44.92 -20.40
CA VAL C 492 -6.87 -45.00 -20.39
C VAL C 492 -6.26 -44.37 -21.63
N GLU C 493 -6.87 -44.62 -22.79
CA GLU C 493 -6.29 -44.18 -24.06
C GLU C 493 -6.54 -42.70 -24.32
N LEU C 494 -7.55 -42.13 -23.66
CA LEU C 494 -7.79 -40.70 -23.72
C LEU C 494 -6.97 -40.00 -22.65
N GLY C 495 -7.01 -40.58 -21.45
CA GLY C 495 -6.40 -39.97 -20.27
C GLY C 495 -4.90 -39.82 -20.33
N ALA C 496 -4.20 -40.91 -20.64
CA ALA C 496 -2.74 -40.92 -20.66
C ALA C 496 -2.12 -39.81 -21.52
N PRO C 497 -2.65 -39.55 -22.73
CA PRO C 497 -2.07 -38.44 -23.50
C PRO C 497 -2.13 -37.09 -22.80
N PHE C 498 -3.33 -36.64 -22.43
CA PHE C 498 -3.50 -35.35 -21.76
C PHE C 498 -2.63 -35.27 -20.52
N SER C 499 -2.58 -36.37 -19.78
CA SER C 499 -1.87 -36.41 -18.51
C SER C 499 -0.37 -36.20 -18.66
N LEU C 500 0.26 -36.97 -19.54
CA LEU C 500 1.71 -36.91 -19.69
C LEU C 500 2.15 -35.60 -20.35
N LYS C 501 1.30 -35.06 -21.22
CA LYS C 501 1.54 -33.76 -21.80
C LYS C 501 1.51 -32.68 -20.71
N GLY C 502 0.57 -32.82 -19.78
CA GLY C 502 0.46 -31.89 -18.68
C GLY C 502 1.67 -31.98 -17.76
N LEU C 503 2.09 -33.20 -17.47
CA LEU C 503 3.24 -33.44 -16.61
C LEU C 503 4.52 -32.95 -17.25
N MET C 504 4.89 -33.57 -18.37
CA MET C 504 6.17 -33.31 -19.02
C MET C 504 6.23 -31.95 -19.73
N GLY C 505 5.08 -31.42 -20.13
CA GLY C 505 5.03 -30.13 -20.81
C GLY C 505 5.45 -28.95 -19.93
N ASN C 506 5.57 -29.19 -18.63
CA ASN C 506 5.99 -28.17 -17.67
C ASN C 506 7.38 -27.62 -18.00
N PRO C 507 7.58 -26.30 -17.80
CA PRO C 507 8.88 -25.69 -18.13
C PRO C 507 10.04 -26.19 -17.29
N ILE C 508 9.80 -26.68 -16.07
CA ILE C 508 10.92 -27.20 -15.29
C ILE C 508 11.50 -28.48 -15.88
N CYS C 509 10.83 -29.06 -16.88
CA CYS C 509 11.33 -30.25 -17.54
C CYS C 509 12.13 -29.91 -18.78
N SER C 510 12.05 -28.65 -19.21
CA SER C 510 12.85 -28.19 -20.34
C SER C 510 14.33 -28.27 -19.94
N PRO C 511 15.22 -28.41 -20.95
CA PRO C 511 16.64 -28.58 -20.63
C PRO C 511 17.22 -27.37 -19.89
N GLN C 512 16.67 -26.19 -20.13
CA GLN C 512 17.21 -24.98 -19.53
C GLN C 512 16.84 -24.89 -18.05
N TYR C 513 15.81 -25.63 -17.66
CA TYR C 513 15.36 -25.62 -16.27
C TYR C 513 15.86 -26.82 -15.50
N TRP C 514 15.96 -27.96 -16.17
CA TRP C 514 16.24 -29.22 -15.48
C TRP C 514 17.71 -29.35 -15.14
N LYS C 515 18.14 -28.56 -14.16
CA LYS C 515 19.51 -28.57 -13.68
C LYS C 515 19.50 -28.16 -12.20
N PRO C 516 20.49 -28.59 -11.43
CA PRO C 516 20.48 -28.40 -9.97
C PRO C 516 20.37 -26.95 -9.51
N SER C 517 20.96 -26.02 -10.24
CA SER C 517 20.96 -24.62 -9.82
C SER C 517 19.55 -24.03 -9.84
N THR C 518 18.67 -24.58 -10.66
CA THR C 518 17.28 -24.14 -10.69
C THR C 518 16.61 -24.37 -9.33
N PHE C 519 17.06 -25.40 -8.62
CA PHE C 519 16.41 -25.81 -7.38
C PHE C 519 17.30 -25.58 -6.16
N GLY C 520 18.27 -24.67 -6.30
CA GLY C 520 19.14 -24.30 -5.20
C GLY C 520 20.30 -25.26 -4.97
N GLY C 521 20.66 -26.01 -6.00
CA GLY C 521 21.77 -26.94 -5.90
C GLY C 521 21.33 -28.38 -5.81
N GLU C 522 22.29 -29.26 -5.54
CA GLU C 522 22.10 -30.71 -5.62
C GLU C 522 21.11 -31.24 -4.58
N VAL C 523 21.00 -30.54 -3.46
CA VAL C 523 20.12 -31.00 -2.37
C VAL C 523 18.65 -30.79 -2.74
N GLY C 524 18.33 -29.66 -3.33
CA GLY C 524 16.98 -29.38 -3.77
C GLY C 524 16.61 -30.29 -4.93
N PHE C 525 17.60 -30.58 -5.76
CA PHE C 525 17.42 -31.48 -6.89
C PHE C 525 17.05 -32.87 -6.38
N LYS C 526 17.76 -33.30 -5.34
CA LYS C 526 17.58 -34.62 -4.74
C LYS C 526 16.18 -34.74 -4.12
N ILE C 527 15.63 -33.64 -3.62
CA ILE C 527 14.30 -33.65 -3.03
C ILE C 527 13.27 -34.03 -4.09
N ILE C 528 13.44 -33.50 -5.30
CA ILE C 528 12.57 -33.85 -6.41
C ILE C 528 12.76 -35.29 -6.85
N ASN C 529 14.00 -35.69 -7.06
CA ASN C 529 14.29 -36.97 -7.68
C ASN C 529 14.13 -38.16 -6.75
N THR C 530 13.98 -37.90 -5.45
CA THR C 530 13.76 -38.98 -4.49
C THR C 530 12.39 -38.88 -3.84
N ALA C 531 11.50 -38.06 -4.42
CA ALA C 531 10.16 -37.86 -3.87
C ALA C 531 9.22 -39.04 -4.14
N SER C 532 8.33 -39.28 -3.20
CA SER C 532 7.29 -40.29 -3.32
C SER C 532 6.11 -39.89 -2.44
N ILE C 533 4.95 -40.51 -2.64
CA ILE C 533 3.80 -40.20 -1.80
C ILE C 533 4.09 -40.64 -0.36
N GLN C 534 4.88 -41.71 -0.22
CA GLN C 534 5.26 -42.23 1.09
C GLN C 534 6.18 -41.25 1.83
N SER C 535 7.20 -40.74 1.13
CA SER C 535 8.12 -39.80 1.74
C SER C 535 7.44 -38.46 2.03
N LEU C 536 6.48 -38.09 1.17
CA LEU C 536 5.69 -36.90 1.37
C LEU C 536 4.96 -36.94 2.71
N ILE C 537 4.30 -38.07 2.96
CA ILE C 537 3.56 -38.26 4.21
C ILE C 537 4.55 -38.47 5.36
N CYS C 538 5.58 -39.27 5.12
CA CYS C 538 6.57 -39.57 6.16
C CYS C 538 7.21 -38.32 6.74
N ASN C 539 7.52 -37.34 5.89
CA ASN C 539 8.22 -36.15 6.32
C ASN C 539 7.31 -35.12 6.99
N ASN C 540 6.02 -35.21 6.73
CA ASN C 540 5.10 -34.15 7.14
C ASN C 540 3.92 -34.62 7.98
N VAL C 541 3.89 -35.90 8.31
CA VAL C 541 2.85 -36.42 9.18
C VAL C 541 3.48 -37.06 10.42
N LYS C 542 2.96 -36.69 11.58
CA LYS C 542 3.46 -37.18 12.85
C LYS C 542 3.38 -38.70 12.94
N GLY C 543 4.52 -39.34 13.25
CA GLY C 543 4.58 -40.77 13.39
C GLY C 543 5.06 -41.48 12.13
N CYS C 544 5.15 -40.72 11.04
CA CYS C 544 5.52 -41.27 9.73
C CYS C 544 4.70 -42.51 9.38
N PRO C 545 3.37 -42.35 9.27
CA PRO C 545 2.55 -43.53 8.98
C PRO C 545 2.76 -44.04 7.55
N PHE C 546 2.59 -45.34 7.37
CA PHE C 546 2.69 -45.96 6.05
C PHE C 546 1.54 -45.52 5.15
N THR C 547 1.85 -45.25 3.88
CA THR C 547 0.82 -44.86 2.94
C THR C 547 1.01 -45.52 1.58
N SER C 548 -0.03 -45.42 0.76
CA SER C 548 -0.06 -45.99 -0.57
C SER C 548 -1.35 -45.58 -1.24
N PHE C 549 -1.43 -45.77 -2.54
CA PHE C 549 -2.65 -45.50 -3.27
C PHE C 549 -3.46 -46.80 -3.36
N ASN C 550 -2.88 -47.85 -2.80
CA ASN C 550 -3.46 -49.19 -2.87
C ASN C 550 -3.74 -49.77 -1.49
N VAL C 551 -4.90 -50.39 -1.32
CA VAL C 551 -5.27 -51.00 -0.04
C VAL C 551 -4.27 -52.08 0.37
N GLN C 552 -3.60 -51.82 1.48
CA GLN C 552 -2.53 -52.68 2.01
C GLN C 552 -2.96 -54.14 2.14
N ALA D 1 28.41 -7.45 -2.46
CA ALA D 1 27.98 -8.39 -1.43
C ALA D 1 27.77 -9.78 -2.02
N ASN D 2 26.89 -9.85 -3.01
CA ASN D 2 26.59 -11.10 -3.71
C ASN D 2 27.82 -11.64 -4.44
N PRO D 3 28.23 -12.87 -4.12
CA PRO D 3 29.45 -13.48 -4.66
C PRO D 3 29.39 -13.73 -6.16
N CYS D 4 28.22 -13.52 -6.76
CA CYS D 4 28.04 -13.73 -8.20
C CYS D 4 28.08 -12.43 -8.99
N CYS D 5 28.34 -11.33 -8.29
CA CYS D 5 28.39 -10.01 -8.91
C CYS D 5 29.44 -9.92 -10.03
N SER D 6 30.48 -10.74 -9.96
CA SER D 6 31.55 -10.68 -10.95
C SER D 6 31.24 -11.47 -12.22
N ASN D 7 30.08 -12.13 -12.22
CA ASN D 7 29.67 -12.98 -13.34
C ASN D 7 30.74 -13.99 -13.76
N PRO D 8 31.23 -14.80 -12.80
CA PRO D 8 32.40 -15.64 -13.07
C PRO D 8 32.12 -16.80 -14.03
N CYS D 9 30.87 -17.24 -14.11
CA CYS D 9 30.52 -18.40 -14.92
C CYS D 9 30.56 -18.08 -16.41
N GLN D 10 31.35 -18.85 -17.16
CA GLN D 10 31.46 -18.66 -18.61
C GLN D 10 30.67 -19.72 -19.38
N ASN D 11 30.45 -19.45 -20.67
CA ASN D 11 29.79 -20.39 -21.57
C ASN D 11 28.37 -20.76 -21.15
N ARG D 12 27.60 -19.75 -20.74
CA ARG D 12 26.20 -19.92 -20.36
C ARG D 12 26.04 -20.88 -19.19
N GLY D 13 27.06 -20.93 -18.34
CA GLY D 13 26.96 -21.59 -17.05
C GLY D 13 26.25 -20.65 -16.09
N GLU D 14 25.58 -21.22 -15.10
CA GLU D 14 24.76 -20.42 -14.20
C GLU D 14 25.42 -20.20 -12.84
N CYS D 15 25.30 -18.98 -12.32
CA CYS D 15 25.92 -18.66 -11.03
C CYS D 15 24.94 -18.79 -9.86
N MET D 16 25.35 -19.59 -8.89
CA MET D 16 24.58 -19.78 -7.67
C MET D 16 25.47 -19.56 -6.45
N SER D 17 24.97 -18.78 -5.48
CA SER D 17 25.68 -18.51 -4.25
C SER D 17 25.55 -19.70 -3.29
N THR D 18 26.67 -20.11 -2.70
CA THR D 18 26.65 -21.24 -1.75
C THR D 18 26.94 -20.75 -0.33
N GLY D 19 27.05 -19.44 -0.18
CA GLY D 19 27.30 -18.81 1.10
C GLY D 19 27.36 -17.31 0.92
N PHE D 20 27.74 -16.59 1.98
CA PHE D 20 27.80 -15.13 1.88
C PHE D 20 28.92 -14.65 0.96
N ASP D 21 29.98 -15.44 0.82
CA ASP D 21 31.12 -15.06 0.00
C ASP D 21 31.69 -16.22 -0.83
N GLN D 22 30.83 -17.15 -1.21
CA GLN D 22 31.23 -18.26 -2.07
C GLN D 22 30.17 -18.52 -3.14
N TYR D 23 30.59 -19.10 -4.26
CA TYR D 23 29.64 -19.38 -5.33
C TYR D 23 29.88 -20.76 -5.96
N LYS D 24 28.96 -21.15 -6.84
CA LYS D 24 29.09 -22.38 -7.62
C LYS D 24 28.68 -22.08 -9.05
N CYS D 25 29.28 -22.79 -10.01
CA CYS D 25 28.84 -22.67 -11.39
C CYS D 25 28.25 -24.00 -11.86
N ASP D 26 26.98 -23.94 -12.29
CA ASP D 26 26.29 -25.08 -12.87
C ASP D 26 26.66 -25.21 -14.34
N CYS D 27 27.50 -26.20 -14.65
CA CYS D 27 28.07 -26.33 -15.98
C CYS D 27 27.30 -27.32 -16.85
N THR D 28 26.14 -27.74 -16.37
CA THR D 28 25.29 -28.70 -17.06
C THR D 28 25.01 -28.34 -18.52
N ARG D 29 25.35 -29.28 -19.41
CA ARG D 29 25.04 -29.16 -20.85
C ARG D 29 25.62 -27.92 -21.52
N THR D 30 26.64 -27.33 -20.93
CA THR D 30 27.30 -26.20 -21.55
C THR D 30 28.44 -26.66 -22.44
N GLY D 31 28.88 -27.90 -22.24
CA GLY D 31 29.99 -28.45 -22.98
C GLY D 31 31.32 -28.11 -22.33
N PHE D 32 31.24 -27.46 -21.17
CA PHE D 32 32.42 -27.07 -20.41
C PHE D 32 32.30 -27.57 -18.97
N TYR D 33 33.44 -27.62 -18.27
CA TYR D 33 33.42 -27.90 -16.85
C TYR D 33 34.51 -27.10 -16.14
N GLY D 34 34.75 -27.41 -14.88
CA GLY D 34 35.68 -26.63 -14.08
C GLY D 34 34.93 -25.58 -13.27
N GLU D 35 35.66 -24.90 -12.40
CA GLU D 35 35.07 -23.92 -11.48
C GLU D 35 34.19 -22.88 -12.18
N ASN D 36 34.66 -22.40 -13.33
CA ASN D 36 33.97 -21.35 -14.07
C ASN D 36 33.44 -21.81 -15.43
N CYS D 37 33.32 -23.12 -15.61
CA CYS D 37 32.89 -23.68 -16.88
C CYS D 37 33.75 -23.21 -18.06
N THR D 38 35.07 -23.20 -17.88
CA THR D 38 35.96 -22.67 -18.93
C THR D 38 36.75 -23.76 -19.65
N THR D 39 37.07 -24.85 -18.96
CA THR D 39 37.82 -25.93 -19.59
C THR D 39 36.85 -26.80 -20.38
N PRO D 40 37.07 -26.91 -21.70
CA PRO D 40 36.15 -27.57 -22.63
C PRO D 40 36.31 -29.08 -22.68
N GLU D 41 35.25 -29.76 -23.11
CA GLU D 41 35.32 -31.20 -23.37
C GLU D 41 35.93 -31.44 -24.75
N PHE D 42 35.98 -32.70 -25.15
CA PHE D 42 36.60 -33.08 -26.42
C PHE D 42 35.79 -32.59 -27.62
N LEU D 43 34.51 -32.97 -27.65
CA LEU D 43 33.62 -32.59 -28.74
C LEU D 43 33.50 -31.07 -28.85
N THR D 44 33.59 -30.40 -27.70
CA THR D 44 33.46 -28.95 -27.66
C THR D 44 34.62 -28.26 -28.37
N ARG D 45 35.84 -28.70 -28.08
CA ARG D 45 37.02 -28.10 -28.69
C ARG D 45 37.06 -28.35 -30.19
N ILE D 46 36.54 -29.50 -30.63
CA ILE D 46 36.40 -29.82 -32.04
C ILE D 46 35.49 -28.82 -32.73
N LYS D 47 34.34 -28.56 -32.12
CA LYS D 47 33.37 -27.62 -32.65
C LYS D 47 33.94 -26.20 -32.70
N LEU D 48 34.60 -25.79 -31.63
CA LEU D 48 35.15 -24.44 -31.53
C LEU D 48 36.20 -24.15 -32.61
N LEU D 49 37.00 -25.17 -32.93
CA LEU D 49 38.02 -25.05 -33.97
C LEU D 49 37.42 -25.20 -35.35
N LEU D 50 36.20 -25.72 -35.42
CA LEU D 50 35.51 -25.92 -36.69
C LEU D 50 34.51 -24.81 -36.98
N LYS D 51 33.89 -24.28 -35.93
CA LYS D 51 32.94 -23.18 -36.08
C LYS D 51 33.66 -21.90 -36.48
N PRO D 52 33.28 -21.34 -37.64
CA PRO D 52 33.89 -20.10 -38.15
C PRO D 52 33.33 -18.86 -37.46
N THR D 53 34.12 -17.79 -37.43
CA THR D 53 33.69 -16.52 -36.86
C THR D 53 32.51 -15.95 -37.64
N PRO D 54 31.63 -15.18 -36.96
CA PRO D 54 30.49 -14.52 -37.60
C PRO D 54 30.92 -13.60 -38.76
N ASN D 55 32.08 -12.97 -38.66
CA ASN D 55 32.59 -12.14 -39.74
C ASN D 55 32.91 -12.98 -40.96
N THR D 56 33.45 -14.18 -40.74
CA THR D 56 33.76 -15.10 -41.83
C THR D 56 32.50 -15.55 -42.55
N VAL D 57 31.50 -15.96 -41.78
CA VAL D 57 30.25 -16.45 -42.34
C VAL D 57 29.50 -15.34 -43.07
N TRP D 58 29.52 -14.14 -42.49
CA TRP D 58 28.91 -12.98 -43.11
C TRP D 58 29.59 -12.68 -44.44
N TYR D 59 30.91 -12.81 -44.46
CA TYR D 59 31.68 -12.60 -45.67
C TYR D 59 31.20 -13.53 -46.78
N ILE D 60 31.12 -14.83 -46.46
CA ILE D 60 30.68 -15.83 -47.42
C ILE D 60 29.27 -15.54 -47.93
N LEU D 61 28.39 -15.13 -47.02
CA LEU D 61 27.01 -14.83 -47.37
C LEU D 61 26.88 -13.62 -48.29
N THR D 62 27.78 -12.64 -48.13
CA THR D 62 27.68 -11.38 -48.87
C THR D 62 28.61 -11.30 -50.08
N HIS D 63 29.23 -12.42 -50.44
CA HIS D 63 30.06 -12.46 -51.64
C HIS D 63 29.69 -13.67 -52.49
N PHE D 64 30.33 -13.82 -53.64
CA PHE D 64 30.08 -14.92 -54.56
C PHE D 64 28.64 -14.91 -55.07
N LYS D 65 28.22 -13.78 -55.63
CA LYS D 65 26.85 -13.63 -56.12
C LYS D 65 26.51 -14.65 -57.19
N GLY D 66 27.48 -14.98 -58.05
CA GLY D 66 27.29 -15.98 -59.08
C GLY D 66 27.04 -17.36 -58.51
N VAL D 67 27.69 -17.66 -57.39
CA VAL D 67 27.51 -18.93 -56.69
C VAL D 67 26.16 -19.00 -56.01
N TRP D 68 25.77 -17.90 -55.37
CA TRP D 68 24.49 -17.85 -54.69
C TRP D 68 23.36 -17.83 -55.69
N ASN D 69 23.64 -17.32 -56.89
CA ASN D 69 22.67 -17.36 -57.97
C ASN D 69 22.33 -18.79 -58.35
N ILE D 70 23.35 -19.64 -58.36
CA ILE D 70 23.16 -21.06 -58.66
C ILE D 70 22.38 -21.73 -57.53
N VAL D 71 22.83 -21.49 -56.30
CA VAL D 71 22.19 -22.06 -55.12
C VAL D 71 20.72 -21.63 -55.00
N ASN D 72 20.47 -20.33 -55.19
CA ASN D 72 19.12 -19.79 -55.06
C ASN D 72 18.12 -20.46 -55.99
N ASN D 73 18.59 -20.91 -57.14
CA ASN D 73 17.74 -21.53 -58.15
C ASN D 73 17.62 -23.04 -57.98
N ILE D 74 18.29 -23.56 -56.95
CA ILE D 74 18.18 -24.96 -56.60
C ILE D 74 17.44 -25.11 -55.27
N PRO D 75 16.15 -25.47 -55.36
CA PRO D 75 15.24 -25.57 -54.21
C PRO D 75 15.80 -26.40 -53.05
N PHE D 76 16.32 -27.58 -53.37
CA PHE D 76 16.87 -28.47 -52.35
C PHE D 76 18.06 -27.84 -51.64
N LEU D 77 18.90 -27.13 -52.39
CA LEU D 77 20.06 -26.45 -51.82
C LEU D 77 19.65 -25.26 -50.97
N ARG D 78 18.73 -24.46 -51.52
CA ARG D 78 18.23 -23.27 -50.82
C ARG D 78 17.61 -23.64 -49.49
N SER D 79 16.76 -24.67 -49.50
CA SER D 79 16.08 -25.12 -48.29
C SER D 79 17.08 -25.62 -47.25
N LEU D 80 18.08 -26.37 -47.69
CA LEU D 80 19.11 -26.91 -46.81
C LEU D 80 19.82 -25.79 -46.06
N ILE D 81 20.29 -24.80 -46.81
CA ILE D 81 20.97 -23.65 -46.24
C ILE D 81 20.06 -22.89 -45.28
N MET D 82 18.89 -22.50 -45.77
CA MET D 82 17.92 -21.74 -44.98
C MET D 82 17.56 -22.49 -43.69
N LYS D 83 17.57 -23.82 -43.76
CA LYS D 83 17.30 -24.64 -42.60
C LYS D 83 18.36 -24.41 -41.53
N TYR D 84 19.63 -24.41 -41.94
CA TYR D 84 20.74 -24.28 -41.01
C TYR D 84 20.77 -22.93 -40.32
N VAL D 85 20.55 -21.87 -41.10
CA VAL D 85 20.52 -20.51 -40.54
C VAL D 85 19.35 -20.39 -39.59
N LEU D 86 18.34 -21.24 -39.78
CA LEU D 86 17.16 -21.23 -38.94
C LEU D 86 17.46 -21.91 -37.61
N THR D 87 18.05 -23.10 -37.68
CA THR D 87 18.27 -23.91 -36.49
C THR D 87 19.33 -23.30 -35.57
N SER D 88 20.41 -22.78 -36.16
CA SER D 88 21.51 -22.21 -35.40
C SER D 88 21.14 -20.89 -34.72
N ARG D 89 20.43 -20.01 -35.42
CA ARG D 89 19.98 -18.75 -34.80
C ARG D 89 19.00 -19.04 -33.67
N SER D 90 18.25 -20.12 -33.82
CA SER D 90 17.23 -20.48 -32.83
C SER D 90 17.85 -20.93 -31.50
N TYR D 91 18.89 -21.77 -31.58
CA TYR D 91 19.45 -22.42 -30.38
C TYR D 91 20.05 -21.43 -29.38
N LEU D 92 20.28 -20.20 -29.83
CA LEU D 92 20.81 -19.15 -28.96
C LEU D 92 19.80 -18.64 -27.94
N ILE D 93 18.53 -18.96 -28.15
CA ILE D 93 17.46 -18.39 -27.34
C ILE D 93 16.94 -19.35 -26.27
N ASP D 94 16.72 -18.82 -25.07
CA ASP D 94 16.09 -19.60 -23.99
C ASP D 94 14.59 -19.76 -24.23
N SER D 95 14.14 -21.00 -24.40
CA SER D 95 12.74 -21.27 -24.65
C SER D 95 12.34 -22.63 -24.06
N PRO D 96 11.41 -22.65 -23.08
CA PRO D 96 10.72 -21.53 -22.42
C PRO D 96 11.64 -20.52 -21.75
N PRO D 97 11.19 -19.27 -21.60
CA PRO D 97 12.06 -18.21 -21.11
C PRO D 97 12.42 -18.36 -19.63
N THR D 98 13.38 -17.57 -19.21
CA THR D 98 13.94 -17.68 -17.87
C THR D 98 13.81 -16.38 -17.07
N TYR D 99 14.75 -15.45 -17.24
CA TYR D 99 14.85 -14.31 -16.33
C TYR D 99 14.07 -13.08 -16.79
N ASN D 100 13.85 -12.16 -15.85
CA ASN D 100 13.36 -10.84 -16.17
C ASN D 100 14.05 -9.80 -15.29
N VAL D 101 13.61 -8.56 -15.37
CA VAL D 101 14.24 -7.46 -14.64
C VAL D 101 14.22 -7.67 -13.12
N HIS D 102 13.25 -8.43 -12.62
CA HIS D 102 13.11 -8.62 -11.18
C HIS D 102 13.69 -9.95 -10.69
N TYR D 103 14.04 -10.82 -11.62
CA TYR D 103 14.52 -12.14 -11.23
C TYR D 103 15.79 -12.54 -11.97
N GLY D 104 16.89 -12.60 -11.21
CA GLY D 104 18.18 -13.03 -11.73
C GLY D 104 18.40 -14.51 -11.52
N TYR D 105 17.36 -15.19 -11.05
CA TYR D 105 17.36 -16.63 -10.90
C TYR D 105 16.03 -17.17 -11.45
N LYS D 106 16.05 -18.39 -11.99
CA LYS D 106 14.81 -19.02 -12.48
C LYS D 106 13.76 -19.09 -11.37
N SER D 107 12.54 -18.67 -11.69
CA SER D 107 11.41 -18.69 -10.74
C SER D 107 10.09 -18.93 -11.48
N TRP D 108 9.07 -19.39 -10.76
CA TRP D 108 7.78 -19.57 -11.41
C TRP D 108 7.14 -18.24 -11.74
N GLU D 109 7.37 -17.24 -10.89
CA GLU D 109 6.88 -15.90 -11.15
C GLU D 109 7.45 -15.36 -12.46
N ALA D 110 8.73 -15.59 -12.67
CA ALA D 110 9.40 -15.08 -13.87
C ALA D 110 8.88 -15.81 -15.10
N PHE D 111 8.58 -17.10 -14.94
CA PHE D 111 8.06 -17.85 -16.06
C PHE D 111 6.62 -17.48 -16.42
N SER D 112 5.75 -17.36 -15.42
CA SER D 112 4.31 -17.31 -15.66
C SER D 112 3.76 -15.91 -15.95
N ASN D 113 4.31 -14.91 -15.30
CA ASN D 113 3.85 -13.53 -15.41
C ASN D 113 4.20 -12.91 -16.78
N LEU D 114 3.21 -12.82 -17.66
CA LEU D 114 3.44 -12.38 -19.04
C LEU D 114 3.60 -10.87 -19.19
N SER D 115 3.45 -10.15 -18.09
CA SER D 115 3.58 -8.69 -18.12
C SER D 115 5.05 -8.25 -18.24
N TYR D 116 5.96 -9.19 -18.02
CA TYR D 116 7.39 -8.92 -18.11
C TYR D 116 7.96 -9.18 -19.50
N TYR D 117 8.84 -8.31 -19.96
CA TYR D 117 9.80 -8.70 -20.97
C TYR D 117 10.71 -9.75 -20.34
N THR D 118 11.00 -10.83 -21.05
CA THR D 118 12.00 -11.77 -20.56
C THR D 118 13.38 -11.16 -20.73
N ARG D 119 14.40 -11.90 -20.33
CA ARG D 119 15.74 -11.36 -20.32
C ARG D 119 16.80 -12.37 -20.76
N ALA D 120 17.62 -11.99 -21.74
CA ALA D 120 18.63 -12.89 -22.29
C ALA D 120 19.79 -13.09 -21.34
N LEU D 121 20.08 -12.09 -20.51
CA LEU D 121 21.03 -12.23 -19.40
C LEU D 121 20.40 -11.71 -18.12
N PRO D 122 20.68 -12.37 -16.99
CA PRO D 122 20.11 -11.90 -15.72
C PRO D 122 20.57 -10.49 -15.39
N PRO D 123 19.71 -9.71 -14.71
CA PRO D 123 20.09 -8.37 -14.28
C PRO D 123 21.20 -8.41 -13.23
N VAL D 124 21.92 -7.32 -13.08
CA VAL D 124 22.92 -7.21 -12.03
C VAL D 124 22.22 -7.08 -10.68
N ALA D 125 22.60 -7.90 -9.72
CA ALA D 125 21.97 -7.88 -8.40
C ALA D 125 22.07 -6.49 -7.78
N ASP D 126 21.07 -6.12 -6.98
CA ASP D 126 21.00 -4.77 -6.45
C ASP D 126 22.13 -4.48 -5.47
N ASP D 127 22.65 -5.52 -4.83
CA ASP D 127 23.67 -5.34 -3.81
C ASP D 127 25.10 -5.41 -4.36
N CYS D 128 25.25 -5.33 -5.68
CA CYS D 128 26.57 -5.31 -6.29
C CYS D 128 27.21 -3.92 -6.14
N PRO D 129 28.54 -3.88 -5.91
CA PRO D 129 29.27 -2.63 -5.67
C PRO D 129 29.26 -1.66 -6.86
N THR D 130 29.27 -2.18 -8.08
CA THR D 130 29.27 -1.33 -9.27
C THR D 130 28.09 -1.68 -10.18
N PRO D 131 27.61 -0.71 -10.96
CA PRO D 131 26.48 -0.91 -11.89
C PRO D 131 26.64 -2.13 -12.79
N MET D 132 27.87 -2.43 -13.20
CA MET D 132 28.12 -3.58 -14.07
C MET D 132 28.49 -4.83 -13.27
N GLY D 133 28.35 -4.77 -11.95
CA GLY D 133 28.70 -5.90 -11.11
C GLY D 133 29.80 -5.57 -10.13
N VAL D 134 31.05 -5.78 -10.55
CA VAL D 134 32.20 -5.49 -9.69
C VAL D 134 33.21 -4.58 -10.39
N LYS D 135 33.27 -4.66 -11.73
CA LYS D 135 34.22 -3.87 -12.51
C LYS D 135 33.78 -2.42 -12.66
N GLY D 136 34.73 -1.55 -12.98
CA GLY D 136 34.43 -0.17 -13.25
C GLY D 136 34.24 0.67 -12.00
N ASN D 137 33.76 1.89 -12.19
CA ASN D 137 33.55 2.81 -11.07
C ASN D 137 32.15 2.69 -10.49
N LYS D 138 31.93 3.34 -9.35
CA LYS D 138 30.67 3.23 -8.64
C LYS D 138 29.50 3.78 -9.48
N GLU D 139 29.80 4.71 -10.38
CA GLU D 139 28.79 5.28 -11.24
C GLU D 139 29.18 5.19 -12.72
N LEU D 140 28.25 4.75 -13.55
CA LEU D 140 28.43 4.80 -15.00
C LEU D 140 28.60 6.25 -15.44
N PRO D 141 29.33 6.47 -16.53
CA PRO D 141 29.55 7.84 -17.00
C PRO D 141 28.24 8.57 -17.32
N ASP D 142 28.28 9.88 -17.14
CA ASP D 142 27.24 10.82 -17.48
C ASP D 142 26.60 10.49 -18.84
N SER D 143 25.32 10.12 -18.84
CA SER D 143 24.65 9.67 -20.06
C SER D 143 24.48 10.81 -21.05
N LYS D 144 24.29 12.03 -20.54
CA LYS D 144 24.31 13.22 -21.39
C LYS D 144 25.62 13.30 -22.16
N GLU D 145 26.73 13.03 -21.47
CA GLU D 145 28.05 13.06 -22.09
C GLU D 145 28.15 12.02 -23.20
N VAL D 146 27.79 10.78 -22.91
CA VAL D 146 27.79 9.72 -23.92
C VAL D 146 26.97 10.12 -25.14
N LEU D 147 25.76 10.60 -24.89
CA LEU D 147 24.84 11.06 -25.94
C LEU D 147 25.47 12.13 -26.84
N GLU D 148 25.92 13.21 -26.23
CA GLU D 148 26.43 14.35 -27.00
C GLU D 148 27.74 14.03 -27.71
N LYS D 149 28.62 13.31 -27.04
CA LYS D 149 29.96 13.08 -27.58
C LYS D 149 30.02 12.06 -28.72
N VAL D 150 29.32 10.93 -28.59
CA VAL D 150 29.48 9.89 -29.61
C VAL D 150 28.21 9.44 -30.31
N LEU D 151 27.05 10.02 -29.95
CA LEU D 151 25.80 9.56 -30.54
C LEU D 151 25.08 10.60 -31.41
N LEU D 152 25.06 11.85 -30.95
CA LEU D 152 24.32 12.89 -31.65
C LEU D 152 24.84 13.13 -33.07
N ARG D 153 23.93 13.51 -33.96
CA ARG D 153 24.24 13.64 -35.37
C ARG D 153 24.87 15.00 -35.68
N ARG D 154 26.11 14.99 -36.18
CA ARG D 154 26.73 16.22 -36.66
C ARG D 154 26.11 16.56 -38.01
N GLU D 155 26.35 15.72 -39.00
CA GLU D 155 25.67 15.81 -40.28
C GLU D 155 25.08 14.45 -40.63
N PHE D 156 24.04 14.46 -41.46
CA PHE D 156 23.32 13.23 -41.80
C PHE D 156 24.25 12.21 -42.44
N ILE D 157 24.27 11.00 -41.89
CA ILE D 157 25.03 9.91 -42.46
C ILE D 157 24.10 8.86 -43.03
N PRO D 158 23.97 8.83 -44.37
CA PRO D 158 23.03 7.93 -45.02
C PRO D 158 23.42 6.46 -44.87
N ASP D 159 22.44 5.57 -44.94
CA ASP D 159 22.72 4.14 -44.91
C ASP D 159 23.31 3.69 -46.24
N PRO D 160 24.52 3.09 -46.19
CA PRO D 160 25.19 2.61 -47.40
C PRO D 160 24.45 1.43 -48.04
N GLN D 161 23.60 0.75 -47.28
CA GLN D 161 22.78 -0.33 -47.83
C GLN D 161 21.48 0.19 -48.45
N GLY D 162 21.34 1.50 -48.50
CA GLY D 162 20.23 2.12 -49.19
C GLY D 162 18.85 1.96 -48.58
N SER D 163 18.80 1.70 -47.27
CA SER D 163 17.50 1.61 -46.59
C SER D 163 16.75 2.92 -46.77
N ASN D 164 15.47 2.81 -47.11
CA ASN D 164 14.67 3.99 -47.35
C ASN D 164 13.66 4.18 -46.22
N MET D 165 12.79 5.17 -46.37
CA MET D 165 11.85 5.50 -45.31
C MET D 165 10.71 4.50 -45.25
N MET D 166 10.44 3.83 -46.36
CA MET D 166 9.51 2.70 -46.37
C MET D 166 10.01 1.66 -45.38
N PHE D 167 11.31 1.35 -45.45
CA PHE D 167 11.92 0.41 -44.52
C PHE D 167 11.82 0.90 -43.08
N ALA D 168 12.23 2.15 -42.86
CA ALA D 168 12.27 2.72 -41.52
C ALA D 168 10.90 2.68 -40.85
N PHE D 169 9.86 3.06 -41.59
CA PHE D 169 8.52 3.11 -41.02
C PHE D 169 7.95 1.70 -40.86
N PHE D 170 8.33 0.80 -41.77
CA PHE D 170 7.91 -0.60 -41.63
C PHE D 170 8.49 -1.18 -40.36
N ALA D 171 9.73 -0.82 -40.06
CA ALA D 171 10.42 -1.30 -38.87
C ALA D 171 9.65 -0.86 -37.64
N GLN D 172 9.31 0.42 -37.60
CA GLN D 172 8.55 0.99 -36.49
C GLN D 172 7.18 0.33 -36.36
N HIS D 173 6.46 0.26 -37.48
CA HIS D 173 5.10 -0.23 -37.48
C HIS D 173 5.03 -1.71 -37.08
N PHE D 174 5.89 -2.53 -37.69
CA PHE D 174 5.94 -3.96 -37.42
C PHE D 174 6.33 -4.28 -35.97
N THR D 175 7.40 -3.66 -35.47
CA THR D 175 7.91 -4.03 -34.16
C THR D 175 7.08 -3.44 -33.02
N HIS D 176 6.25 -2.45 -33.31
CA HIS D 176 5.44 -1.85 -32.24
C HIS D 176 4.21 -2.69 -31.90
N GLN D 177 4.11 -3.87 -32.51
CA GLN D 177 3.06 -4.81 -32.11
C GLN D 177 3.57 -5.69 -30.97
N PHE D 178 4.89 -5.77 -30.80
CA PHE D 178 5.42 -6.52 -29.67
C PHE D 178 6.43 -5.76 -28.80
N PHE D 179 6.74 -4.51 -29.16
CA PHE D 179 7.45 -3.62 -28.23
C PHE D 179 6.48 -2.58 -27.71
N LYS D 180 5.66 -2.97 -26.73
CA LYS D 180 4.65 -2.08 -26.17
C LYS D 180 4.89 -1.86 -24.68
N THR D 181 5.97 -1.17 -24.36
CA THR D 181 6.37 -1.00 -22.96
C THR D 181 5.30 -0.37 -22.10
N ASP D 182 5.02 -1.02 -20.97
CA ASP D 182 4.07 -0.51 -19.99
C ASP D 182 4.76 0.51 -19.09
N HIS D 183 4.68 1.79 -19.47
CA HIS D 183 5.36 2.86 -18.75
C HIS D 183 4.88 3.02 -17.32
N LYS D 184 3.65 2.62 -17.03
CA LYS D 184 3.11 2.71 -15.67
C LYS D 184 3.95 1.85 -14.73
N ARG D 185 4.27 0.63 -15.17
CA ARG D 185 4.97 -0.32 -14.32
C ARG D 185 6.48 -0.14 -14.32
N GLY D 186 7.04 0.18 -15.49
CA GLY D 186 8.47 0.30 -15.65
C GLY D 186 8.90 -0.25 -17.00
N PRO D 187 10.13 0.09 -17.41
CA PRO D 187 10.64 -0.25 -18.75
C PRO D 187 10.80 -1.75 -19.01
N GLY D 188 10.79 -2.57 -17.96
CA GLY D 188 10.93 -4.00 -18.11
C GLY D 188 9.60 -4.73 -18.25
N PHE D 189 8.53 -3.95 -18.43
CA PHE D 189 7.19 -4.51 -18.57
C PHE D 189 6.63 -4.21 -19.95
N THR D 190 5.68 -5.04 -20.38
CA THR D 190 5.04 -4.83 -21.67
C THR D 190 3.52 -5.04 -21.61
N ARG D 191 2.81 -4.38 -22.51
CA ARG D 191 1.36 -4.56 -22.64
C ARG D 191 1.05 -5.58 -23.73
N GLY D 192 2.08 -6.10 -24.37
CA GLY D 192 1.90 -7.01 -25.50
C GLY D 192 1.93 -8.46 -25.07
N LEU D 193 0.83 -8.92 -24.50
CA LEU D 193 0.78 -10.23 -23.85
C LEU D 193 0.90 -11.37 -24.87
N GLY D 194 0.74 -11.04 -26.14
CA GLY D 194 0.91 -12.00 -27.22
C GLY D 194 2.37 -12.39 -27.39
N HIS D 195 3.26 -11.48 -27.03
CA HIS D 195 4.71 -11.66 -27.11
C HIS D 195 5.22 -12.12 -28.47
N GLY D 196 4.59 -11.62 -29.54
CA GLY D 196 5.02 -11.91 -30.89
C GLY D 196 4.10 -11.32 -31.95
N VAL D 197 4.13 -11.90 -33.13
CA VAL D 197 3.37 -11.37 -34.26
C VAL D 197 1.91 -11.83 -34.22
N ASP D 198 1.06 -11.11 -33.48
CA ASP D 198 -0.36 -11.43 -33.42
C ASP D 198 -1.20 -10.39 -34.16
N LEU D 199 -0.52 -9.37 -34.67
CA LEU D 199 -1.15 -8.25 -35.39
C LEU D 199 -2.11 -7.46 -34.51
N ASN D 200 -1.88 -7.45 -33.20
CA ASN D 200 -2.69 -6.64 -32.30
C ASN D 200 -2.62 -5.15 -32.61
N HIS D 201 -1.59 -4.73 -33.32
CA HIS D 201 -1.44 -3.33 -33.72
C HIS D 201 -2.39 -2.96 -34.85
N ILE D 202 -3.04 -3.98 -35.41
CA ILE D 202 -4.09 -3.83 -36.39
C ILE D 202 -5.46 -4.13 -35.78
N TYR D 203 -5.52 -5.21 -35.00
CA TYR D 203 -6.80 -5.73 -34.53
C TYR D 203 -7.11 -5.38 -33.08
N GLY D 204 -6.17 -4.73 -32.39
CA GLY D 204 -6.35 -4.43 -30.99
C GLY D 204 -5.81 -5.54 -30.12
N GLU D 205 -5.40 -5.18 -28.91
CA GLU D 205 -4.84 -6.14 -27.95
C GLU D 205 -5.96 -6.88 -27.19
N THR D 206 -7.05 -6.18 -26.92
CA THR D 206 -8.18 -6.80 -26.23
C THR D 206 -9.36 -7.03 -27.16
N LEU D 207 -10.21 -7.98 -26.78
CA LEU D 207 -11.39 -8.34 -27.54
C LEU D 207 -12.34 -7.16 -27.74
N ASP D 208 -12.51 -6.35 -26.69
CA ASP D 208 -13.44 -5.24 -26.74
C ASP D 208 -12.94 -4.15 -27.69
N ARG D 209 -11.63 -4.01 -27.82
CA ARG D 209 -11.06 -3.06 -28.76
C ARG D 209 -11.23 -3.59 -30.17
N GLN D 210 -10.98 -4.89 -30.34
CA GLN D 210 -11.16 -5.55 -31.64
C GLN D 210 -12.58 -5.36 -32.18
N HIS D 211 -13.57 -5.57 -31.32
CA HIS D 211 -14.96 -5.46 -31.74
C HIS D 211 -15.30 -4.02 -32.12
N LYS D 212 -14.83 -3.06 -31.32
CA LYS D 212 -14.99 -1.64 -31.66
C LYS D 212 -14.40 -1.31 -33.04
N LEU D 213 -13.33 -2.00 -33.40
CA LEU D 213 -12.69 -1.81 -34.71
C LEU D 213 -13.36 -2.62 -35.83
N ARG D 214 -14.19 -3.59 -35.46
CA ARG D 214 -14.79 -4.48 -36.44
C ARG D 214 -16.13 -3.98 -36.99
N LEU D 215 -16.39 -4.29 -38.26
CA LEU D 215 -17.63 -3.90 -38.91
C LEU D 215 -18.75 -4.93 -38.70
N PHE D 216 -18.34 -6.18 -38.43
CA PHE D 216 -19.25 -7.30 -38.22
C PHE D 216 -20.11 -7.57 -39.47
N LYS D 217 -19.51 -7.28 -40.62
CA LYS D 217 -20.05 -7.62 -41.92
C LYS D 217 -18.91 -8.16 -42.78
N ASP D 218 -19.04 -9.40 -43.23
CA ASP D 218 -18.08 -10.01 -44.13
C ASP D 218 -16.67 -10.09 -43.52
N GLY D 219 -16.61 -10.11 -42.19
CA GLY D 219 -15.35 -10.21 -41.48
C GLY D 219 -14.46 -8.97 -41.53
N LYS D 220 -15.01 -7.84 -41.97
CA LYS D 220 -14.18 -6.68 -42.26
C LYS D 220 -13.93 -5.74 -41.08
N LEU D 221 -12.92 -4.89 -41.22
CA LEU D 221 -12.66 -3.80 -40.29
C LEU D 221 -13.41 -2.54 -40.72
N LYS D 222 -13.95 -1.82 -39.74
CA LYS D 222 -14.54 -0.50 -39.98
C LYS D 222 -13.58 0.42 -40.72
N TYR D 223 -14.11 1.29 -41.56
CA TYR D 223 -13.29 2.21 -42.34
C TYR D 223 -14.11 3.40 -42.83
N GLN D 224 -13.44 4.45 -43.29
CA GLN D 224 -14.14 5.55 -43.93
C GLN D 224 -13.59 5.81 -45.32
N VAL D 225 -14.32 6.62 -46.10
CA VAL D 225 -13.86 6.99 -47.43
C VAL D 225 -13.72 8.51 -47.54
N ILE D 226 -12.48 8.96 -47.70
CA ILE D 226 -12.19 10.39 -47.83
C ILE D 226 -11.66 10.68 -49.23
N GLY D 227 -12.37 11.53 -49.96
CA GLY D 227 -12.14 11.68 -51.38
C GLY D 227 -12.76 10.45 -52.02
N GLY D 228 -11.91 9.50 -52.41
CA GLY D 228 -12.39 8.21 -52.86
C GLY D 228 -11.50 7.12 -52.30
N GLU D 229 -10.78 7.46 -51.24
CA GLU D 229 -9.76 6.60 -50.66
C GLU D 229 -10.19 6.02 -49.33
N VAL D 230 -9.74 4.81 -49.03
CA VAL D 230 -10.13 4.14 -47.81
C VAL D 230 -9.17 4.47 -46.66
N TYR D 231 -9.74 4.91 -45.55
CA TYR D 231 -8.94 5.29 -44.40
C TYR D 231 -9.50 4.65 -43.14
N PRO D 232 -8.67 4.55 -42.09
CA PRO D 232 -9.16 4.08 -40.78
C PRO D 232 -10.34 4.90 -40.30
N PRO D 233 -11.19 4.33 -39.44
CA PRO D 233 -12.33 5.05 -38.87
C PRO D 233 -11.88 6.08 -37.82
N THR D 234 -12.78 6.93 -37.35
CA THR D 234 -12.40 7.92 -36.35
C THR D 234 -12.70 7.46 -34.93
N VAL D 235 -12.08 8.13 -33.97
CA VAL D 235 -12.33 7.89 -32.55
C VAL D 235 -13.78 8.23 -32.20
N LYS D 236 -14.28 9.32 -32.78
CA LYS D 236 -15.64 9.78 -32.55
C LYS D 236 -16.66 8.73 -33.00
N ASP D 237 -16.30 7.96 -34.00
CA ASP D 237 -17.21 6.97 -34.56
C ASP D 237 -17.09 5.59 -33.96
N THR D 238 -15.98 5.29 -33.33
CA THR D 238 -15.76 3.94 -32.82
C THR D 238 -15.53 3.88 -31.31
N GLN D 239 -15.16 5.02 -30.72
CA GLN D 239 -14.83 5.11 -29.31
C GLN D 239 -13.67 4.22 -28.88
N VAL D 240 -12.69 4.02 -29.76
CA VAL D 240 -11.48 3.30 -29.32
C VAL D 240 -10.46 4.32 -28.80
N GLU D 241 -9.69 3.90 -27.80
CA GLU D 241 -8.69 4.77 -27.20
C GLU D 241 -7.54 5.04 -28.17
N MET D 242 -7.33 6.30 -28.49
CA MET D 242 -6.16 6.70 -29.28
C MET D 242 -5.41 7.82 -28.58
N ILE D 243 -4.08 7.78 -28.67
CA ILE D 243 -3.26 8.84 -28.10
C ILE D 243 -3.12 9.99 -29.09
N TYR D 244 -3.73 11.11 -28.77
CA TYR D 244 -3.66 12.32 -29.59
C TYR D 244 -3.54 13.56 -28.72
N PRO D 245 -2.68 14.50 -29.13
CA PRO D 245 -2.67 15.82 -28.47
C PRO D 245 -4.04 16.47 -28.65
N PRO D 246 -4.46 17.31 -27.68
CA PRO D 246 -5.81 17.87 -27.67
C PRO D 246 -6.09 18.85 -28.81
N HIS D 247 -5.07 19.28 -29.53
CA HIS D 247 -5.24 20.28 -30.59
C HIS D 247 -5.57 19.63 -31.94
N ILE D 248 -5.88 18.34 -31.93
CA ILE D 248 -6.20 17.62 -33.15
C ILE D 248 -7.71 17.50 -33.37
N PRO D 249 -8.18 17.94 -34.55
CA PRO D 249 -9.58 17.81 -34.95
C PRO D 249 -10.05 16.36 -34.93
N GLU D 250 -11.34 16.15 -34.65
CA GLU D 250 -11.89 14.80 -34.52
C GLU D 250 -11.82 14.01 -35.84
N ASN D 251 -11.92 14.72 -36.96
CA ASN D 251 -11.90 14.07 -38.27
C ASN D 251 -10.52 13.50 -38.61
N LEU D 252 -9.50 13.99 -37.91
CA LEU D 252 -8.12 13.56 -38.17
C LEU D 252 -7.62 12.55 -37.15
N GLN D 253 -8.46 12.24 -36.15
CA GLN D 253 -8.12 11.22 -35.16
C GLN D 253 -8.54 9.84 -35.66
N PHE D 254 -7.66 9.22 -36.44
CA PHE D 254 -7.90 7.89 -36.97
C PHE D 254 -7.75 6.86 -35.86
N ALA D 255 -8.58 5.82 -35.92
CA ALA D 255 -8.59 4.78 -34.91
C ALA D 255 -8.08 3.47 -35.49
N VAL D 256 -6.98 2.96 -34.94
CA VAL D 256 -6.38 1.71 -35.38
C VAL D 256 -6.01 0.86 -34.18
N GLY D 257 -5.54 -0.36 -34.42
CA GLY D 257 -5.19 -1.29 -33.36
C GLY D 257 -4.24 -0.73 -32.32
N GLN D 258 -3.15 -0.11 -32.78
CA GLN D 258 -2.17 0.46 -31.87
C GLN D 258 -2.51 1.91 -31.55
N GLU D 259 -2.63 2.20 -30.26
CA GLU D 259 -3.10 3.50 -29.80
C GLU D 259 -2.15 4.64 -30.17
N VAL D 260 -0.89 4.32 -30.39
CA VAL D 260 0.16 5.33 -30.57
C VAL D 260 0.45 5.65 -32.05
N PHE D 261 -0.25 5.00 -32.96
CA PHE D 261 0.06 5.13 -34.38
C PHE D 261 -0.40 6.46 -35.01
N GLY D 262 -1.15 7.25 -34.25
CA GLY D 262 -1.62 8.53 -34.78
C GLY D 262 -0.56 9.62 -34.71
N LEU D 263 0.54 9.32 -34.03
CA LEU D 263 1.55 10.33 -33.78
C LEU D 263 2.56 10.46 -34.92
N VAL D 264 2.58 9.47 -35.81
CA VAL D 264 3.48 9.48 -36.96
C VAL D 264 2.76 9.09 -38.25
N PRO D 265 2.72 10.00 -39.23
CA PRO D 265 2.05 9.76 -40.53
C PRO D 265 2.57 8.52 -41.27
N GLY D 266 3.82 8.15 -41.02
CA GLY D 266 4.40 6.96 -41.62
C GLY D 266 3.80 5.68 -41.06
N LEU D 267 3.45 5.71 -39.77
CA LEU D 267 2.78 4.58 -39.14
C LEU D 267 1.35 4.46 -39.65
N MET D 268 0.64 5.59 -39.68
CA MET D 268 -0.74 5.59 -40.14
C MET D 268 -0.84 5.17 -41.60
N MET D 269 0.23 5.42 -42.37
CA MET D 269 0.30 4.94 -43.74
C MET D 269 0.21 3.43 -43.79
N TYR D 270 1.00 2.75 -42.94
CA TYR D 270 1.03 1.30 -42.94
C TYR D 270 -0.23 0.72 -42.33
N ALA D 271 -0.72 1.39 -41.28
CA ALA D 271 -1.98 1.01 -40.65
C ALA D 271 -3.11 0.98 -41.69
N THR D 272 -3.07 1.95 -42.60
CA THR D 272 -4.08 2.08 -43.63
C THR D 272 -3.91 1.00 -44.68
N ILE D 273 -2.67 0.72 -45.05
CA ILE D 273 -2.39 -0.32 -46.04
C ILE D 273 -2.85 -1.69 -45.55
N TRP D 274 -2.52 -2.00 -44.29
CA TRP D 274 -2.88 -3.27 -43.69
C TRP D 274 -4.39 -3.41 -43.46
N LEU D 275 -5.06 -2.30 -43.15
CA LEU D 275 -6.52 -2.29 -43.02
C LEU D 275 -7.15 -2.67 -44.36
N ARG D 276 -6.66 -2.05 -45.43
CA ARG D 276 -7.15 -2.34 -46.77
C ARG D 276 -6.90 -3.80 -47.14
N GLU D 277 -5.75 -4.32 -46.75
CA GLU D 277 -5.39 -5.70 -47.03
C GLU D 277 -6.33 -6.68 -46.34
N HIS D 278 -6.66 -6.42 -45.07
CA HIS D 278 -7.56 -7.30 -44.33
C HIS D 278 -8.91 -7.40 -45.02
N ASN D 279 -9.42 -6.27 -45.46
CA ASN D 279 -10.72 -6.20 -46.13
C ASN D 279 -10.68 -6.82 -47.52
N ARG D 280 -9.58 -6.60 -48.21
CA ARG D 280 -9.35 -7.21 -49.51
C ARG D 280 -9.37 -8.74 -49.39
N VAL D 281 -8.69 -9.25 -48.37
CA VAL D 281 -8.64 -10.69 -48.12
C VAL D 281 -10.04 -11.20 -47.74
N CYS D 282 -10.82 -10.35 -47.07
CA CYS D 282 -12.20 -10.67 -46.77
C CYS D 282 -13.07 -10.84 -48.02
N ASP D 283 -12.85 -10.01 -49.03
CA ASP D 283 -13.58 -10.18 -50.31
C ASP D 283 -13.19 -11.51 -50.95
N ILE D 284 -11.89 -11.78 -51.01
CA ILE D 284 -11.37 -13.01 -51.59
C ILE D 284 -11.95 -14.24 -50.92
N LEU D 285 -11.91 -14.24 -49.59
CA LEU D 285 -12.39 -15.34 -48.80
C LEU D 285 -13.90 -15.53 -48.94
N LYS D 286 -14.65 -14.44 -49.09
CA LYS D 286 -16.10 -14.51 -49.21
C LYS D 286 -16.53 -15.02 -50.55
N GLN D 287 -15.74 -14.76 -51.55
CA GLN D 287 -15.95 -15.31 -52.88
C GLN D 287 -15.80 -16.83 -52.83
N GLU D 288 -14.76 -17.28 -52.15
CA GLU D 288 -14.50 -18.71 -51.98
C GLU D 288 -15.48 -19.37 -51.02
N HIS D 289 -15.97 -18.62 -50.05
CA HIS D 289 -16.82 -19.19 -49.03
C HIS D 289 -18.08 -18.35 -48.77
N PRO D 290 -19.05 -18.40 -49.71
CA PRO D 290 -20.29 -17.65 -49.51
C PRO D 290 -21.11 -18.18 -48.32
N GLU D 291 -20.76 -19.37 -47.82
CA GLU D 291 -21.46 -19.95 -46.68
C GLU D 291 -20.84 -19.54 -45.33
N TRP D 292 -19.76 -18.79 -45.38
CA TRP D 292 -19.08 -18.38 -44.14
C TRP D 292 -19.73 -17.18 -43.48
N GLY D 293 -19.69 -17.15 -42.15
CA GLY D 293 -20.19 -16.02 -41.41
C GLY D 293 -19.14 -14.92 -41.28
N ASP D 294 -19.55 -13.80 -40.69
CA ASP D 294 -18.63 -12.69 -40.42
C ASP D 294 -17.47 -13.11 -39.53
N GLU D 295 -17.76 -13.92 -38.50
CA GLU D 295 -16.74 -14.26 -37.52
C GLU D 295 -15.60 -15.07 -38.13
N GLN D 296 -15.93 -16.07 -38.95
CA GLN D 296 -14.92 -16.94 -39.54
C GLN D 296 -14.14 -16.23 -40.64
N LEU D 297 -14.80 -15.32 -41.37
CA LEU D 297 -14.10 -14.53 -42.38
C LEU D 297 -13.06 -13.65 -41.72
N PHE D 298 -13.43 -13.03 -40.60
CA PHE D 298 -12.51 -12.17 -39.87
C PHE D 298 -11.30 -12.94 -39.33
N GLN D 299 -11.58 -14.04 -38.65
CA GLN D 299 -10.53 -14.84 -38.03
C GLN D 299 -9.55 -15.38 -39.08
N THR D 300 -10.10 -15.89 -40.17
CA THR D 300 -9.29 -16.50 -41.20
C THR D 300 -8.43 -15.45 -41.91
N SER D 301 -9.01 -14.29 -42.20
CA SER D 301 -8.27 -13.18 -42.78
C SER D 301 -7.08 -12.79 -41.89
N ARG D 302 -7.35 -12.62 -40.60
CA ARG D 302 -6.30 -12.31 -39.63
C ARG D 302 -5.15 -13.32 -39.65
N LEU D 303 -5.50 -14.61 -39.73
CA LEU D 303 -4.47 -15.65 -39.79
C LEU D 303 -3.64 -15.49 -41.05
N ILE D 304 -4.32 -15.18 -42.15
CA ILE D 304 -3.63 -14.96 -43.42
C ILE D 304 -2.67 -13.78 -43.30
N LEU D 305 -3.15 -12.66 -42.77
CA LEU D 305 -2.32 -11.48 -42.63
C LEU D 305 -1.14 -11.71 -41.68
N ILE D 306 -1.35 -12.53 -40.67
CA ILE D 306 -0.25 -12.97 -39.83
C ILE D 306 0.79 -13.67 -40.70
N GLY D 307 0.32 -14.55 -41.58
CA GLY D 307 1.20 -15.25 -42.50
C GLY D 307 1.91 -14.34 -43.50
N GLU D 308 1.18 -13.41 -44.09
CA GLU D 308 1.76 -12.44 -45.01
C GLU D 308 2.87 -11.65 -44.33
N THR D 309 2.60 -11.25 -43.08
CA THR D 309 3.54 -10.46 -42.30
C THR D 309 4.86 -11.19 -42.14
N ILE D 310 4.80 -12.42 -41.64
CA ILE D 310 6.00 -13.22 -41.43
C ILE D 310 6.72 -13.46 -42.74
N LYS D 311 5.96 -13.70 -43.81
CA LYS D 311 6.51 -13.87 -45.14
C LYS D 311 7.32 -12.65 -45.60
N ILE D 312 6.72 -11.47 -45.48
CA ILE D 312 7.36 -10.24 -45.91
C ILE D 312 8.57 -9.89 -45.04
N VAL D 313 8.45 -10.13 -43.73
CA VAL D 313 9.52 -9.80 -42.82
C VAL D 313 10.78 -10.64 -43.09
N ILE D 314 10.60 -11.91 -43.40
CA ILE D 314 11.75 -12.76 -43.72
C ILE D 314 12.31 -12.51 -45.13
N GLU D 315 11.44 -12.51 -46.14
CA GLU D 315 11.92 -12.52 -47.52
C GLU D 315 12.20 -11.14 -48.11
N ASP D 316 11.73 -10.09 -47.44
CA ASP D 316 12.02 -8.73 -47.88
C ASP D 316 12.80 -7.95 -46.81
N TYR D 317 12.20 -7.81 -45.64
CA TYR D 317 12.74 -7.00 -44.54
C TYR D 317 14.09 -7.51 -44.06
N VAL D 318 14.12 -8.71 -43.50
CA VAL D 318 15.36 -9.28 -42.98
C VAL D 318 16.30 -9.61 -44.15
N GLN D 319 15.72 -9.86 -45.32
CA GLN D 319 16.51 -10.08 -46.52
C GLN D 319 17.31 -8.81 -46.86
N HIS D 320 16.66 -7.66 -46.71
CA HIS D 320 17.28 -6.39 -47.04
C HIS D 320 18.45 -6.05 -46.11
N LEU D 321 18.22 -6.11 -44.80
CA LEU D 321 19.26 -5.66 -43.88
C LEU D 321 20.38 -6.70 -43.71
N SER D 322 20.14 -7.93 -44.17
CA SER D 322 21.16 -8.97 -44.10
C SER D 322 22.27 -8.71 -45.12
N GLY D 323 21.90 -8.16 -46.27
CA GLY D 323 22.87 -7.90 -47.33
C GLY D 323 23.30 -9.17 -48.04
N TYR D 324 22.62 -10.27 -47.72
CA TYR D 324 22.97 -11.57 -48.26
C TYR D 324 22.64 -11.70 -49.73
N HIS D 325 23.48 -12.43 -50.45
CA HIS D 325 23.16 -12.80 -51.83
C HIS D 325 22.24 -14.02 -51.81
N PHE D 326 22.30 -14.77 -50.72
CA PHE D 326 21.39 -15.90 -50.51
C PHE D 326 19.97 -15.38 -50.29
N LYS D 327 19.00 -15.97 -51.00
CA LYS D 327 17.61 -15.57 -50.86
C LYS D 327 16.93 -16.28 -49.69
N LEU D 328 16.72 -15.54 -48.60
CA LEU D 328 16.05 -16.08 -47.42
C LEU D 328 14.65 -16.58 -47.78
N LYS D 329 14.14 -17.56 -47.04
CA LYS D 329 12.88 -18.20 -47.40
C LYS D 329 11.98 -18.51 -46.20
N PHE D 330 10.73 -18.09 -46.29
CA PHE D 330 9.75 -18.44 -45.27
C PHE D 330 9.12 -19.80 -45.58
N ASP D 331 9.50 -20.81 -44.82
CA ASP D 331 9.00 -22.16 -45.05
C ASP D 331 8.99 -22.98 -43.75
N PRO D 332 7.90 -22.89 -42.99
CA PRO D 332 7.72 -23.61 -41.72
C PRO D 332 8.13 -25.08 -41.79
N GLU D 333 7.91 -25.71 -42.93
CA GLU D 333 8.20 -27.14 -43.11
C GLU D 333 9.68 -27.47 -42.86
N LEU D 334 10.55 -26.47 -42.94
CA LEU D 334 11.97 -26.68 -42.71
C LEU D 334 12.27 -27.09 -41.27
N LEU D 335 11.34 -26.81 -40.36
CA LEU D 335 11.55 -27.09 -38.95
C LEU D 335 10.76 -28.31 -38.45
N PHE D 336 9.97 -28.91 -39.32
CA PHE D 336 9.11 -30.03 -38.94
C PHE D 336 9.87 -31.27 -38.47
N ASN D 337 11.14 -31.40 -38.87
CA ASN D 337 11.95 -32.53 -38.43
C ASN D 337 13.07 -32.07 -37.49
N GLN D 338 12.98 -30.83 -37.03
CA GLN D 338 13.94 -30.26 -36.11
C GLN D 338 13.36 -30.18 -34.69
N GLN D 339 14.24 -29.99 -33.71
CA GLN D 339 13.78 -29.69 -32.35
C GLN D 339 13.53 -28.20 -32.23
N PHE D 340 12.27 -27.81 -32.19
CA PHE D 340 11.92 -26.40 -32.16
C PHE D 340 10.69 -26.15 -31.30
N GLN D 341 10.75 -25.11 -30.46
CA GLN D 341 9.62 -24.75 -29.61
C GLN D 341 8.74 -23.69 -30.27
N TYR D 342 7.51 -24.08 -30.60
CA TYR D 342 6.57 -23.12 -31.18
C TYR D 342 5.96 -22.24 -30.08
N GLN D 343 6.81 -21.36 -29.54
CA GLN D 343 6.41 -20.36 -28.56
C GLN D 343 7.47 -19.27 -28.53
N ASN D 344 7.15 -18.14 -27.90
CA ASN D 344 8.12 -17.05 -27.84
C ASN D 344 7.85 -16.07 -26.71
N ARG D 345 8.94 -15.57 -26.14
CA ARG D 345 8.87 -14.54 -25.13
C ARG D 345 9.87 -13.46 -25.51
N ILE D 346 9.37 -12.27 -25.83
CA ILE D 346 10.27 -11.26 -26.38
C ILE D 346 11.10 -10.61 -25.30
N ALA D 347 12.39 -10.50 -25.56
CA ALA D 347 13.37 -10.11 -24.57
C ALA D 347 13.50 -8.60 -24.49
N SER D 348 13.88 -8.11 -23.32
CA SER D 348 14.07 -6.68 -23.12
C SER D 348 15.19 -6.19 -24.03
N GLU D 349 16.25 -6.99 -24.12
CA GLU D 349 17.40 -6.66 -24.95
C GLU D 349 17.05 -6.51 -26.42
N PHE D 350 16.12 -7.33 -26.90
CA PHE D 350 15.64 -7.24 -28.28
C PHE D 350 14.97 -5.89 -28.49
N ASN D 351 14.19 -5.47 -27.49
CA ASN D 351 13.59 -4.15 -27.51
C ASN D 351 14.65 -3.05 -27.53
N THR D 352 15.69 -3.21 -26.71
CA THR D 352 16.71 -2.19 -26.55
C THR D 352 17.60 -2.06 -27.80
N LEU D 353 18.03 -3.18 -28.36
CA LEU D 353 18.84 -3.14 -29.58
C LEU D 353 18.05 -2.58 -30.77
N TYR D 354 16.72 -2.58 -30.67
CA TYR D 354 15.87 -2.14 -31.78
C TYR D 354 15.53 -0.67 -31.69
N HIS D 355 16.24 0.06 -30.83
CA HIS D 355 16.09 1.51 -30.76
C HIS D 355 16.93 2.16 -31.86
N TRP D 356 16.57 1.89 -33.11
CA TRP D 356 17.34 2.37 -34.26
C TRP D 356 17.07 3.84 -34.57
N HIS D 357 17.35 4.70 -33.59
CA HIS D 357 17.13 6.13 -33.71
C HIS D 357 17.85 6.81 -34.89
N PRO D 358 19.12 6.42 -35.18
CA PRO D 358 19.75 7.11 -36.30
C PRO D 358 19.15 6.82 -37.67
N LEU D 359 18.19 5.89 -37.75
CA LEU D 359 17.49 5.62 -39.00
C LEU D 359 16.75 6.85 -39.52
N LEU D 360 16.20 7.62 -38.59
CA LEU D 360 15.42 8.80 -38.93
C LEU D 360 16.24 9.86 -39.66
N PRO D 361 15.62 10.51 -40.65
CA PRO D 361 16.22 11.60 -41.43
C PRO D 361 16.05 12.94 -40.72
N ASP D 362 16.70 13.98 -41.22
CA ASP D 362 16.58 15.31 -40.62
C ASP D 362 15.24 15.93 -40.99
N THR D 363 14.72 15.56 -42.15
CA THR D 363 13.40 16.00 -42.61
C THR D 363 12.67 14.86 -43.31
N PHE D 364 11.35 14.91 -43.30
CA PHE D 364 10.55 13.91 -43.99
C PHE D 364 10.06 14.46 -45.32
N ASN D 365 10.69 14.02 -46.41
CA ASN D 365 10.45 14.58 -47.74
C ASN D 365 9.36 13.86 -48.52
N ILE D 366 8.21 14.51 -48.67
CA ILE D 366 7.10 13.96 -49.44
C ILE D 366 6.77 14.90 -50.61
N GLU D 367 6.86 14.34 -51.82
CA GLU D 367 6.93 15.11 -53.07
C GLU D 367 7.62 16.46 -52.90
N ASP D 368 6.87 17.55 -53.09
CA ASP D 368 7.43 18.90 -53.02
C ASP D 368 7.96 19.29 -51.64
N GLN D 369 7.31 18.81 -50.59
CA GLN D 369 7.56 19.29 -49.24
C GLN D 369 8.73 18.60 -48.53
N GLU D 370 9.32 19.31 -47.56
CA GLU D 370 10.31 18.74 -46.66
C GLU D 370 9.91 19.08 -45.23
N TYR D 371 9.26 18.14 -44.55
CA TYR D 371 8.68 18.40 -43.24
C TYR D 371 9.69 18.21 -42.10
N SER D 372 9.56 19.05 -41.08
CA SER D 372 10.34 18.90 -39.87
C SER D 372 9.61 17.99 -38.91
N PHE D 373 10.28 17.58 -37.84
CA PHE D 373 9.69 16.72 -36.84
C PHE D 373 8.42 17.34 -36.24
N LYS D 374 8.49 18.63 -35.96
CA LYS D 374 7.36 19.34 -35.36
C LYS D 374 6.19 19.44 -36.32
N GLN D 375 6.48 19.55 -37.61
CA GLN D 375 5.44 19.61 -38.62
C GLN D 375 4.88 18.22 -38.91
N PHE D 376 5.75 17.22 -38.82
CA PHE D 376 5.38 15.86 -39.20
C PHE D 376 4.57 15.14 -38.12
N LEU D 377 4.96 15.30 -36.86
CA LEU D 377 4.32 14.57 -35.77
C LEU D 377 2.85 14.97 -35.57
N TYR D 378 2.02 13.96 -35.29
CA TYR D 378 0.58 14.10 -35.03
C TYR D 378 -0.18 14.75 -36.19
N ASN D 379 0.44 14.83 -37.36
CA ASN D 379 -0.17 15.54 -38.47
C ASN D 379 -0.60 14.59 -39.57
N ASN D 380 -1.84 14.13 -39.49
CA ASN D 380 -2.37 13.17 -40.45
C ASN D 380 -2.94 13.80 -41.71
N SER D 381 -3.12 15.12 -41.71
CA SER D 381 -3.61 15.80 -42.89
C SER D 381 -2.57 15.67 -44.00
N ILE D 382 -1.30 15.61 -43.61
CA ILE D 382 -0.22 15.32 -44.53
C ILE D 382 -0.46 14.01 -45.25
N LEU D 383 -0.89 13.01 -44.51
CA LEU D 383 -1.16 11.69 -45.06
C LEU D 383 -2.31 11.73 -46.06
N LEU D 384 -3.19 12.72 -45.86
CA LEU D 384 -4.44 12.91 -46.57
C LEU D 384 -4.33 13.85 -47.74
N GLU D 385 -3.54 14.89 -47.56
CA GLU D 385 -3.30 15.80 -48.63
C GLU D 385 -2.52 15.13 -49.72
N HIS D 386 -1.48 14.40 -49.36
CA HIS D 386 -0.67 13.79 -50.36
C HIS D 386 -1.24 12.49 -50.79
N GLY D 387 -1.70 11.70 -49.85
CA GLY D 387 -2.32 10.44 -50.18
C GLY D 387 -1.34 9.30 -50.08
N LEU D 388 -1.85 8.10 -50.15
CA LEU D 388 -1.08 6.92 -49.88
C LEU D 388 -0.06 6.69 -50.92
N THR D 389 -0.40 7.11 -52.12
CA THR D 389 0.45 6.90 -53.25
C THR D 389 1.66 7.78 -53.30
N GLN D 390 1.49 9.05 -52.98
CA GLN D 390 2.64 9.93 -52.93
C GLN D 390 3.56 9.57 -51.78
N PHE D 391 2.98 9.16 -50.66
CA PHE D 391 3.72 8.72 -49.48
C PHE D 391 4.65 7.57 -49.83
N VAL D 392 4.07 6.48 -50.31
CA VAL D 392 4.81 5.31 -50.80
C VAL D 392 5.92 5.71 -51.79
N GLU D 393 5.53 6.47 -52.82
CA GLU D 393 6.49 6.91 -53.84
C GLU D 393 7.61 7.77 -53.25
N SER D 394 7.25 8.70 -52.37
CA SER D 394 8.25 9.58 -51.77
C SER D 394 9.14 8.84 -50.77
N PHE D 395 8.54 8.00 -49.94
CA PHE D 395 9.30 7.32 -48.90
C PHE D 395 10.19 6.24 -49.49
N THR D 396 9.84 5.75 -50.67
CA THR D 396 10.67 4.78 -51.38
C THR D 396 11.95 5.47 -51.85
N ARG D 397 11.84 6.74 -52.20
CA ARG D 397 12.97 7.55 -52.67
C ARG D 397 13.87 8.07 -51.57
N GLN D 398 13.34 8.26 -50.36
CA GLN D 398 14.14 8.93 -49.33
C GLN D 398 15.06 7.99 -48.58
N ILE D 399 16.36 8.31 -48.61
CA ILE D 399 17.38 7.53 -47.92
C ILE D 399 17.23 7.66 -46.41
N ALA D 400 17.46 6.56 -45.70
CA ALA D 400 17.41 6.54 -44.25
C ALA D 400 18.83 6.63 -43.68
N GLY D 401 18.95 6.75 -42.36
CA GLY D 401 20.24 6.96 -41.73
C GLY D 401 20.97 5.71 -41.31
N ARG D 402 22.30 5.77 -41.32
CA ARG D 402 23.10 4.65 -40.87
C ARG D 402 22.96 4.47 -39.36
N VAL D 403 22.74 3.24 -38.90
CA VAL D 403 22.49 3.00 -37.49
C VAL D 403 23.78 2.86 -36.68
N ALA D 404 24.67 1.98 -37.09
CA ALA D 404 25.98 1.89 -36.46
C ALA D 404 26.90 2.97 -37.02
N GLY D 405 28.14 3.00 -36.55
CA GLY D 405 29.12 3.93 -37.07
C GLY D 405 29.26 5.17 -36.20
N GLY D 406 28.24 5.44 -35.38
CA GLY D 406 28.30 6.52 -34.42
C GLY D 406 27.86 7.87 -34.94
N ARG D 407 27.51 8.76 -34.01
CA ARG D 407 27.21 10.15 -34.28
C ARG D 407 26.19 10.37 -35.40
N ASN D 408 25.07 9.67 -35.33
CA ASN D 408 24.06 9.80 -36.36
C ASN D 408 22.63 9.84 -35.81
N VAL D 409 22.51 9.97 -34.49
CA VAL D 409 21.19 10.13 -33.86
C VAL D 409 20.71 11.56 -34.02
N PRO D 410 19.58 11.76 -34.70
CA PRO D 410 19.03 13.10 -34.93
C PRO D 410 18.77 13.85 -33.63
N ILE D 411 18.98 15.16 -33.63
CA ILE D 411 18.91 15.98 -32.43
C ILE D 411 17.54 15.97 -31.76
N ALA D 412 16.49 15.97 -32.56
CA ALA D 412 15.12 15.99 -32.04
C ALA D 412 14.86 14.84 -31.06
N VAL D 413 15.28 13.64 -31.46
CA VAL D 413 15.05 12.45 -30.64
C VAL D 413 16.18 12.17 -29.64
N GLN D 414 16.91 13.22 -29.26
CA GLN D 414 18.01 13.05 -28.31
C GLN D 414 17.46 12.65 -26.94
N ALA D 415 16.27 13.13 -26.62
CA ALA D 415 15.60 12.80 -25.37
C ALA D 415 15.32 11.30 -25.33
N VAL D 416 14.85 10.77 -26.44
CA VAL D 416 14.56 9.35 -26.55
C VAL D 416 15.85 8.52 -26.50
N ALA D 417 16.89 8.99 -27.18
CA ALA D 417 18.18 8.30 -27.18
C ALA D 417 18.77 8.23 -25.76
N LYS D 418 18.56 9.29 -24.98
CA LYS D 418 19.04 9.33 -23.61
C LYS D 418 18.24 8.37 -22.73
N ALA D 419 16.94 8.29 -23.00
CA ALA D 419 16.03 7.41 -22.26
C ALA D 419 16.43 5.94 -22.43
N SER D 420 16.84 5.58 -23.65
CA SER D 420 17.31 4.23 -23.94
C SER D 420 18.52 3.87 -23.09
N ILE D 421 19.44 4.81 -22.93
CA ILE D 421 20.62 4.59 -22.12
C ILE D 421 20.23 4.47 -20.65
N ASP D 422 19.53 5.47 -20.16
CA ASP D 422 19.10 5.54 -18.78
C ASP D 422 18.31 4.32 -18.35
N GLN D 423 17.36 3.92 -19.16
CA GLN D 423 16.50 2.78 -18.82
C GLN D 423 17.28 1.45 -18.83
N SER D 424 18.26 1.34 -19.71
CA SER D 424 19.15 0.17 -19.73
C SER D 424 19.86 0.02 -18.38
N ARG D 425 20.20 1.15 -17.78
CA ARG D 425 20.85 1.18 -16.47
C ARG D 425 19.81 0.93 -15.39
N GLU D 426 18.64 1.54 -15.58
CA GLU D 426 17.54 1.38 -14.64
C GLU D 426 17.16 -0.10 -14.52
N MET D 427 17.18 -0.81 -15.64
CA MET D 427 16.89 -2.24 -15.64
C MET D 427 18.14 -3.09 -15.32
N LYS D 428 19.22 -2.43 -14.91
CA LYS D 428 20.44 -3.10 -14.48
C LYS D 428 21.02 -4.09 -15.50
N TYR D 429 21.06 -3.68 -16.76
CA TYR D 429 21.73 -4.45 -17.81
C TYR D 429 23.17 -4.77 -17.46
N GLN D 430 23.66 -5.91 -17.95
CA GLN D 430 25.08 -6.20 -17.87
C GLN D 430 25.81 -5.49 -19.00
N SER D 431 27.14 -5.56 -18.96
CA SER D 431 27.99 -4.85 -19.92
C SER D 431 27.88 -5.39 -21.33
N LEU D 432 28.46 -4.65 -22.27
CA LEU D 432 28.50 -5.04 -23.68
C LEU D 432 29.17 -6.41 -23.88
N ASN D 433 30.37 -6.55 -23.32
CA ASN D 433 31.14 -7.79 -23.49
C ASN D 433 30.45 -9.01 -22.87
N GLU D 434 29.64 -8.79 -21.85
CA GLU D 434 28.90 -9.90 -21.25
C GLU D 434 27.87 -10.43 -22.24
N TYR D 435 27.16 -9.51 -22.90
CA TYR D 435 26.17 -9.87 -23.91
C TYR D 435 26.83 -10.43 -25.17
N ARG D 436 28.02 -9.94 -25.48
CA ARG D 436 28.78 -10.48 -26.60
C ARG D 436 29.15 -11.94 -26.34
N LYS D 437 29.64 -12.22 -25.14
CA LYS D 437 29.97 -13.60 -24.77
C LYS D 437 28.71 -14.46 -24.75
N ARG D 438 27.62 -13.90 -24.26
CA ARG D 438 26.33 -14.60 -24.18
C ARG D 438 25.89 -15.10 -25.56
N PHE D 439 26.23 -14.35 -26.60
CA PHE D 439 25.86 -14.75 -27.97
C PHE D 439 27.07 -15.23 -28.78
N SER D 440 27.99 -15.91 -28.11
CA SER D 440 29.13 -16.56 -28.75
C SER D 440 30.01 -15.62 -29.57
N LEU D 441 30.17 -14.40 -29.08
CA LEU D 441 31.06 -13.45 -29.74
C LEU D 441 32.27 -13.17 -28.87
N LYS D 442 33.40 -12.87 -29.51
CA LYS D 442 34.61 -12.52 -28.81
C LYS D 442 34.49 -11.11 -28.22
N PRO D 443 34.88 -10.95 -26.94
CA PRO D 443 34.84 -9.64 -26.27
C PRO D 443 35.83 -8.64 -26.87
N TYR D 444 35.37 -7.42 -27.12
CA TYR D 444 36.24 -6.33 -27.55
C TYR D 444 37.31 -6.07 -26.50
N THR D 445 38.56 -5.96 -26.94
CA THR D 445 39.68 -5.77 -26.02
C THR D 445 40.03 -4.30 -25.82
N SER D 446 39.37 -3.44 -26.58
CA SER D 446 39.55 -2.00 -26.44
C SER D 446 38.45 -1.23 -27.16
N PHE D 447 38.39 0.06 -26.91
CA PHE D 447 37.37 0.91 -27.51
C PHE D 447 37.62 1.15 -29.00
N GLU D 448 38.86 0.94 -29.42
CA GLU D 448 39.23 1.10 -30.82
C GLU D 448 38.75 -0.08 -31.64
N GLU D 449 38.90 -1.28 -31.09
CA GLU D 449 38.44 -2.49 -31.75
C GLU D 449 36.92 -2.46 -31.87
N LEU D 450 36.27 -1.72 -30.97
CA LEU D 450 34.82 -1.52 -31.01
C LEU D 450 34.38 -0.60 -32.15
N THR D 451 35.00 0.59 -32.21
CA THR D 451 34.57 1.62 -33.14
C THR D 451 35.21 1.47 -34.50
N GLY D 452 36.35 0.80 -34.54
CA GLY D 452 37.11 0.65 -35.78
C GLY D 452 37.86 1.91 -36.14
N GLU D 453 37.79 2.91 -35.25
CA GLU D 453 38.48 4.17 -35.48
C GLU D 453 39.19 4.66 -34.21
N LYS D 454 39.52 5.94 -34.17
CA LYS D 454 40.38 6.48 -33.11
C LYS D 454 39.71 7.51 -32.22
N GLU D 455 39.03 8.47 -32.85
CA GLU D 455 38.51 9.65 -32.15
C GLU D 455 37.42 9.31 -31.14
N MET D 456 36.37 8.64 -31.59
CA MET D 456 35.28 8.25 -30.70
C MET D 456 35.77 7.25 -29.66
N ALA D 457 36.73 6.43 -30.06
CA ALA D 457 37.31 5.44 -29.17
C ALA D 457 38.02 6.10 -27.99
N ALA D 458 38.76 7.17 -28.28
CA ALA D 458 39.46 7.92 -27.24
C ALA D 458 38.46 8.59 -26.31
N GLU D 459 37.39 9.13 -26.89
CA GLU D 459 36.34 9.79 -26.13
C GLU D 459 35.63 8.82 -25.18
N LEU D 460 35.39 7.61 -25.65
CA LEU D 460 34.70 6.60 -24.85
C LEU D 460 35.61 6.08 -23.73
N LYS D 461 36.89 5.93 -24.02
CA LYS D 461 37.85 5.48 -23.03
C LYS D 461 37.94 6.50 -21.91
N ALA D 462 37.76 7.76 -22.27
CA ALA D 462 37.84 8.85 -21.31
C ALA D 462 36.59 8.90 -20.44
N LEU D 463 35.52 8.27 -20.94
CA LEU D 463 34.27 8.24 -20.21
C LEU D 463 34.10 6.95 -19.41
N TYR D 464 34.40 5.81 -20.03
CA TYR D 464 34.15 4.52 -19.38
C TYR D 464 35.37 3.92 -18.70
N SER D 465 36.56 4.34 -19.14
CA SER D 465 37.84 3.86 -18.62
C SER D 465 38.13 2.41 -18.99
N ASP D 466 37.24 1.49 -18.62
CA ASP D 466 37.43 0.08 -18.96
C ASP D 466 36.44 -0.38 -20.01
N ILE D 467 36.94 -1.11 -21.00
CA ILE D 467 36.12 -1.62 -22.10
C ILE D 467 35.02 -2.56 -21.60
N ASP D 468 35.32 -3.32 -20.56
CA ASP D 468 34.37 -4.28 -19.99
C ASP D 468 33.27 -3.59 -19.20
N VAL D 469 33.23 -2.26 -19.25
CA VAL D 469 32.23 -1.49 -18.55
C VAL D 469 31.33 -0.77 -19.57
N MET D 470 31.77 -0.77 -20.83
CA MET D 470 31.00 -0.19 -21.92
C MET D 470 29.60 -0.80 -21.99
N GLU D 471 28.58 0.05 -22.16
CA GLU D 471 27.19 -0.42 -22.16
C GLU D 471 26.77 -0.94 -23.53
N LEU D 472 25.74 -1.77 -23.54
CA LEU D 472 25.29 -2.45 -24.75
C LEU D 472 24.73 -1.49 -25.80
N TYR D 473 23.77 -0.66 -25.39
CA TYR D 473 23.05 0.19 -26.34
C TYR D 473 23.91 1.27 -27.03
N PRO D 474 24.72 2.03 -26.26
CA PRO D 474 25.55 3.00 -26.99
C PRO D 474 26.57 2.31 -27.89
N ALA D 475 27.03 1.13 -27.50
CA ALA D 475 28.01 0.41 -28.28
C ALA D 475 27.44 -0.01 -29.63
N LEU D 476 26.16 -0.36 -29.64
CA LEU D 476 25.47 -0.77 -30.86
C LEU D 476 25.42 0.35 -31.89
N LEU D 477 25.22 1.58 -31.41
CA LEU D 477 25.10 2.73 -32.30
C LEU D 477 26.44 3.30 -32.70
N VAL D 478 27.50 2.81 -32.06
CA VAL D 478 28.83 3.39 -32.25
C VAL D 478 29.81 2.34 -32.79
N GLU D 479 29.36 1.09 -32.84
CA GLU D 479 30.20 -0.02 -33.30
C GLU D 479 30.67 0.19 -34.74
N LYS D 480 31.84 -0.34 -35.07
CA LYS D 480 32.31 -0.35 -36.44
C LYS D 480 31.38 -1.19 -37.29
N PRO D 481 30.79 -0.58 -38.33
CA PRO D 481 29.88 -1.33 -39.19
C PRO D 481 30.66 -2.31 -40.05
N ARG D 482 30.01 -3.38 -40.50
CA ARG D 482 30.58 -4.22 -41.53
C ARG D 482 30.78 -3.37 -42.79
N PRO D 483 31.73 -3.75 -43.65
CA PRO D 483 32.01 -3.02 -44.89
C PRO D 483 30.74 -2.65 -45.67
N ASP D 484 30.45 -1.35 -45.74
CA ASP D 484 29.26 -0.83 -46.40
C ASP D 484 27.97 -1.43 -45.84
N ALA D 485 27.92 -1.64 -44.54
CA ALA D 485 26.70 -2.16 -43.90
C ALA D 485 26.09 -1.13 -42.94
N ILE D 486 24.84 -1.35 -42.58
CA ILE D 486 24.13 -0.44 -41.68
C ILE D 486 24.40 -0.77 -40.21
N PHE D 487 24.73 -2.03 -39.96
CA PHE D 487 24.92 -2.54 -38.60
C PHE D 487 26.32 -3.08 -38.38
N GLY D 488 26.75 -3.08 -37.13
CA GLY D 488 27.97 -3.76 -36.75
C GLY D 488 27.70 -5.22 -36.45
N GLU D 489 28.74 -5.94 -36.02
CA GLU D 489 28.63 -7.36 -35.71
C GLU D 489 27.62 -7.65 -34.60
N THR D 490 27.68 -6.86 -33.53
CA THR D 490 26.87 -7.12 -32.36
C THR D 490 25.37 -7.01 -32.64
N MET D 491 24.98 -5.98 -33.37
CA MET D 491 23.57 -5.77 -33.70
C MET D 491 22.97 -7.00 -34.37
N VAL D 492 23.66 -7.49 -35.39
CA VAL D 492 23.19 -8.63 -36.15
C VAL D 492 23.16 -9.93 -35.34
N GLU D 493 24.28 -10.23 -34.68
CA GLU D 493 24.40 -11.49 -33.96
C GLU D 493 23.46 -11.57 -32.76
N LEU D 494 22.98 -10.43 -32.29
CA LEU D 494 21.97 -10.42 -31.22
C LEU D 494 20.58 -10.40 -31.83
N GLY D 495 20.40 -9.57 -32.86
CA GLY D 495 19.09 -9.33 -33.44
C GLY D 495 18.51 -10.52 -34.18
N ALA D 496 19.33 -11.18 -34.98
CA ALA D 496 18.88 -12.31 -35.78
C ALA D 496 18.27 -13.44 -34.96
N PRO D 497 18.94 -13.89 -33.88
CA PRO D 497 18.31 -14.99 -33.12
C PRO D 497 16.96 -14.60 -32.51
N PHE D 498 16.86 -13.41 -31.94
CA PHE D 498 15.62 -12.92 -31.34
C PHE D 498 14.52 -12.84 -32.39
N SER D 499 14.89 -12.35 -33.57
CA SER D 499 13.93 -12.11 -34.63
C SER D 499 13.36 -13.42 -35.17
N LEU D 500 14.25 -14.34 -35.54
CA LEU D 500 13.83 -15.57 -36.17
C LEU D 500 13.03 -16.44 -35.19
N LYS D 501 13.41 -16.40 -33.93
CA LYS D 501 12.62 -17.04 -32.86
C LYS D 501 11.22 -16.43 -32.81
N GLY D 502 11.13 -15.13 -33.01
CA GLY D 502 9.86 -14.45 -33.02
C GLY D 502 8.98 -14.87 -34.19
N LEU D 503 9.59 -15.00 -35.36
CA LEU D 503 8.84 -15.25 -36.59
C LEU D 503 8.48 -16.72 -36.76
N MET D 504 9.41 -17.61 -36.43
CA MET D 504 9.16 -19.04 -36.62
C MET D 504 8.43 -19.63 -35.42
N GLY D 505 8.60 -19.02 -34.25
CA GLY D 505 7.95 -19.48 -33.04
C GLY D 505 6.44 -19.33 -33.03
N ASN D 506 5.91 -18.55 -33.97
CA ASN D 506 4.47 -18.37 -34.14
C ASN D 506 3.74 -19.70 -34.34
N PRO D 507 2.57 -19.87 -33.72
CA PRO D 507 1.82 -21.12 -33.82
C PRO D 507 1.36 -21.48 -35.25
N ILE D 508 1.13 -20.49 -36.11
CA ILE D 508 0.71 -20.79 -37.48
C ILE D 508 1.82 -21.53 -38.23
N CYS D 509 3.04 -21.50 -37.69
CA CYS D 509 4.18 -22.16 -38.28
C CYS D 509 4.28 -23.62 -37.85
N SER D 510 3.46 -23.99 -36.86
CA SER D 510 3.49 -25.35 -36.34
C SER D 510 2.79 -26.30 -37.31
N PRO D 511 3.24 -27.57 -37.36
CA PRO D 511 2.68 -28.56 -38.29
C PRO D 511 1.16 -28.69 -38.23
N GLN D 512 0.56 -28.50 -37.07
CA GLN D 512 -0.89 -28.64 -36.97
C GLN D 512 -1.63 -27.41 -37.50
N TYR D 513 -0.92 -26.29 -37.62
CA TYR D 513 -1.52 -25.08 -38.20
C TYR D 513 -1.16 -24.87 -39.67
N TRP D 514 0.07 -25.22 -40.05
CA TRP D 514 0.56 -24.88 -41.38
C TRP D 514 -0.02 -25.80 -42.45
N LYS D 515 -1.26 -25.51 -42.82
CA LYS D 515 -1.97 -26.27 -43.85
C LYS D 515 -3.09 -25.39 -44.41
N PRO D 516 -3.48 -25.62 -45.68
CA PRO D 516 -4.42 -24.75 -46.40
C PRO D 516 -5.76 -24.51 -45.69
N SER D 517 -6.31 -25.53 -45.03
CA SER D 517 -7.62 -25.41 -44.42
C SER D 517 -7.63 -24.40 -43.26
N THR D 518 -6.46 -24.20 -42.66
CA THR D 518 -6.29 -23.17 -41.63
C THR D 518 -6.58 -21.78 -42.21
N PHE D 519 -6.25 -21.61 -43.49
CA PHE D 519 -6.31 -20.30 -44.12
C PHE D 519 -7.39 -20.21 -45.18
N GLY D 520 -8.47 -20.97 -45.00
CA GLY D 520 -9.60 -20.92 -45.91
C GLY D 520 -9.44 -21.78 -47.16
N GLY D 521 -8.34 -22.53 -47.21
CA GLY D 521 -8.06 -23.36 -48.37
C GLY D 521 -6.85 -22.88 -49.17
N GLU D 522 -6.65 -23.49 -50.33
CA GLU D 522 -5.48 -23.28 -51.17
C GLU D 522 -5.28 -21.83 -51.59
N VAL D 523 -6.39 -21.15 -51.82
CA VAL D 523 -6.38 -19.75 -52.25
C VAL D 523 -5.82 -18.83 -51.17
N GLY D 524 -6.27 -19.04 -49.93
CA GLY D 524 -5.78 -18.27 -48.80
C GLY D 524 -4.34 -18.62 -48.50
N PHE D 525 -4.00 -19.88 -48.69
CA PHE D 525 -2.63 -20.36 -48.50
C PHE D 525 -1.69 -19.69 -49.50
N LYS D 526 -2.19 -19.44 -50.70
CA LYS D 526 -1.41 -18.83 -51.77
C LYS D 526 -1.07 -17.39 -51.44
N ILE D 527 -2.04 -16.68 -50.86
CA ILE D 527 -1.87 -15.28 -50.48
C ILE D 527 -0.68 -15.11 -49.54
N ILE D 528 -0.54 -16.04 -48.58
CA ILE D 528 0.58 -16.04 -47.66
C ILE D 528 1.90 -16.35 -48.37
N ASN D 529 1.91 -17.40 -49.18
CA ASN D 529 3.16 -17.87 -49.76
C ASN D 529 3.64 -17.04 -50.95
N THR D 530 2.80 -16.12 -51.43
CA THR D 530 3.20 -15.19 -52.49
C THR D 530 3.19 -13.73 -52.04
N ALA D 531 3.11 -13.50 -50.74
CA ALA D 531 3.11 -12.15 -50.21
C ALA D 531 4.48 -11.50 -50.36
N SER D 532 4.49 -10.21 -50.69
CA SER D 532 5.71 -9.41 -50.72
C SER D 532 5.37 -7.99 -50.32
N ILE D 533 6.38 -7.18 -50.05
CA ILE D 533 6.13 -5.77 -49.74
C ILE D 533 5.63 -5.06 -51.00
N GLN D 534 6.08 -5.50 -52.18
CA GLN D 534 5.59 -4.94 -53.42
C GLN D 534 4.14 -5.32 -53.66
N SER D 535 3.79 -6.59 -53.45
CA SER D 535 2.42 -7.03 -53.67
C SER D 535 1.47 -6.40 -52.65
N LEU D 536 1.97 -6.18 -51.44
CA LEU D 536 1.18 -5.53 -50.40
C LEU D 536 0.77 -4.12 -50.83
N ILE D 537 1.70 -3.36 -51.40
CA ILE D 537 1.41 -2.01 -51.87
C ILE D 537 0.59 -2.05 -53.16
N CYS D 538 0.99 -2.92 -54.08
CA CYS D 538 0.36 -3.01 -55.39
C CYS D 538 -1.14 -3.29 -55.31
N ASN D 539 -1.55 -4.25 -54.47
CA ASN D 539 -2.95 -4.60 -54.34
C ASN D 539 -3.78 -3.54 -53.63
N ASN D 540 -3.15 -2.77 -52.75
CA ASN D 540 -3.88 -1.92 -51.83
C ASN D 540 -3.67 -0.41 -52.04
N VAL D 541 -2.73 -0.05 -52.89
CA VAL D 541 -2.45 1.37 -53.13
C VAL D 541 -2.71 1.72 -54.60
N LYS D 542 -3.48 2.79 -54.81
CA LYS D 542 -3.89 3.22 -56.13
C LYS D 542 -2.71 3.43 -57.09
N GLY D 543 -2.84 2.89 -58.29
CA GLY D 543 -1.81 3.01 -59.31
C GLY D 543 -0.72 1.94 -59.25
N CYS D 544 -0.79 1.10 -58.21
CA CYS D 544 0.26 0.10 -57.96
C CYS D 544 1.65 0.72 -58.03
N PRO D 545 1.95 1.66 -57.14
CA PRO D 545 3.27 2.28 -57.20
C PRO D 545 4.38 1.30 -56.86
N PHE D 546 5.52 1.44 -57.50
CA PHE D 546 6.70 0.64 -57.16
C PHE D 546 7.14 0.91 -55.72
N THR D 547 7.58 -0.12 -55.03
CA THR D 547 8.11 0.04 -53.68
C THR D 547 9.24 -0.93 -53.41
N SER D 548 9.99 -0.65 -52.36
CA SER D 548 11.19 -1.39 -52.01
C SER D 548 11.64 -0.95 -50.62
N PHE D 549 12.44 -1.76 -49.94
CA PHE D 549 13.03 -1.32 -48.69
C PHE D 549 14.38 -0.70 -49.02
N ASN D 550 14.61 -0.53 -50.32
CA ASN D 550 15.88 -0.10 -50.86
C ASN D 550 15.71 1.12 -51.76
N VAL D 551 16.65 2.06 -51.66
CA VAL D 551 16.63 3.27 -52.47
C VAL D 551 17.08 2.99 -53.91
N GLN D 552 16.33 3.56 -54.86
CA GLN D 552 16.64 3.57 -56.30
C GLN D 552 17.36 2.34 -56.85
#